data_5Z5J
#
_entry.id   5Z5J
#
_cell.length_a   75.379
_cell.length_b   94.969
_cell.length_c   100.500
_cell.angle_alpha   90.71
_cell.angle_beta   92.11
_cell.angle_gamma   91.91
#
_symmetry.space_group_name_H-M   'P 1'
#
loop_
_entity.id
_entity.type
_entity.pdbx_description
1 polymer 'Lactonase for protein'
2 non-polymer DI(HYDROXYETHYL)ETHER
3 water water
#
_entity_poly.entity_id   1
_entity_poly.type   'polypeptide(L)'
_entity_poly.pdbx_seq_one_letter_code
;ATRTRGYVTTKDGIKWYYEQEGSGPDVVLIPDGLGECQMFDKPMSLIASNGFRVTTFDMPGMSRSSDAPPETYQDITGRK
LAGYIITLLDTLDIKIASVWGCASGASTVLALCSDYPERVRNGMPHEVPTENPDILLHIHEVDPATISQEMAANSRAASG
NVEAWDALGPEVHARLHDNYPRWAYGYPRTIPPSAPVKTEDLHKVPIDWTVGASTPTKLFFENIVIAAREGINIGTLPGN
HFPYVSHPEEFAKYVVETSRKYLK
;
_entity_poly.pdbx_strand_id   A,B,C,D,E,F,G,H
#
loop_
_chem_comp.id
_chem_comp.type
_chem_comp.name
_chem_comp.formula
PEG non-polymer DI(HYDROXYETHYL)ETHER 'C4 H10 O3'
#
# COMPACT_ATOMS: atom_id res chain seq x y z
N THR A 2 -6.74 7.05 22.17
CA THR A 2 -5.60 6.45 22.86
C THR A 2 -4.36 6.37 22.00
N ARG A 3 -4.30 5.31 21.21
CA ARG A 3 -3.17 5.06 20.34
C ARG A 3 -3.17 5.98 19.13
N THR A 4 -2.06 6.66 18.91
CA THR A 4 -1.93 7.51 17.75
C THR A 4 -1.03 6.77 16.79
N ARG A 5 -1.31 6.95 15.50
CA ARG A 5 -0.53 6.32 14.47
C ARG A 5 -0.36 7.31 13.34
N GLY A 6 0.86 7.40 12.81
CA GLY A 6 1.13 8.32 11.73
C GLY A 6 2.54 8.31 11.19
N TYR A 7 2.90 9.39 10.52
CA TYR A 7 4.22 9.52 9.94
C TYR A 7 4.86 10.83 10.34
N VAL A 8 6.18 10.84 10.30
CA VAL A 8 6.94 12.02 10.60
C VAL A 8 8.23 11.88 9.81
N THR A 9 8.59 12.93 9.11
CA THR A 9 9.80 12.92 8.31
C THR A 9 10.89 13.67 9.03
N THR A 10 11.97 12.97 9.34
CA THR A 10 13.07 13.55 10.06
C THR A 10 14.05 14.20 9.10
N LYS A 11 15.01 14.92 9.65
CA LYS A 11 16.00 15.65 8.87
C LYS A 11 17.00 14.78 8.13
N ASP A 12 16.97 13.48 8.37
CA ASP A 12 17.85 12.57 7.68
C ASP A 12 17.14 11.96 6.48
N GLY A 13 15.94 12.45 6.19
CA GLY A 13 15.17 11.96 5.07
C GLY A 13 14.24 10.80 5.33
N ILE A 14 14.31 10.21 6.50
CA ILE A 14 13.45 9.08 6.79
C ILE A 14 12.01 9.48 7.05
N LYS A 15 11.08 8.83 6.37
CA LYS A 15 9.69 9.08 6.63
C LYS A 15 9.22 7.91 7.50
N TRP A 16 9.29 8.13 8.80
CA TRP A 16 8.94 7.13 9.78
C TRP A 16 7.47 6.91 9.99
N TYR A 17 7.11 5.65 10.14
CA TYR A 17 5.77 5.30 10.54
C TYR A 17 5.97 5.02 12.03
N TYR A 18 5.25 5.73 12.88
CA TYR A 18 5.39 5.55 14.32
C TYR A 18 4.06 5.51 15.04
N GLU A 19 4.08 4.98 16.26
CA GLU A 19 2.89 4.88 17.06
C GLU A 19 3.22 5.27 18.49
N GLN A 20 2.27 5.91 19.15
CA GLN A 20 2.43 6.34 20.52
C GLN A 20 1.15 6.11 21.29
N GLU A 21 1.28 5.91 22.59
CA GLU A 21 0.15 5.70 23.48
C GLU A 21 0.54 5.98 24.92
N GLY A 22 -0.43 6.44 25.69
CA GLY A 22 -0.24 6.71 27.09
C GLY A 22 0.33 8.05 27.47
N SER A 23 0.51 8.23 28.76
CA SER A 23 1.02 9.44 29.33
C SER A 23 1.93 9.11 30.50
N GLY A 24 2.98 9.88 30.66
CA GLY A 24 3.94 9.66 31.71
C GLY A 24 5.31 9.49 31.11
N PRO A 25 6.25 8.95 31.88
CA PRO A 25 7.62 8.74 31.39
C PRO A 25 7.67 7.95 30.09
N ASP A 26 8.64 8.26 29.25
CA ASP A 26 8.78 7.61 27.95
C ASP A 26 9.42 6.22 27.96
N VAL A 27 8.82 5.35 27.17
CA VAL A 27 9.29 4.00 26.95
C VAL A 27 9.31 3.82 25.44
N VAL A 28 10.47 3.46 24.91
CA VAL A 28 10.61 3.25 23.49
C VAL A 28 10.87 1.78 23.16
N LEU A 29 10.02 1.24 22.31
CA LEU A 29 10.11 -0.15 21.89
C LEU A 29 10.72 -0.27 20.52
N ILE A 30 12.00 -0.59 20.48
CA ILE A 30 12.67 -0.73 19.22
C ILE A 30 12.47 -2.14 18.72
N PRO A 31 11.96 -2.27 17.50
CA PRO A 31 11.73 -3.58 16.91
C PRO A 31 13.03 -4.28 16.64
N ASP A 32 12.93 -5.54 16.29
CA ASP A 32 14.06 -6.36 15.93
C ASP A 32 14.43 -6.05 14.49
N GLY A 33 15.33 -6.85 13.94
CA GLY A 33 15.82 -6.69 12.58
C GLY A 33 14.74 -6.58 11.51
N LEU A 34 13.60 -7.22 11.73
CA LEU A 34 12.51 -7.17 10.77
C LEU A 34 11.86 -5.78 10.71
N GLY A 35 12.08 -5.00 11.74
CA GLY A 35 11.58 -3.63 11.82
C GLY A 35 10.10 -3.40 11.71
N GLU A 36 9.31 -4.35 12.20
CA GLU A 36 7.87 -4.29 12.14
C GLU A 36 7.31 -4.02 13.52
N CYS A 37 6.80 -2.81 13.72
CA CYS A 37 6.29 -2.36 15.01
C CYS A 37 4.90 -2.82 15.39
N GLN A 38 4.17 -3.44 14.46
CA GLN A 38 2.84 -3.96 14.75
C GLN A 38 2.95 -5.17 15.68
N MET A 39 4.16 -5.67 15.85
CA MET A 39 4.41 -6.78 16.75
C MET A 39 4.30 -6.32 18.20
N PHE A 40 4.33 -5.01 18.41
CA PHE A 40 4.26 -4.44 19.75
C PHE A 40 2.86 -3.97 20.12
N ASP A 41 1.91 -4.12 19.20
CA ASP A 41 0.54 -3.65 19.40
C ASP A 41 -0.06 -4.02 20.76
N LYS A 42 -0.18 -5.31 21.03
CA LYS A 42 -0.75 -5.80 22.26
C LYS A 42 -0.04 -5.31 23.51
N PRO A 43 1.27 -5.59 23.63
CA PRO A 43 1.99 -5.15 24.82
C PRO A 43 2.02 -3.65 24.99
N MET A 44 1.99 -2.92 23.88
CA MET A 44 1.99 -1.46 23.93
C MET A 44 0.83 -0.92 24.76
N SER A 45 -0.36 -1.46 24.54
CA SER A 45 -1.51 -1.02 25.30
C SER A 45 -1.27 -1.30 26.76
N LEU A 46 -0.85 -2.52 27.05
CA LEU A 46 -0.59 -2.92 28.42
C LEU A 46 0.36 -1.99 29.13
N ILE A 47 1.47 -1.65 28.47
CA ILE A 47 2.48 -0.78 29.05
C ILE A 47 2.00 0.66 29.21
N ALA A 48 1.30 1.16 28.20
CA ALA A 48 0.76 2.51 28.22
C ALA A 48 -0.23 2.70 29.36
N SER A 49 -0.96 1.65 29.70
CA SER A 49 -1.95 1.72 30.77
C SER A 49 -1.35 1.64 32.16
N ASN A 50 -0.04 1.47 32.23
CA ASN A 50 0.64 1.40 33.50
C ASN A 50 1.39 2.70 33.78
N GLY A 51 0.95 3.78 33.17
CA GLY A 51 1.54 5.08 33.40
C GLY A 51 2.76 5.47 32.58
N PHE A 52 2.86 4.97 31.36
CA PHE A 52 3.97 5.29 30.50
C PHE A 52 3.49 5.77 29.15
N ARG A 53 4.28 6.62 28.52
CA ARG A 53 3.99 7.05 27.18
C ARG A 53 4.89 6.14 26.38
N VAL A 54 4.30 5.30 25.56
CA VAL A 54 5.05 4.35 24.76
C VAL A 54 5.16 4.78 23.31
N THR A 55 6.35 4.65 22.77
CA THR A 55 6.62 4.99 21.40
C THR A 55 7.29 3.83 20.70
N THR A 56 6.76 3.50 19.54
CA THR A 56 7.30 2.48 18.68
C THR A 56 7.21 2.98 17.25
N PHE A 57 7.87 2.27 16.34
CA PHE A 57 7.94 2.65 14.95
C PHE A 57 8.50 1.56 14.06
N ASP A 58 8.25 1.67 12.77
CA ASP A 58 8.80 0.72 11.83
C ASP A 58 10.21 1.22 11.55
N MET A 59 11.15 0.31 11.43
CA MET A 59 12.54 0.69 11.18
C MET A 59 12.79 1.16 9.75
N PRO A 60 13.78 2.03 9.58
CA PRO A 60 14.13 2.64 8.30
C PRO A 60 14.20 1.66 7.12
N GLY A 61 13.36 1.91 6.12
CA GLY A 61 13.30 1.09 4.94
C GLY A 61 12.51 -0.20 5.09
N MET A 62 11.87 -0.38 6.23
CA MET A 62 11.10 -1.57 6.49
C MET A 62 9.66 -1.22 6.71
N SER A 63 8.79 -2.12 6.27
CA SER A 63 7.36 -1.97 6.44
C SER A 63 6.84 -0.60 6.07
N ARG A 64 6.13 0.03 7.00
CA ARG A 64 5.55 1.34 6.75
C ARG A 64 6.56 2.49 6.76
N SER A 65 7.79 2.19 7.14
CA SER A 65 8.85 3.17 7.15
C SER A 65 9.74 3.01 5.93
N SER A 66 9.16 2.46 4.87
CA SER A 66 9.87 2.17 3.63
C SER A 66 10.38 3.35 2.82
N ASP A 67 9.68 4.47 2.88
CA ASP A 67 10.11 5.65 2.15
C ASP A 67 11.25 6.29 2.90
N ALA A 68 12.44 5.74 2.67
CA ALA A 68 13.64 6.22 3.32
C ALA A 68 14.84 6.06 2.40
N PRO A 69 15.83 6.93 2.56
CA PRO A 69 17.02 6.84 1.70
C PRO A 69 17.71 5.50 1.87
N PRO A 70 18.23 4.94 0.78
CA PRO A 70 18.97 3.67 0.70
C PRO A 70 19.99 3.52 1.79
N GLU A 71 20.68 4.62 2.10
CA GLU A 71 21.69 4.64 3.13
C GLU A 71 21.19 4.18 4.49
N THR A 72 19.94 4.49 4.82
CA THR A 72 19.38 4.14 6.12
C THR A 72 19.13 2.65 6.37
N TYR A 73 19.19 1.83 5.34
CA TYR A 73 19.00 0.39 5.52
C TYR A 73 20.15 -0.43 4.99
N GLN A 74 21.30 0.20 4.81
CA GLN A 74 22.49 -0.47 4.29
C GLN A 74 23.65 -0.43 5.26
N ASP A 75 24.41 -1.52 5.33
CA ASP A 75 25.56 -1.66 6.21
C ASP A 75 25.20 -1.22 7.61
N ILE A 76 24.13 -1.80 8.12
CA ILE A 76 23.58 -1.45 9.40
C ILE A 76 24.35 -1.92 10.63
N THR A 77 24.55 -1.00 11.55
CA THR A 77 25.19 -1.27 12.81
C THR A 77 24.33 -0.69 13.91
N GLY A 78 24.58 -1.12 15.14
CA GLY A 78 23.84 -0.60 16.27
C GLY A 78 23.97 0.90 16.36
N ARG A 79 25.20 1.39 16.22
CA ARG A 79 25.45 2.82 16.30
C ARG A 79 24.76 3.61 15.19
N LYS A 80 24.72 3.05 13.99
CA LYS A 80 24.08 3.70 12.86
C LYS A 80 22.59 3.86 13.13
N LEU A 81 21.97 2.81 13.63
CA LEU A 81 20.55 2.84 13.95
C LEU A 81 20.28 3.80 15.09
N ALA A 82 21.19 3.84 16.06
CA ALA A 82 21.07 4.72 17.21
C ALA A 82 21.02 6.17 16.77
N GLY A 83 21.84 6.50 15.78
CA GLY A 83 21.89 7.84 15.25
C GLY A 83 20.53 8.23 14.69
N TYR A 84 19.90 7.32 13.97
CA TYR A 84 18.60 7.58 13.39
C TYR A 84 17.54 7.73 14.49
N ILE A 85 17.63 6.91 15.51
CA ILE A 85 16.68 6.94 16.61
C ILE A 85 16.77 8.24 17.40
N ILE A 86 17.98 8.71 17.64
CA ILE A 86 18.17 9.95 18.37
C ILE A 86 17.49 11.09 17.62
N THR A 87 17.64 11.08 16.30
CA THR A 87 17.01 12.10 15.47
C THR A 87 15.50 12.00 15.60
N LEU A 88 14.98 10.78 15.59
CA LEU A 88 13.56 10.56 15.72
C LEU A 88 13.08 11.09 17.06
N LEU A 89 13.76 10.69 18.13
CA LEU A 89 13.41 11.12 19.48
C LEU A 89 13.47 12.64 19.63
N ASP A 90 14.44 13.27 19.00
CA ASP A 90 14.58 14.72 19.03
C ASP A 90 13.33 15.35 18.46
N THR A 91 12.88 14.82 17.33
CA THR A 91 11.70 15.33 16.65
C THR A 91 10.39 15.11 17.38
N LEU A 92 10.34 14.06 18.18
CA LEU A 92 9.15 13.76 18.94
C LEU A 92 9.24 14.32 20.34
N ASP A 93 10.32 15.04 20.62
CA ASP A 93 10.57 15.64 21.91
C ASP A 93 10.54 14.63 23.05
N ILE A 94 11.29 13.55 22.90
CA ILE A 94 11.42 12.56 23.94
C ILE A 94 12.84 12.76 24.44
N LYS A 95 12.99 13.37 25.61
CA LYS A 95 14.30 13.67 26.15
C LYS A 95 15.02 12.48 26.78
N ILE A 96 14.30 11.68 27.54
CA ILE A 96 14.87 10.53 28.23
C ILE A 96 13.89 9.36 28.12
N ALA A 97 14.41 8.16 27.99
CA ALA A 97 13.53 7.01 27.86
C ALA A 97 14.09 5.68 28.28
N SER A 98 13.17 4.77 28.59
CA SER A 98 13.49 3.41 28.92
C SER A 98 13.42 2.77 27.55
N VAL A 99 14.47 2.09 27.13
CA VAL A 99 14.50 1.52 25.79
C VAL A 99 14.63 0.01 25.73
N TRP A 100 13.74 -0.61 24.98
CA TRP A 100 13.73 -2.04 24.79
C TRP A 100 14.20 -2.34 23.37
N GLY A 101 14.89 -3.44 23.18
CA GLY A 101 15.34 -3.82 21.87
C GLY A 101 15.83 -5.25 21.78
N CYS A 102 15.44 -5.91 20.71
CA CYS A 102 15.85 -7.27 20.45
C CYS A 102 16.68 -7.32 19.19
N ALA A 103 17.64 -8.23 19.16
CA ALA A 103 18.53 -8.44 18.03
C ALA A 103 19.20 -7.15 17.64
N SER A 104 18.97 -6.70 16.43
CA SER A 104 19.54 -5.43 15.97
C SER A 104 19.00 -4.31 16.85
N GLY A 105 17.78 -4.47 17.33
CA GLY A 105 17.18 -3.51 18.23
C GLY A 105 17.96 -3.46 19.53
N ALA A 106 18.40 -4.63 19.97
CA ALA A 106 19.18 -4.76 21.19
C ALA A 106 20.55 -4.12 20.99
N SER A 107 21.12 -4.26 19.79
CA SER A 107 22.41 -3.66 19.50
C SER A 107 22.27 -2.15 19.57
N THR A 108 21.14 -1.64 19.11
CA THR A 108 20.87 -0.22 19.13
C THR A 108 20.75 0.28 20.56
N VAL A 109 20.03 -0.47 21.40
CA VAL A 109 19.88 -0.12 22.80
C VAL A 109 21.27 0.09 23.42
N LEU A 110 22.14 -0.88 23.24
CA LEU A 110 23.50 -0.82 23.76
C LEU A 110 24.25 0.37 23.18
N ALA A 111 24.07 0.63 21.90
CA ALA A 111 24.71 1.76 21.27
C ALA A 111 24.26 3.05 21.93
N LEU A 112 22.97 3.14 22.23
CA LEU A 112 22.38 4.30 22.87
C LEU A 112 22.92 4.46 24.29
N CYS A 113 23.09 3.34 24.97
CA CYS A 113 23.61 3.33 26.33
C CYS A 113 25.05 3.77 26.37
N SER A 114 25.80 3.40 25.33
CA SER A 114 27.20 3.72 25.25
C SER A 114 27.50 5.11 24.73
N ASP A 115 26.81 5.53 23.69
CA ASP A 115 27.07 6.80 23.03
C ASP A 115 26.14 7.97 23.37
N TYR A 116 24.93 7.66 23.81
CA TYR A 116 23.96 8.68 24.17
C TYR A 116 23.34 8.37 25.52
N PRO A 117 24.19 8.11 26.53
CA PRO A 117 23.78 7.77 27.90
C PRO A 117 22.78 8.74 28.47
N GLU A 118 22.93 10.01 28.11
CA GLU A 118 22.06 11.06 28.60
C GLU A 118 20.61 10.96 28.15
N ARG A 119 20.33 10.13 27.16
CA ARG A 119 18.98 9.98 26.66
C ARG A 119 18.34 8.68 27.14
N VAL A 120 19.10 7.86 27.83
CA VAL A 120 18.59 6.59 28.30
C VAL A 120 18.43 6.47 29.80
N ARG A 121 17.21 6.18 30.23
CA ARG A 121 16.95 5.98 31.64
C ARG A 121 17.50 4.60 32.01
N ASN A 122 17.18 3.62 31.19
CA ASN A 122 17.61 2.24 31.39
C ASN A 122 17.44 1.49 30.09
N GLY A 123 18.35 0.55 29.84
CA GLY A 123 18.29 -0.23 28.62
C GLY A 123 17.85 -1.66 28.85
N MET A 124 17.02 -2.17 27.95
CA MET A 124 16.55 -3.53 28.05
C MET A 124 16.83 -4.26 26.76
N PRO A 125 18.08 -4.68 26.57
CA PRO A 125 18.44 -5.39 25.35
C PRO A 125 18.06 -6.86 25.46
N HIS A 126 17.66 -7.43 24.34
CA HIS A 126 17.26 -8.82 24.29
C HIS A 126 17.94 -9.48 23.10
N GLU A 127 18.66 -10.56 23.40
CA GLU A 127 19.37 -11.36 22.42
C GLU A 127 20.21 -10.51 21.46
N VAL A 128 21.29 -9.98 21.99
CA VAL A 128 22.21 -9.18 21.22
C VAL A 128 23.05 -10.09 20.35
N PRO A 129 22.98 -9.88 19.05
CA PRO A 129 23.77 -10.70 18.13
C PRO A 129 25.25 -10.39 18.28
N THR A 130 26.06 -11.39 18.57
CA THR A 130 27.49 -11.19 18.69
C THR A 130 28.22 -11.98 17.62
N GLU A 131 27.54 -12.96 17.06
CA GLU A 131 28.10 -13.74 15.99
C GLU A 131 27.01 -13.92 14.95
N ASN A 132 27.38 -14.04 13.68
CA ASN A 132 26.40 -14.29 12.65
C ASN A 132 26.16 -15.79 12.71
N PRO A 133 24.95 -16.21 13.04
CA PRO A 133 24.62 -17.63 13.14
C PRO A 133 24.73 -18.40 11.83
N ASP A 134 25.12 -19.66 11.98
CA ASP A 134 25.32 -20.62 10.90
C ASP A 134 24.23 -20.58 9.85
N ILE A 135 23.01 -20.59 10.32
CA ILE A 135 21.83 -20.56 9.46
C ILE A 135 21.70 -19.35 8.52
N LEU A 136 22.39 -18.25 8.81
CA LEU A 136 22.30 -17.07 7.96
C LEU A 136 23.59 -16.74 7.24
N LEU A 137 24.51 -17.68 7.16
CA LEU A 137 25.78 -17.43 6.52
C LEU A 137 25.69 -17.02 5.06
N HIS A 138 24.89 -17.72 4.28
CA HIS A 138 24.74 -17.40 2.86
C HIS A 138 23.35 -16.93 2.48
N ILE A 139 22.59 -16.41 3.44
CA ILE A 139 21.22 -15.97 3.18
C ILE A 139 21.05 -15.02 1.99
N HIS A 140 21.98 -14.09 1.82
CA HIS A 140 21.93 -13.15 0.71
C HIS A 140 22.30 -13.78 -0.63
N GLU A 141 22.75 -15.02 -0.62
CA GLU A 141 23.19 -15.68 -1.85
C GLU A 141 22.10 -16.32 -2.72
N VAL A 142 20.87 -16.30 -2.26
CA VAL A 142 19.79 -16.88 -3.02
C VAL A 142 18.83 -15.81 -3.50
N ASP A 143 17.89 -16.21 -4.34
CA ASP A 143 16.88 -15.31 -4.86
C ASP A 143 16.10 -14.73 -3.70
N PRO A 144 15.64 -13.47 -3.85
CA PRO A 144 14.84 -12.76 -2.85
C PRO A 144 13.63 -13.57 -2.44
N ALA A 145 13.00 -14.26 -3.37
CA ALA A 145 11.83 -15.06 -3.06
C ALA A 145 12.23 -16.18 -2.10
N THR A 146 13.40 -16.76 -2.33
CA THR A 146 13.90 -17.81 -1.46
C THR A 146 14.25 -17.23 -0.10
N ILE A 147 14.80 -16.03 -0.09
CA ILE A 147 15.15 -15.36 1.14
C ILE A 147 13.90 -15.17 1.97
N SER A 148 12.84 -14.70 1.34
CA SER A 148 11.58 -14.48 2.03
C SER A 148 11.05 -15.77 2.62
N GLN A 149 11.02 -16.82 1.81
CA GLN A 149 10.54 -18.12 2.26
C GLN A 149 11.37 -18.66 3.42
N GLU A 150 12.68 -18.65 3.26
CA GLU A 150 13.57 -19.16 4.29
C GLU A 150 13.52 -18.37 5.58
N MET A 151 13.51 -17.05 5.48
CA MET A 151 13.48 -16.20 6.65
C MET A 151 12.12 -16.24 7.34
N ALA A 152 11.07 -16.47 6.58
CA ALA A 152 9.75 -16.56 7.17
C ALA A 152 9.74 -17.82 8.02
N ALA A 153 10.30 -18.90 7.48
CA ALA A 153 10.38 -20.13 8.24
C ALA A 153 11.27 -19.96 9.46
N ASN A 154 12.45 -19.37 9.27
CA ASN A 154 13.38 -19.15 10.37
C ASN A 154 12.76 -18.32 11.50
N SER A 155 12.04 -17.28 11.13
CA SER A 155 11.43 -16.40 12.10
C SER A 155 10.29 -17.07 12.86
N ARG A 156 9.51 -17.86 12.14
CA ARG A 156 8.39 -18.59 12.71
C ARG A 156 8.91 -19.62 13.69
N ALA A 157 10.02 -20.26 13.34
CA ALA A 157 10.63 -21.26 14.21
C ALA A 157 11.18 -20.64 15.48
N ALA A 158 11.53 -19.37 15.41
CA ALA A 158 12.09 -18.66 16.55
C ALA A 158 11.06 -17.77 17.22
N SER A 159 9.82 -17.89 16.80
CA SER A 159 8.74 -17.07 17.33
C SER A 159 8.44 -17.29 18.80
N GLY A 160 8.60 -18.52 19.26
CA GLY A 160 8.34 -18.88 20.63
C GLY A 160 6.89 -19.31 20.83
N ASN A 161 6.09 -19.11 19.80
CA ASN A 161 4.68 -19.43 19.80
C ASN A 161 4.19 -19.22 18.39
N VAL A 162 4.17 -20.29 17.61
CA VAL A 162 3.77 -20.20 16.21
C VAL A 162 2.33 -19.76 16.00
N GLU A 163 1.45 -20.08 16.94
CA GLU A 163 0.06 -19.66 16.83
C GLU A 163 0.00 -18.15 16.94
N ALA A 164 0.72 -17.62 17.92
CA ALA A 164 0.76 -16.18 18.12
C ALA A 164 1.50 -15.52 16.96
N TRP A 165 2.52 -16.21 16.45
CA TRP A 165 3.28 -15.67 15.34
C TRP A 165 2.36 -15.49 14.14
N ASP A 166 1.66 -16.56 13.81
CA ASP A 166 0.73 -16.59 12.70
C ASP A 166 -0.34 -15.52 12.87
N ALA A 167 -0.76 -15.38 14.13
CA ALA A 167 -1.81 -14.46 14.55
C ALA A 167 -1.42 -13.00 14.49
N LEU A 168 -0.21 -12.73 14.03
CA LEU A 168 0.21 -11.37 13.81
C LEU A 168 -0.64 -10.81 12.66
N GLY A 169 -1.11 -11.71 11.79
CA GLY A 169 -1.97 -11.33 10.69
C GLY A 169 -1.38 -11.31 9.30
N PRO A 170 -2.24 -11.42 8.29
CA PRO A 170 -1.84 -11.41 6.89
C PRO A 170 -1.17 -10.10 6.47
N GLU A 171 -1.62 -8.98 7.00
CA GLU A 171 -1.02 -7.70 6.65
C GLU A 171 0.43 -7.65 7.12
N VAL A 172 0.66 -8.03 8.36
CA VAL A 172 2.00 -8.01 8.91
C VAL A 172 2.92 -8.93 8.12
N HIS A 173 2.46 -10.14 7.82
CA HIS A 173 3.28 -11.08 7.09
C HIS A 173 3.58 -10.66 5.66
N ALA A 174 2.69 -9.90 5.06
CA ALA A 174 2.91 -9.41 3.71
C ALA A 174 4.02 -8.39 3.78
N ARG A 175 3.99 -7.54 4.80
CA ARG A 175 5.01 -6.53 5.00
C ARG A 175 6.34 -7.21 5.30
N LEU A 176 6.31 -8.22 6.17
CA LEU A 176 7.51 -8.97 6.55
C LEU A 176 8.15 -9.60 5.32
N HIS A 177 7.30 -10.09 4.42
CA HIS A 177 7.74 -10.72 3.20
C HIS A 177 8.67 -9.82 2.41
N ASP A 178 8.30 -8.56 2.28
CA ASP A 178 9.12 -7.60 1.57
C ASP A 178 10.35 -7.16 2.37
N ASN A 179 10.25 -7.18 3.69
CA ASN A 179 11.36 -6.79 4.54
C ASN A 179 12.51 -7.77 4.55
N TYR A 180 12.20 -9.06 4.52
CA TYR A 180 13.20 -10.12 4.59
C TYR A 180 14.45 -9.93 3.72
N PRO A 181 14.29 -9.77 2.41
CA PRO A 181 15.46 -9.58 1.55
C PRO A 181 16.26 -8.35 1.94
N ARG A 182 15.57 -7.24 2.16
CA ARG A 182 16.23 -6.00 2.54
C ARG A 182 17.06 -6.19 3.80
N TRP A 183 16.46 -6.81 4.80
CA TRP A 183 17.14 -7.09 6.06
C TRP A 183 18.38 -7.92 5.83
N ALA A 184 18.25 -8.93 4.98
CA ALA A 184 19.36 -9.83 4.69
C ALA A 184 20.55 -9.12 4.07
N TYR A 185 20.29 -8.12 3.25
CA TYR A 185 21.34 -7.40 2.58
C TYR A 185 22.10 -6.40 3.45
N GLY A 186 21.42 -5.77 4.39
CA GLY A 186 22.08 -4.79 5.21
C GLY A 186 22.27 -5.04 6.69
N TYR A 187 21.77 -6.15 7.21
CA TYR A 187 21.86 -6.38 8.64
C TYR A 187 22.81 -7.46 9.17
N PRO A 188 22.48 -8.73 8.95
CA PRO A 188 23.20 -9.90 9.50
C PRO A 188 24.72 -9.92 9.39
N ARG A 189 25.28 -9.37 8.33
CA ARG A 189 26.72 -9.37 8.19
C ARG A 189 27.42 -8.25 8.96
N THR A 190 26.74 -7.14 9.14
CA THR A 190 27.32 -6.01 9.83
C THR A 190 26.86 -5.79 11.27
N ILE A 191 25.67 -6.28 11.61
CA ILE A 191 25.16 -6.10 12.96
C ILE A 191 26.01 -6.74 14.06
N PRO A 192 26.25 -8.06 13.97
CA PRO A 192 27.00 -8.80 14.99
C PRO A 192 28.39 -8.26 15.33
N PRO A 193 29.21 -7.97 14.32
CA PRO A 193 30.57 -7.46 14.56
C PRO A 193 30.61 -6.11 15.24
N SER A 194 29.54 -5.35 15.15
CA SER A 194 29.50 -4.02 15.73
C SER A 194 28.83 -3.98 17.09
N ALA A 195 28.48 -5.13 17.63
CA ALA A 195 27.82 -5.21 18.92
C ALA A 195 28.56 -4.40 19.96
N PRO A 196 27.91 -3.41 20.56
CA PRO A 196 28.53 -2.60 21.60
C PRO A 196 28.50 -3.34 22.93
N VAL A 197 29.32 -4.37 23.06
CA VAL A 197 29.33 -5.16 24.27
C VAL A 197 30.65 -5.14 24.99
N LYS A 198 31.45 -4.13 24.72
CA LYS A 198 32.70 -4.00 25.42
C LYS A 198 32.43 -3.40 26.78
N THR A 199 33.39 -3.53 27.67
CA THR A 199 33.27 -3.00 29.02
C THR A 199 32.92 -1.52 28.98
N GLU A 200 33.53 -0.81 28.04
CA GLU A 200 33.30 0.62 27.88
C GLU A 200 31.92 1.01 27.41
N ASP A 201 31.14 0.07 26.92
CA ASP A 201 29.80 0.36 26.44
C ASP A 201 28.73 0.04 27.48
N LEU A 202 29.10 -0.68 28.51
CA LEU A 202 28.11 -1.18 29.44
C LEU A 202 27.88 -0.62 30.84
N HIS A 203 28.59 0.41 31.25
CA HIS A 203 28.37 0.89 32.61
C HIS A 203 27.86 2.30 32.77
N LYS A 204 27.53 2.97 31.69
CA LYS A 204 27.07 4.34 31.78
C LYS A 204 25.62 4.49 32.28
N VAL A 205 24.76 3.54 31.97
CA VAL A 205 23.39 3.58 32.42
C VAL A 205 22.91 2.19 32.82
N PRO A 206 21.85 2.12 33.61
CA PRO A 206 21.36 0.82 34.06
C PRO A 206 20.90 -0.04 32.90
N ILE A 207 21.28 -1.31 32.91
CA ILE A 207 20.90 -2.23 31.87
C ILE A 207 20.32 -3.52 32.43
N ASP A 208 19.20 -3.94 31.87
CA ASP A 208 18.57 -5.17 32.25
C ASP A 208 18.50 -6.00 30.98
N TRP A 209 19.37 -7.00 30.93
CA TRP A 209 19.56 -7.87 29.80
C TRP A 209 18.78 -9.18 29.91
N THR A 210 18.25 -9.62 28.78
CA THR A 210 17.51 -10.86 28.72
C THR A 210 17.81 -11.66 27.47
N VAL A 211 17.49 -12.94 27.56
CA VAL A 211 17.58 -13.88 26.46
C VAL A 211 16.34 -14.76 26.54
N GLY A 212 15.94 -15.34 25.42
CA GLY A 212 14.77 -16.18 25.41
C GLY A 212 15.00 -17.44 26.22
N ALA A 213 14.01 -17.78 27.03
CA ALA A 213 14.06 -18.97 27.87
C ALA A 213 14.09 -20.26 27.07
N SER A 214 13.43 -20.26 25.91
CA SER A 214 13.37 -21.45 25.08
C SER A 214 14.37 -21.43 23.93
N THR A 215 15.08 -20.31 23.80
CA THR A 215 16.08 -20.18 22.77
C THR A 215 17.23 -21.16 23.05
N PRO A 216 17.70 -21.86 22.02
CA PRO A 216 18.84 -22.75 22.20
C PRO A 216 20.00 -21.98 22.80
N THR A 217 20.54 -22.52 23.89
CA THR A 217 21.62 -21.93 24.65
C THR A 217 22.76 -21.27 23.87
N LYS A 218 23.32 -21.99 22.91
CA LYS A 218 24.43 -21.47 22.14
C LYS A 218 24.17 -20.17 21.40
N LEU A 219 22.94 -19.98 20.93
CA LEU A 219 22.61 -18.79 20.16
C LEU A 219 23.00 -17.46 20.81
N PHE A 220 22.68 -17.28 22.07
CA PHE A 220 23.01 -16.05 22.75
C PHE A 220 23.75 -16.29 24.04
N PHE A 221 24.47 -17.41 24.05
CA PHE A 221 25.28 -17.85 25.16
C PHE A 221 26.22 -16.72 25.60
N GLU A 222 26.82 -16.06 24.63
CA GLU A 222 27.74 -14.96 24.90
C GLU A 222 27.07 -13.80 25.62
N ASN A 223 25.79 -13.60 25.37
CA ASN A 223 25.04 -12.53 26.03
C ASN A 223 25.09 -12.75 27.54
N ILE A 224 24.85 -13.98 27.96
CA ILE A 224 24.83 -14.32 29.37
C ILE A 224 26.18 -14.14 30.03
N VAL A 225 27.22 -14.65 29.39
CA VAL A 225 28.54 -14.54 29.94
C VAL A 225 28.97 -13.08 30.10
N ILE A 226 28.78 -12.29 29.05
CA ILE A 226 29.16 -10.89 29.09
C ILE A 226 28.46 -10.13 30.21
N ALA A 227 27.15 -10.28 30.29
CA ALA A 227 26.34 -9.64 31.31
C ALA A 227 26.84 -10.01 32.71
N ALA A 228 26.97 -11.30 32.95
CA ALA A 228 27.40 -11.84 34.22
C ALA A 228 28.78 -11.35 34.62
N ARG A 229 29.69 -11.34 33.67
CA ARG A 229 31.05 -10.88 33.90
C ARG A 229 31.10 -9.39 34.22
N GLU A 230 30.21 -8.63 33.60
CA GLU A 230 30.18 -7.20 33.81
C GLU A 230 29.29 -6.82 34.98
N GLY A 231 28.68 -7.81 35.62
CA GLY A 231 27.80 -7.57 36.74
C GLY A 231 26.48 -6.90 36.41
N ILE A 232 26.00 -7.15 35.20
CA ILE A 232 24.76 -6.60 34.72
C ILE A 232 23.63 -7.59 34.90
N ASN A 233 22.47 -7.12 35.32
CA ASN A 233 21.31 -7.96 35.53
C ASN A 233 21.03 -8.76 34.27
N ILE A 234 20.87 -10.05 34.45
CA ILE A 234 20.63 -10.92 33.33
C ILE A 234 19.65 -12.00 33.71
N GLY A 235 18.67 -12.20 32.84
CA GLY A 235 17.64 -13.18 33.06
C GLY A 235 17.01 -13.62 31.77
N THR A 236 15.99 -14.45 31.88
CA THR A 236 15.32 -14.92 30.72
C THR A 236 13.89 -14.43 30.69
N LEU A 237 13.34 -14.45 29.49
CA LEU A 237 11.97 -14.11 29.24
C LEU A 237 11.40 -15.33 28.55
N PRO A 238 10.14 -15.65 28.81
CA PRO A 238 9.54 -16.80 28.15
C PRO A 238 9.55 -16.60 26.65
N GLY A 239 9.58 -17.70 25.92
CA GLY A 239 9.60 -17.63 24.48
C GLY A 239 11.01 -17.68 23.94
N ASN A 240 11.17 -17.16 22.73
CA ASN A 240 12.44 -17.18 22.06
C ASN A 240 12.93 -15.78 21.70
N HIS A 241 12.83 -15.46 20.43
CA HIS A 241 13.30 -14.20 19.87
C HIS A 241 12.27 -13.06 19.90
N PHE A 242 11.00 -13.39 19.94
CA PHE A 242 9.96 -12.39 19.94
C PHE A 242 9.03 -12.49 21.14
N PRO A 243 9.55 -12.25 22.34
CA PRO A 243 8.78 -12.32 23.60
C PRO A 243 7.55 -11.42 23.57
N TYR A 244 7.64 -10.30 22.86
CA TYR A 244 6.53 -9.37 22.75
C TYR A 244 5.37 -9.91 21.90
N VAL A 245 5.64 -10.95 21.13
CA VAL A 245 4.61 -11.58 20.32
C VAL A 245 4.16 -12.86 21.00
N SER A 246 5.12 -13.65 21.45
CA SER A 246 4.82 -14.92 22.08
C SER A 246 4.16 -14.79 23.46
N HIS A 247 4.68 -13.89 24.29
CA HIS A 247 4.16 -13.72 25.64
C HIS A 247 3.96 -12.25 25.98
N PRO A 248 2.99 -11.61 25.32
CA PRO A 248 2.69 -10.19 25.47
C PRO A 248 2.52 -9.72 26.90
N GLU A 249 1.71 -10.41 27.70
CA GLU A 249 1.48 -10.01 29.08
C GLU A 249 2.76 -10.04 29.89
N GLU A 250 3.48 -11.14 29.81
CA GLU A 250 4.73 -11.30 30.53
C GLU A 250 5.76 -10.29 30.06
N PHE A 251 5.74 -10.00 28.77
CA PHE A 251 6.67 -9.04 28.20
C PHE A 251 6.37 -7.65 28.74
N ALA A 252 5.10 -7.28 28.72
CA ALA A 252 4.69 -5.97 29.19
C ALA A 252 5.01 -5.79 30.67
N LYS A 253 4.84 -6.85 31.43
CA LYS A 253 5.08 -6.81 32.86
C LYS A 253 6.56 -6.57 33.12
N TYR A 254 7.41 -7.21 32.34
CA TYR A 254 8.83 -7.03 32.51
C TYR A 254 9.23 -5.59 32.20
N VAL A 255 8.75 -5.06 31.08
CA VAL A 255 9.09 -3.69 30.71
C VAL A 255 8.63 -2.69 31.76
N VAL A 256 7.43 -2.87 32.27
CA VAL A 256 6.87 -1.98 33.27
C VAL A 256 7.65 -2.03 34.58
N GLU A 257 7.79 -3.20 35.16
CA GLU A 257 8.51 -3.32 36.42
C GLU A 257 9.96 -2.88 36.30
N THR A 258 10.64 -3.33 35.27
CA THR A 258 12.03 -2.98 35.06
C THR A 258 12.23 -1.49 34.95
N SER A 259 11.39 -0.82 34.17
CA SER A 259 11.48 0.62 33.97
C SER A 259 11.10 1.40 35.22
N ARG A 260 10.02 0.95 35.85
CA ARG A 260 9.47 1.58 37.04
C ARG A 260 10.49 1.73 38.13
N LYS A 261 11.33 0.73 38.31
CA LYS A 261 12.34 0.78 39.35
C LYS A 261 13.41 1.85 39.17
N TYR A 262 13.57 2.37 37.97
CA TYR A 262 14.57 3.40 37.75
C TYR A 262 13.98 4.80 37.79
N LEU A 263 12.66 4.89 37.90
CA LEU A 263 12.01 6.18 37.93
C LEU A 263 12.31 6.94 39.20
N LYS A 264 12.41 8.25 39.10
CA LYS A 264 12.70 9.09 40.25
C LYS A 264 12.14 10.50 40.08
N THR B 2 53.97 -18.93 -18.31
CA THR B 2 53.98 -17.94 -19.37
C THR B 2 52.65 -17.93 -20.09
N ARG B 3 52.53 -17.06 -21.08
CA ARG B 3 51.31 -16.94 -21.83
C ARG B 3 51.06 -18.10 -22.78
N THR B 4 49.91 -18.74 -22.63
CA THR B 4 49.52 -19.81 -23.52
C THR B 4 48.46 -19.21 -24.42
N ARG B 5 48.49 -19.59 -25.69
CA ARG B 5 47.53 -19.10 -26.67
C ARG B 5 47.06 -20.29 -27.46
N GLY B 6 45.75 -20.44 -27.58
CA GLY B 6 45.23 -21.57 -28.34
C GLY B 6 43.74 -21.59 -28.54
N TYR B 7 43.24 -22.77 -28.90
CA TYR B 7 41.84 -22.96 -29.18
C TYR B 7 41.27 -24.14 -28.42
N VAL B 8 39.97 -24.08 -28.19
CA VAL B 8 39.26 -25.15 -27.53
C VAL B 8 37.82 -25.10 -27.96
N THR B 9 37.29 -26.24 -28.36
CA THR B 9 35.91 -26.31 -28.79
C THR B 9 35.04 -26.87 -27.69
N THR B 10 34.09 -26.08 -27.25
CA THR B 10 33.23 -26.51 -26.19
C THR B 10 32.08 -27.30 -26.76
N LYS B 11 31.28 -27.87 -25.88
CA LYS B 11 30.16 -28.68 -26.30
C LYS B 11 29.01 -27.90 -26.92
N ASP B 12 29.10 -26.58 -26.95
CA ASP B 12 28.06 -25.80 -27.60
C ASP B 12 28.45 -25.47 -29.03
N GLY B 13 29.60 -25.99 -29.46
CA GLY B 13 30.08 -25.78 -30.80
C GLY B 13 30.99 -24.61 -31.03
N ILE B 14 31.22 -23.81 -30.01
CA ILE B 14 32.08 -22.67 -30.15
C ILE B 14 33.55 -23.07 -30.14
N LYS B 15 34.26 -22.64 -31.17
CA LYS B 15 35.68 -22.89 -31.23
C LYS B 15 36.33 -21.64 -30.67
N TRP B 16 36.54 -21.64 -29.37
CA TRP B 16 37.10 -20.53 -28.65
C TRP B 16 38.59 -20.30 -28.84
N TYR B 17 38.94 -19.06 -29.07
CA TYR B 17 40.33 -18.69 -29.09
C TYR B 17 40.47 -18.09 -27.71
N TYR B 18 41.41 -18.58 -26.92
CA TYR B 18 41.59 -18.09 -25.56
C TYR B 18 43.05 -18.02 -25.16
N GLU B 19 43.34 -17.21 -24.17
CA GLU B 19 44.70 -17.06 -23.66
C GLU B 19 44.70 -17.16 -22.15
N GLN B 20 45.77 -17.73 -21.61
CA GLN B 20 45.92 -17.87 -20.17
C GLN B 20 47.34 -17.50 -19.76
N GLU B 21 47.49 -16.98 -18.55
CA GLU B 21 48.79 -16.61 -18.02
C GLU B 21 48.77 -16.56 -16.51
N GLY B 22 49.86 -16.98 -15.90
CA GLY B 22 50.00 -16.96 -14.47
C GLY B 22 49.51 -18.17 -13.71
N SER B 23 49.66 -18.10 -12.40
CA SER B 23 49.26 -19.16 -11.52
C SER B 23 48.65 -18.60 -10.25
N GLY B 24 47.64 -19.29 -9.73
CA GLY B 24 46.97 -18.84 -8.54
C GLY B 24 45.49 -18.69 -8.79
N PRO B 25 44.79 -17.95 -7.93
CA PRO B 25 43.35 -17.76 -8.09
C PRO B 25 43.00 -17.18 -9.46
N ASP B 26 41.87 -17.61 -10.00
CA ASP B 26 41.46 -17.21 -11.33
C ASP B 26 40.86 -15.82 -11.46
N VAL B 27 41.27 -15.16 -12.54
CA VAL B 27 40.75 -13.86 -12.89
C VAL B 27 40.33 -14.04 -14.34
N VAL B 28 39.11 -13.68 -14.65
CA VAL B 28 38.62 -13.79 -16.01
C VAL B 28 38.31 -12.43 -16.60
N LEU B 29 38.90 -12.17 -17.75
CA LEU B 29 38.71 -10.91 -18.43
C LEU B 29 37.80 -11.09 -19.64
N ILE B 30 36.53 -10.75 -19.46
CA ILE B 30 35.59 -10.86 -20.53
C ILE B 30 35.64 -9.57 -21.32
N PRO B 31 35.88 -9.69 -22.62
CA PRO B 31 35.93 -8.50 -23.45
C PRO B 31 34.57 -7.85 -23.57
N ASP B 32 34.60 -6.66 -24.14
CA ASP B 32 33.42 -5.89 -24.44
C ASP B 32 32.77 -6.47 -25.71
N GLY B 33 31.78 -5.74 -26.21
CA GLY B 33 31.01 -6.10 -27.38
C GLY B 33 31.77 -6.48 -28.63
N LEU B 34 32.89 -5.82 -28.86
CA LEU B 34 33.73 -6.09 -30.00
C LEU B 34 34.36 -7.48 -29.91
N GLY B 35 34.38 -8.03 -28.70
CA GLY B 35 34.89 -9.35 -28.43
C GLY B 35 36.33 -9.68 -28.75
N GLU B 36 37.19 -8.67 -28.74
CA GLU B 36 38.61 -8.84 -29.06
C GLU B 36 39.47 -8.89 -27.79
N CYS B 37 40.07 -10.05 -27.55
CA CYS B 37 40.85 -10.28 -26.34
C CYS B 37 42.30 -9.82 -26.34
N GLN B 38 42.79 -9.40 -27.50
CA GLN B 38 44.15 -8.85 -27.61
C GLN B 38 44.20 -7.47 -26.95
N MET B 39 43.04 -6.95 -26.60
CA MET B 39 42.96 -5.66 -25.93
C MET B 39 43.41 -5.82 -24.47
N PHE B 40 43.47 -7.06 -24.02
CA PHE B 40 43.86 -7.36 -22.65
C PHE B 40 45.32 -7.79 -22.53
N ASP B 41 46.01 -7.88 -23.65
CA ASP B 41 47.40 -8.33 -23.70
C ASP B 41 48.31 -7.72 -22.60
N LYS B 42 48.43 -6.41 -22.60
CA LYS B 42 49.27 -5.73 -21.63
C LYS B 42 48.81 -5.90 -20.19
N PRO B 43 47.54 -5.61 -19.89
CA PRO B 43 47.07 -5.77 -18.52
C PRO B 43 47.16 -7.21 -18.04
N MET B 44 46.93 -8.14 -18.95
CA MET B 44 46.99 -9.55 -18.63
C MET B 44 48.31 -9.93 -17.99
N SER B 45 49.40 -9.49 -18.59
CA SER B 45 50.71 -9.79 -18.06
C SER B 45 50.86 -9.21 -16.66
N LEU B 46 50.45 -7.96 -16.50
CA LEU B 46 50.55 -7.27 -15.22
C LEU B 46 49.79 -7.98 -14.11
N ILE B 47 48.57 -8.38 -14.40
CA ILE B 47 47.75 -9.05 -13.40
C ILE B 47 48.33 -10.40 -13.02
N ALA B 48 48.67 -11.18 -14.04
CA ALA B 48 49.24 -12.52 -13.90
C ALA B 48 50.46 -12.52 -13.03
N SER B 49 51.29 -11.50 -13.15
CA SER B 49 52.51 -11.41 -12.37
C SER B 49 52.25 -11.04 -10.92
N ASN B 50 50.99 -10.89 -10.56
CA ASN B 50 50.61 -10.54 -9.21
C ASN B 50 50.01 -11.72 -8.48
N GLY B 51 50.30 -12.92 -8.96
CA GLY B 51 49.80 -14.11 -8.35
C GLY B 51 48.39 -14.55 -8.70
N PHE B 52 48.00 -14.37 -9.95
CA PHE B 52 46.68 -14.78 -10.39
C PHE B 52 46.85 -15.52 -11.69
N ARG B 53 45.92 -16.42 -11.96
CA ARG B 53 45.92 -17.09 -13.24
C ARG B 53 44.86 -16.33 -14.00
N VAL B 54 45.29 -15.71 -15.09
CA VAL B 54 44.39 -14.91 -15.91
C VAL B 54 43.97 -15.61 -17.19
N THR B 55 42.68 -15.54 -17.45
CA THR B 55 42.11 -16.14 -18.65
C THR B 55 41.25 -15.14 -19.40
N THR B 56 41.51 -15.03 -20.69
CA THR B 56 40.76 -14.19 -21.57
C THR B 56 40.52 -14.93 -22.88
N PHE B 57 39.66 -14.38 -23.71
CA PHE B 57 39.30 -15.03 -24.95
C PHE B 57 38.53 -14.11 -25.88
N ASP B 58 38.44 -14.50 -27.15
CA ASP B 58 37.66 -13.74 -28.11
C ASP B 58 36.24 -14.24 -27.94
N MET B 59 35.28 -13.33 -28.04
CA MET B 59 33.90 -13.71 -27.88
C MET B 59 33.36 -14.47 -29.11
N PRO B 60 32.36 -15.32 -28.89
CA PRO B 60 31.72 -16.17 -29.88
C PRO B 60 31.36 -15.45 -31.16
N GLY B 61 31.91 -15.90 -32.27
CA GLY B 61 31.67 -15.28 -33.55
C GLY B 61 32.56 -14.09 -33.83
N MET B 62 33.26 -13.60 -32.82
CA MET B 62 34.16 -12.47 -32.97
C MET B 62 35.60 -12.88 -33.09
N SER B 63 36.36 -12.09 -33.84
CA SER B 63 37.78 -12.28 -34.07
C SER B 63 38.18 -13.72 -34.32
N ARG B 64 39.10 -14.22 -33.50
CA ARG B 64 39.60 -15.59 -33.66
C ARG B 64 38.66 -16.66 -33.14
N SER B 65 37.54 -16.22 -32.58
CA SER B 65 36.53 -17.13 -32.07
C SER B 65 35.38 -17.15 -33.07
N SER B 66 35.69 -16.84 -34.32
CA SER B 66 34.69 -16.75 -35.38
C SER B 66 34.05 -18.07 -35.82
N ASP B 67 34.73 -19.18 -35.56
CA ASP B 67 34.21 -20.49 -35.92
C ASP B 67 33.23 -20.92 -34.84
N ALA B 68 32.04 -20.37 -34.91
CA ALA B 68 31.03 -20.67 -33.92
C ALA B 68 29.66 -20.66 -34.57
N PRO B 69 28.73 -21.39 -33.99
CA PRO B 69 27.38 -21.45 -34.53
C PRO B 69 26.78 -20.06 -34.56
N PRO B 70 25.98 -19.76 -35.58
CA PRO B 70 25.30 -18.47 -35.77
C PRO B 70 24.51 -18.06 -34.54
N GLU B 71 23.93 -19.04 -33.86
CA GLU B 71 23.13 -18.79 -32.68
C GLU B 71 23.88 -18.09 -31.55
N THR B 72 25.17 -18.35 -31.45
CA THR B 72 25.99 -17.77 -30.40
C THR B 72 26.37 -16.29 -30.56
N TYR B 73 25.97 -15.66 -31.65
CA TYR B 73 26.25 -14.25 -31.84
C TYR B 73 25.01 -13.47 -32.28
N GLN B 74 23.85 -14.08 -32.08
CA GLN B 74 22.58 -13.48 -32.45
C GLN B 74 21.65 -13.34 -31.25
N ASP B 75 20.91 -12.24 -31.21
CA ASP B 75 19.99 -11.93 -30.12
C ASP B 75 20.70 -12.10 -28.80
N ILE B 76 21.86 -11.48 -28.68
CA ILE B 76 22.70 -11.60 -27.51
C ILE B 76 22.23 -10.84 -26.27
N THR B 77 22.25 -11.53 -25.16
CA THR B 77 21.94 -10.96 -23.86
C THR B 77 23.06 -11.34 -22.91
N GLY B 78 23.12 -10.68 -21.77
CA GLY B 78 24.12 -10.98 -20.77
C GLY B 78 24.00 -12.43 -20.34
N ARG B 79 22.77 -12.88 -20.10
CA ARG B 79 22.52 -14.24 -19.68
C ARG B 79 22.91 -15.29 -20.71
N LYS B 80 22.75 -14.98 -21.98
CA LYS B 80 23.10 -15.92 -23.02
C LYS B 80 24.61 -16.11 -23.04
N LEU B 81 25.33 -15.00 -22.99
CA LEU B 81 26.78 -15.03 -23.00
C LEU B 81 27.32 -15.74 -21.77
N ALA B 82 26.66 -15.53 -20.63
CA ALA B 82 27.05 -16.16 -19.38
C ALA B 82 26.99 -17.68 -19.49
N GLY B 83 25.99 -18.18 -20.20
CA GLY B 83 25.84 -19.60 -20.40
C GLY B 83 27.06 -20.13 -21.12
N TYR B 84 27.46 -19.45 -22.19
CA TYR B 84 28.61 -19.86 -22.96
C TYR B 84 29.87 -19.78 -22.11
N ILE B 85 30.03 -18.70 -21.36
CA ILE B 85 31.22 -18.52 -20.54
C ILE B 85 31.35 -19.66 -19.55
N ILE B 86 30.25 -19.99 -18.91
CA ILE B 86 30.19 -21.05 -17.92
C ILE B 86 30.65 -22.37 -18.52
N THR B 87 30.20 -22.67 -19.72
CA THR B 87 30.60 -23.90 -20.38
C THR B 87 32.09 -23.84 -20.64
N LEU B 88 32.59 -22.69 -21.04
CA LEU B 88 34.01 -22.53 -21.31
C LEU B 88 34.82 -22.72 -20.02
N LEU B 89 34.32 -22.15 -18.92
CA LEU B 89 34.98 -22.25 -17.63
C LEU B 89 35.05 -23.69 -17.15
N ASP B 90 33.99 -24.45 -17.40
CA ASP B 90 33.94 -25.86 -17.03
C ASP B 90 35.02 -26.63 -17.77
N THR B 91 35.14 -26.39 -19.06
CA THR B 91 36.13 -27.04 -19.90
C THR B 91 37.57 -26.72 -19.49
N LEU B 92 37.79 -25.52 -18.96
CA LEU B 92 39.12 -25.11 -18.56
C LEU B 92 39.37 -25.36 -17.07
N ASP B 93 38.42 -26.04 -16.45
CA ASP B 93 38.50 -26.37 -15.04
C ASP B 93 38.72 -25.16 -14.14
N ILE B 94 37.90 -24.14 -14.36
CA ILE B 94 37.94 -22.95 -13.55
C ILE B 94 36.67 -22.97 -12.72
N LYS B 95 36.82 -23.22 -11.42
CA LYS B 95 35.69 -23.33 -10.52
C LYS B 95 35.08 -22.01 -10.07
N ILE B 96 35.93 -21.09 -9.65
CA ILE B 96 35.49 -19.78 -9.16
C ILE B 96 36.48 -18.73 -9.64
N ALA B 97 36.00 -17.53 -9.94
CA ALA B 97 36.87 -16.48 -10.41
C ALA B 97 36.40 -15.06 -10.19
N SER B 98 37.34 -14.13 -10.31
CA SER B 98 37.04 -12.72 -10.22
C SER B 98 36.84 -12.34 -11.67
N VAL B 99 35.65 -11.86 -12.00
CA VAL B 99 35.34 -11.55 -13.38
C VAL B 99 35.15 -10.09 -13.76
N TRP B 100 35.93 -9.66 -14.74
CA TRP B 100 35.87 -8.31 -15.27
C TRP B 100 35.06 -8.34 -16.58
N GLY B 101 34.39 -7.24 -16.87
CA GLY B 101 33.65 -7.12 -18.09
C GLY B 101 33.14 -5.72 -18.35
N CYS B 102 33.27 -5.27 -19.59
CA CYS B 102 32.77 -3.97 -20.00
C CYS B 102 31.65 -4.16 -21.00
N ALA B 103 30.72 -3.21 -21.02
CA ALA B 103 29.58 -3.21 -21.91
C ALA B 103 28.83 -4.52 -21.85
N SER B 104 28.75 -5.24 -22.97
CA SER B 104 28.10 -6.55 -23.01
C SER B 104 28.81 -7.51 -22.08
N GLY B 105 30.12 -7.32 -21.93
CA GLY B 105 30.92 -8.13 -21.04
C GLY B 105 30.48 -7.87 -19.60
N ALA B 106 30.12 -6.63 -19.32
CA ALA B 106 29.65 -6.20 -18.01
C ALA B 106 28.28 -6.80 -17.72
N SER B 107 27.44 -6.87 -18.73
CA SER B 107 26.11 -7.45 -18.59
C SER B 107 26.29 -8.92 -18.27
N THR B 108 27.31 -9.51 -18.87
CA THR B 108 27.63 -10.90 -18.67
C THR B 108 28.07 -11.13 -17.25
N VAL B 109 28.93 -10.25 -16.76
CA VAL B 109 29.40 -10.33 -15.40
C VAL B 109 28.21 -10.37 -14.45
N LEU B 110 27.32 -9.40 -14.56
CA LEU B 110 26.15 -9.32 -13.71
C LEU B 110 25.28 -10.57 -13.82
N ALA B 111 25.14 -11.09 -15.02
CA ALA B 111 24.38 -12.30 -15.25
C ALA B 111 24.99 -13.43 -14.43
N LEU B 112 26.31 -13.52 -14.44
CA LEU B 112 27.03 -14.53 -13.69
C LEU B 112 26.80 -14.36 -12.18
N CYS B 113 26.84 -13.12 -11.70
CA CYS B 113 26.62 -12.81 -10.30
C CYS B 113 25.21 -13.19 -9.88
N SER B 114 24.27 -13.01 -10.80
CA SER B 114 22.88 -13.28 -10.56
C SER B 114 22.47 -14.74 -10.72
N ASP B 115 22.93 -15.39 -11.78
CA ASP B 115 22.53 -16.77 -12.04
C ASP B 115 23.55 -17.85 -11.67
N TYR B 116 24.83 -17.49 -11.60
CA TYR B 116 25.87 -18.44 -11.25
C TYR B 116 26.77 -17.91 -10.14
N PRO B 117 26.16 -17.49 -9.03
CA PRO B 117 26.87 -16.89 -7.90
C PRO B 117 27.99 -17.78 -7.38
N GLU B 118 27.79 -19.08 -7.40
CA GLU B 118 28.79 -20.02 -6.91
C GLU B 118 30.10 -20.02 -7.67
N ARG B 119 30.07 -19.59 -8.93
CA ARG B 119 31.27 -19.54 -9.76
C ARG B 119 31.98 -18.20 -9.70
N VAL B 120 31.39 -17.23 -9.03
CA VAL B 120 31.96 -15.89 -8.95
C VAL B 120 32.47 -15.48 -7.58
N ARG B 121 33.75 -15.13 -7.51
CA ARG B 121 34.34 -14.65 -6.29
C ARG B 121 33.94 -13.21 -6.11
N ASN B 122 34.07 -12.44 -7.18
CA ASN B 122 33.68 -11.03 -7.19
C ASN B 122 33.54 -10.58 -8.62
N GLY B 123 32.59 -9.68 -8.86
CA GLY B 123 32.33 -9.18 -10.19
C GLY B 123 32.74 -7.74 -10.35
N MET B 124 33.39 -7.44 -11.45
CA MET B 124 33.84 -6.11 -11.75
C MET B 124 33.24 -5.62 -13.06
N PRO B 125 31.99 -5.17 -13.01
CA PRO B 125 31.39 -4.70 -14.25
C PRO B 125 31.75 -3.25 -14.51
N HIS B 126 31.89 -2.92 -15.79
CA HIS B 126 32.23 -1.59 -16.24
C HIS B 126 31.32 -1.18 -17.38
N GLU B 127 30.66 -0.03 -17.21
CA GLU B 127 29.76 0.53 -18.19
C GLU B 127 28.72 -0.46 -18.73
N VAL B 128 27.81 -0.85 -17.89
CA VAL B 128 26.74 -1.75 -18.22
C VAL B 128 25.75 -1.02 -19.09
N PRO B 129 25.45 -1.58 -20.25
CA PRO B 129 24.45 -0.90 -21.05
C PRO B 129 23.04 -1.17 -20.51
N THR B 130 22.28 -0.11 -20.32
CA THR B 130 20.93 -0.18 -19.82
C THR B 130 19.97 0.52 -20.74
N GLU B 131 20.51 1.32 -21.61
CA GLU B 131 19.77 2.04 -22.59
C GLU B 131 20.61 1.99 -23.86
N ASN B 132 20.00 1.92 -25.01
CA ASN B 132 20.77 1.94 -26.22
C ASN B 132 20.85 3.36 -26.70
N PRO B 133 22.08 3.90 -26.75
CA PRO B 133 22.40 5.26 -27.15
C PRO B 133 21.85 5.65 -28.52
N ASP B 134 21.64 6.95 -28.69
CA ASP B 134 21.10 7.54 -29.91
C ASP B 134 21.93 7.21 -31.14
N ILE B 135 23.24 7.26 -30.97
CA ILE B 135 24.19 6.98 -32.03
C ILE B 135 24.18 5.58 -32.65
N LEU B 136 23.64 4.59 -31.94
CA LEU B 136 23.61 3.23 -32.43
C LEU B 136 22.21 2.73 -32.69
N LEU B 137 21.22 3.60 -32.68
CA LEU B 137 19.88 3.10 -32.89
C LEU B 137 19.53 2.71 -34.32
N HIS B 138 20.26 3.22 -35.30
CA HIS B 138 19.99 2.88 -36.69
C HIS B 138 21.23 2.25 -37.33
N ILE B 139 22.18 1.84 -36.50
CA ILE B 139 23.42 1.28 -37.00
C ILE B 139 23.29 0.09 -37.96
N HIS B 140 22.29 -0.75 -37.76
CA HIS B 140 22.11 -1.91 -38.62
C HIS B 140 21.40 -1.62 -39.93
N GLU B 141 20.95 -0.39 -40.09
CA GLU B 141 20.21 -0.03 -41.29
C GLU B 141 21.05 0.47 -42.45
N VAL B 142 22.36 0.40 -42.31
CA VAL B 142 23.25 0.85 -43.36
C VAL B 142 24.13 -0.30 -43.80
N ASP B 143 24.81 -0.14 -44.92
CA ASP B 143 25.68 -1.18 -45.42
C ASP B 143 26.75 -1.54 -44.40
N PRO B 144 27.19 -2.80 -44.42
CA PRO B 144 28.23 -3.31 -43.52
C PRO B 144 29.50 -2.49 -43.55
N ALA B 145 29.86 -1.97 -44.72
CA ALA B 145 31.06 -1.16 -44.83
C ALA B 145 30.86 0.16 -44.08
N THR B 146 29.64 0.64 -44.06
CA THR B 146 29.33 1.87 -43.35
C THR B 146 29.36 1.59 -41.85
N ILE B 147 28.87 0.42 -41.46
CA ILE B 147 28.86 0.04 -40.06
C ILE B 147 30.29 0.01 -39.55
N SER B 148 31.17 -0.62 -40.30
CA SER B 148 32.56 -0.71 -39.91
C SER B 148 33.17 0.68 -39.77
N GLN B 149 32.91 1.55 -40.73
CA GLN B 149 33.43 2.90 -40.67
C GLN B 149 32.91 3.64 -39.45
N GLU B 150 31.59 3.67 -39.28
CA GLU B 150 31.00 4.35 -38.13
C GLU B 150 31.45 3.78 -36.79
N MET B 151 31.40 2.46 -36.65
CA MET B 151 31.78 1.82 -35.40
C MET B 151 33.26 1.98 -35.08
N ALA B 152 34.10 1.99 -36.10
CA ALA B 152 35.52 2.17 -35.89
C ALA B 152 35.75 3.58 -35.34
N ALA B 153 35.03 4.54 -35.88
CA ALA B 153 35.11 5.92 -35.45
C ALA B 153 34.55 6.07 -34.03
N ASN B 154 33.40 5.45 -33.78
CA ASN B 154 32.79 5.53 -32.46
C ASN B 154 33.69 4.93 -31.39
N SER B 155 34.18 3.73 -31.64
CA SER B 155 35.04 3.05 -30.70
C SER B 155 36.29 3.84 -30.43
N ARG B 156 36.92 4.36 -31.47
CA ARG B 156 38.14 5.14 -31.32
C ARG B 156 37.86 6.35 -30.45
N ALA B 157 36.74 7.01 -30.69
CA ALA B 157 36.38 8.19 -29.92
C ALA B 157 36.09 7.88 -28.46
N ALA B 158 35.76 6.64 -28.17
CA ALA B 158 35.47 6.22 -26.81
C ALA B 158 36.62 5.39 -26.24
N SER B 159 37.75 5.42 -26.92
CA SER B 159 38.90 4.65 -26.51
C SER B 159 39.55 5.11 -25.22
N GLY B 160 39.46 6.40 -24.96
CA GLY B 160 40.05 6.97 -23.78
C GLY B 160 41.51 7.32 -23.99
N ASN B 161 42.02 7.01 -25.18
CA ASN B 161 43.40 7.25 -25.57
C ASN B 161 43.59 6.78 -27.02
N VAL B 162 43.41 7.69 -27.97
CA VAL B 162 43.51 7.34 -29.38
C VAL B 162 44.85 6.74 -29.81
N GLU B 163 45.95 7.19 -29.23
CA GLU B 163 47.25 6.65 -29.58
C GLU B 163 47.33 5.18 -29.20
N ALA B 164 46.97 4.85 -27.97
CA ALA B 164 46.98 3.49 -27.50
C ALA B 164 46.00 2.63 -28.29
N TRP B 165 44.84 3.19 -28.61
CA TRP B 165 43.82 2.49 -29.38
C TRP B 165 44.38 2.10 -30.74
N ASP B 166 44.97 3.07 -31.42
CA ASP B 166 45.59 2.87 -32.72
C ASP B 166 46.69 1.82 -32.63
N ALA B 167 47.39 1.87 -31.50
CA ALA B 167 48.53 1.00 -31.18
C ALA B 167 48.15 -0.43 -30.84
N LEU B 168 46.88 -0.74 -30.95
CA LEU B 168 46.44 -2.12 -30.79
C LEU B 168 46.99 -2.91 -31.97
N GLY B 169 47.28 -2.22 -33.06
CA GLY B 169 47.84 -2.88 -34.22
C GLY B 169 46.89 -3.16 -35.37
N PRO B 170 47.44 -3.25 -36.58
CA PRO B 170 46.67 -3.50 -37.80
C PRO B 170 45.95 -4.83 -37.79
N GLU B 171 46.53 -5.86 -37.19
CA GLU B 171 45.88 -7.15 -37.13
C GLU B 171 44.58 -7.04 -36.31
N VAL B 172 44.66 -6.36 -35.17
CA VAL B 172 43.50 -6.20 -34.31
C VAL B 172 42.42 -5.37 -35.00
N HIS B 173 42.80 -4.30 -35.66
CA HIS B 173 41.81 -3.46 -36.33
C HIS B 173 41.18 -4.10 -37.54
N ALA B 174 41.88 -5.04 -38.16
CA ALA B 174 41.34 -5.75 -39.29
C ALA B 174 40.30 -6.73 -38.77
N ARG B 175 40.59 -7.30 -37.61
CA ARG B 175 39.68 -8.24 -36.98
C ARG B 175 38.45 -7.50 -36.52
N LEU B 176 38.66 -6.32 -35.93
CA LEU B 176 37.59 -5.47 -35.43
C LEU B 176 36.71 -5.04 -36.57
N HIS B 177 37.33 -4.76 -37.71
CA HIS B 177 36.65 -4.35 -38.92
C HIS B 177 35.57 -5.34 -39.31
N ASP B 178 35.87 -6.63 -39.21
CA ASP B 178 34.90 -7.66 -39.54
C ASP B 178 33.91 -7.90 -38.41
N ASN B 179 34.30 -7.59 -37.19
CA ASN B 179 33.44 -7.79 -36.05
C ASN B 179 32.28 -6.79 -35.95
N TYR B 180 32.53 -5.54 -36.32
CA TYR B 180 31.53 -4.49 -36.21
C TYR B 180 30.11 -4.81 -36.71
N PRO B 181 29.96 -5.19 -37.99
CA PRO B 181 28.62 -5.48 -38.49
C PRO B 181 27.94 -6.62 -37.74
N ARG B 182 28.69 -7.66 -37.42
CA ARG B 182 28.18 -8.81 -36.70
C ARG B 182 27.73 -8.38 -35.31
N TRP B 183 28.52 -7.53 -34.68
CA TRP B 183 28.19 -7.01 -33.37
C TRP B 183 26.91 -6.20 -33.50
N ALA B 184 26.85 -5.37 -34.53
CA ALA B 184 25.70 -4.53 -34.77
C ALA B 184 24.39 -5.30 -34.91
N TYR B 185 24.42 -6.46 -35.57
CA TYR B 185 23.23 -7.26 -35.77
C TYR B 185 22.74 -8.00 -34.54
N GLY B 186 23.64 -8.47 -33.70
CA GLY B 186 23.21 -9.22 -32.53
C GLY B 186 23.37 -8.63 -31.15
N TYR B 187 23.92 -7.43 -31.03
CA TYR B 187 24.17 -6.88 -29.71
C TYR B 187 23.38 -5.68 -29.20
N PRO B 188 23.61 -4.49 -29.75
CA PRO B 188 23.00 -3.24 -29.26
C PRO B 188 21.49 -3.22 -29.03
N ARG B 189 20.73 -3.98 -29.80
CA ARG B 189 19.29 -3.97 -29.61
C ARG B 189 18.80 -4.83 -28.46
N THR B 190 19.50 -5.93 -28.21
CA THR B 190 19.10 -6.87 -27.18
C THR B 190 19.88 -6.85 -25.87
N ILE B 191 21.10 -6.37 -25.89
CA ILE B 191 21.91 -6.33 -24.69
C ILE B 191 21.38 -5.42 -23.57
N PRO B 192 21.11 -4.15 -23.87
CA PRO B 192 20.66 -3.17 -22.88
C PRO B 192 19.38 -3.53 -22.15
N PRO B 193 18.38 -4.04 -22.88
CA PRO B 193 17.11 -4.40 -22.25
C PRO B 193 17.20 -5.61 -21.33
N SER B 194 18.24 -6.40 -21.51
CA SER B 194 18.43 -7.60 -20.73
C SER B 194 19.39 -7.41 -19.56
N ALA B 195 19.81 -6.17 -19.35
CA ALA B 195 20.72 -5.84 -18.29
C ALA B 195 20.24 -6.40 -16.96
N PRO B 196 21.06 -7.24 -16.32
CA PRO B 196 20.66 -7.79 -15.02
C PRO B 196 21.02 -6.79 -13.93
N VAL B 197 20.24 -5.73 -13.87
CA VAL B 197 20.46 -4.69 -12.90
C VAL B 197 19.31 -4.53 -11.92
N LYS B 198 18.50 -5.57 -11.78
CA LYS B 198 17.44 -5.51 -10.81
C LYS B 198 18.04 -5.83 -9.45
N THR B 199 17.31 -5.49 -8.39
CA THR B 199 17.79 -5.75 -7.04
C THR B 199 18.13 -7.22 -6.87
N GLU B 200 17.33 -8.08 -7.48
CA GLU B 200 17.53 -9.51 -7.38
C GLU B 200 18.80 -10.05 -8.05
N ASP B 201 19.43 -9.29 -8.92
CA ASP B 201 20.63 -9.78 -9.57
C ASP B 201 21.90 -9.29 -8.91
N LEU B 202 21.78 -8.33 -8.02
CA LEU B 202 22.96 -7.67 -7.46
C LEU B 202 23.48 -7.94 -6.06
N HIS B 203 22.93 -8.88 -5.32
CA HIS B 203 23.41 -9.07 -3.95
C HIS B 203 23.97 -10.43 -3.57
N LYS B 204 24.08 -11.35 -4.51
CA LYS B 204 24.57 -12.67 -4.19
C LYS B 204 26.09 -12.76 -4.01
N VAL B 205 26.82 -11.91 -4.71
CA VAL B 205 28.26 -11.88 -4.63
C VAL B 205 28.75 -10.44 -4.60
N PRO B 206 29.96 -10.22 -4.11
CA PRO B 206 30.52 -8.88 -4.05
C PRO B 206 30.69 -8.28 -5.44
N ILE B 207 30.34 -7.02 -5.60
CA ILE B 207 30.45 -6.35 -6.87
C ILE B 207 31.15 -5.02 -6.73
N ASP B 208 32.10 -4.75 -7.61
CA ASP B 208 32.81 -3.50 -7.62
C ASP B 208 32.58 -2.97 -9.02
N TRP B 209 31.76 -1.94 -9.09
CA TRP B 209 31.30 -1.32 -10.32
C TRP B 209 32.02 -0.04 -10.70
N THR B 210 32.33 0.07 -11.98
CA THR B 210 33.00 1.24 -12.49
C THR B 210 32.37 1.82 -13.75
N VAL B 211 32.76 3.05 -14.05
CA VAL B 211 32.36 3.81 -15.21
C VAL B 211 33.59 4.66 -15.58
N GLY B 212 33.77 4.94 -16.86
CA GLY B 212 34.90 5.72 -17.30
C GLY B 212 34.90 7.16 -16.79
N ALA B 213 36.04 7.60 -16.32
CA ALA B 213 36.21 8.96 -15.80
C ALA B 213 35.88 10.04 -16.81
N SER B 214 36.27 9.84 -18.06
CA SER B 214 36.04 10.82 -19.11
C SER B 214 34.79 10.58 -19.94
N THR B 215 34.13 9.47 -19.69
CA THR B 215 32.91 9.13 -20.39
C THR B 215 31.88 10.20 -20.08
N PRO B 216 31.14 10.65 -21.09
CA PRO B 216 30.10 11.64 -20.82
C PRO B 216 29.12 11.07 -19.80
N THR B 217 28.79 11.89 -18.82
CA THR B 217 27.91 11.50 -17.72
C THR B 217 26.64 10.73 -18.09
N LYS B 218 25.89 11.24 -19.06
CA LYS B 218 24.64 10.63 -19.47
C LYS B 218 24.72 9.19 -19.95
N LEU B 219 25.82 8.83 -20.60
CA LEU B 219 25.96 7.48 -21.15
C LEU B 219 25.77 6.38 -20.12
N PHE B 220 26.40 6.48 -18.97
CA PHE B 220 26.25 5.44 -17.99
C PHE B 220 25.79 5.94 -16.63
N PHE B 221 25.08 7.06 -16.69
CA PHE B 221 24.50 7.74 -15.55
C PHE B 221 23.68 6.79 -14.71
N GLU B 222 22.88 5.96 -15.36
CA GLU B 222 22.05 5.00 -14.65
C GLU B 222 22.86 3.93 -13.93
N ASN B 223 24.07 3.65 -14.41
CA ASN B 223 24.93 2.69 -13.76
C ASN B 223 25.22 3.19 -12.34
N ILE B 224 25.58 4.47 -12.25
CA ILE B 224 25.91 5.07 -10.98
C ILE B 224 24.73 5.11 -10.01
N VAL B 225 23.58 5.52 -10.49
CA VAL B 225 22.40 5.59 -9.65
C VAL B 225 22.06 4.22 -9.11
N ILE B 226 22.01 3.22 -9.97
CA ILE B 226 21.68 1.87 -9.54
C ILE B 226 22.65 1.36 -8.49
N ALA B 227 23.93 1.47 -8.77
CA ALA B 227 24.95 1.03 -7.84
C ALA B 227 24.80 1.67 -6.48
N ALA B 228 24.67 2.99 -6.47
CA ALA B 228 24.54 3.73 -5.22
C ALA B 228 23.28 3.39 -4.47
N ARG B 229 22.20 3.19 -5.21
CA ARG B 229 20.92 2.83 -4.63
C ARG B 229 20.96 1.47 -3.99
N GLU B 230 21.72 0.57 -4.57
CA GLU B 230 21.82 -0.79 -4.06
C GLU B 230 22.95 -0.96 -3.05
N GLY B 231 23.69 0.11 -2.77
CA GLY B 231 24.79 0.01 -1.84
C GLY B 231 25.99 -0.77 -2.39
N ILE B 232 26.20 -0.68 -3.69
CA ILE B 232 27.29 -1.36 -4.35
C ILE B 232 28.43 -0.41 -4.62
N ASN B 233 29.65 -0.85 -4.37
CA ASN B 233 30.84 -0.05 -4.59
C ASN B 233 30.84 0.45 -6.02
N ILE B 234 30.99 1.74 -6.18
CA ILE B 234 30.98 2.34 -7.49
C ILE B 234 32.00 3.45 -7.57
N GLY B 235 32.74 3.48 -8.66
CA GLY B 235 33.74 4.49 -8.85
C GLY B 235 34.10 4.64 -10.31
N THR B 236 35.14 5.40 -10.58
CA THR B 236 35.56 5.59 -11.93
C THR B 236 36.95 5.03 -12.16
N LEU B 237 37.22 4.81 -13.43
CA LEU B 237 38.51 4.37 -13.87
C LEU B 237 38.94 5.40 -14.91
N PRO B 238 40.24 5.64 -15.01
CA PRO B 238 40.68 6.62 -16.01
C PRO B 238 40.31 6.14 -17.39
N GLY B 239 40.06 7.09 -18.27
CA GLY B 239 39.69 6.74 -19.62
C GLY B 239 38.19 6.69 -19.78
N ASN B 240 37.76 5.96 -20.81
CA ASN B 240 36.36 5.84 -21.11
C ASN B 240 35.86 4.40 -21.12
N HIS B 241 35.57 3.91 -22.32
CA HIS B 241 35.04 2.58 -22.55
C HIS B 241 36.05 1.44 -22.52
N PHE B 242 37.32 1.74 -22.75
CA PHE B 242 38.33 0.70 -22.80
C PHE B 242 39.52 0.97 -21.89
N PRO B 243 39.29 0.97 -20.56
CA PRO B 243 40.34 1.26 -19.58
C PRO B 243 41.53 0.32 -19.68
N TYR B 244 41.30 -0.93 -20.09
CA TYR B 244 42.38 -1.90 -20.25
C TYR B 244 43.30 -1.55 -21.41
N VAL B 245 42.82 -0.72 -22.31
CA VAL B 245 43.59 -0.28 -23.45
C VAL B 245 44.20 1.09 -23.17
N SER B 246 43.39 2.02 -22.70
CA SER B 246 43.85 3.36 -22.43
C SER B 246 44.83 3.46 -21.27
N HIS B 247 44.54 2.78 -20.18
CA HIS B 247 45.39 2.81 -18.99
C HIS B 247 45.66 1.41 -18.43
N PRO B 248 46.47 0.63 -19.14
CA PRO B 248 46.79 -0.76 -18.78
C PRO B 248 47.23 -0.94 -17.34
N GLU B 249 48.14 -0.11 -16.86
CA GLU B 249 48.65 -0.22 -15.50
C GLU B 249 47.61 0.07 -14.46
N GLU B 250 46.89 1.17 -14.64
CA GLU B 250 45.84 1.54 -13.71
C GLU B 250 44.76 0.45 -13.69
N PHE B 251 44.44 -0.07 -14.86
CA PHE B 251 43.45 -1.12 -14.98
C PHE B 251 43.90 -2.37 -14.23
N ALA B 252 45.12 -2.80 -14.48
CA ALA B 252 45.67 -3.97 -13.82
C ALA B 252 45.68 -3.81 -12.31
N LYS B 253 46.00 -2.61 -11.85
CA LYS B 253 46.06 -2.32 -10.44
C LYS B 253 44.68 -2.45 -9.80
N TYR B 254 43.68 -1.92 -10.48
CA TYR B 254 42.32 -1.98 -9.99
C TYR B 254 41.86 -3.43 -9.91
N VAL B 255 42.10 -4.20 -10.95
CA VAL B 255 41.71 -5.59 -10.97
C VAL B 255 42.41 -6.38 -9.88
N VAL B 256 43.71 -6.17 -9.73
CA VAL B 256 44.47 -6.87 -8.72
C VAL B 256 44.00 -6.56 -7.30
N GLU B 257 43.88 -5.28 -6.98
CA GLU B 257 43.50 -4.86 -5.64
C GLU B 257 42.06 -5.19 -5.28
N THR B 258 41.16 -5.11 -6.24
CA THR B 258 39.78 -5.42 -5.98
C THR B 258 39.56 -6.90 -5.75
N SER B 259 40.15 -7.74 -6.59
CA SER B 259 40.00 -9.16 -6.44
C SER B 259 40.71 -9.62 -5.18
N ARG B 260 41.83 -8.98 -4.89
CA ARG B 260 42.65 -9.33 -3.74
C ARG B 260 41.91 -9.28 -2.43
N LYS B 261 41.06 -8.29 -2.27
CA LYS B 261 40.33 -8.11 -1.04
C LYS B 261 39.28 -9.17 -0.73
N TYR B 262 39.03 -10.08 -1.67
CA TYR B 262 38.03 -11.11 -1.47
C TYR B 262 38.64 -12.51 -1.41
N LEU B 263 39.95 -12.57 -1.42
CA LEU B 263 40.66 -13.85 -1.44
C LEU B 263 40.39 -14.88 -0.35
N LYS B 264 40.58 -14.58 0.93
CA LYS B 264 40.27 -15.61 1.91
C LYS B 264 41.18 -16.82 1.86
N THR C 2 42.40 -52.12 23.53
CA THR C 2 41.54 -53.19 24.00
C THR C 2 40.74 -52.78 25.23
N ARG C 3 39.45 -53.02 25.18
CA ARG C 3 38.59 -52.64 26.29
C ARG C 3 38.55 -53.68 27.39
N THR C 4 38.86 -53.24 28.59
CA THR C 4 38.83 -54.07 29.77
C THR C 4 37.45 -53.92 30.38
N ARG C 5 36.79 -55.04 30.62
CA ARG C 5 35.46 -55.04 31.20
C ARG C 5 35.47 -55.91 32.43
N GLY C 6 34.85 -55.44 33.50
CA GLY C 6 34.83 -56.22 34.71
C GLY C 6 33.86 -55.80 35.79
N TYR C 7 33.94 -56.49 36.92
CA TYR C 7 33.12 -56.24 38.07
C TYR C 7 34.02 -56.18 39.29
N VAL C 8 33.63 -55.41 40.27
CA VAL C 8 34.39 -55.31 41.50
C VAL C 8 33.47 -54.93 42.65
N THR C 9 33.69 -55.56 43.79
CA THR C 9 32.89 -55.31 44.98
C THR C 9 33.65 -54.46 45.97
N THR C 10 33.16 -53.25 46.20
CA THR C 10 33.82 -52.35 47.11
C THR C 10 33.36 -52.63 48.53
N LYS C 11 34.06 -52.07 49.50
CA LYS C 11 33.76 -52.27 50.92
C LYS C 11 32.40 -51.77 51.37
N ASP C 12 31.75 -50.95 50.55
CA ASP C 12 30.45 -50.43 50.89
C ASP C 12 29.33 -51.32 50.37
N GLY C 13 29.69 -52.49 49.85
CA GLY C 13 28.71 -53.43 49.37
C GLY C 13 28.28 -53.33 47.92
N ILE C 14 28.77 -52.34 47.19
CA ILE C 14 28.38 -52.18 45.80
C ILE C 14 29.19 -53.10 44.89
N LYS C 15 28.52 -53.82 44.01
CA LYS C 15 29.20 -54.64 43.06
C LYS C 15 29.18 -53.83 41.78
N TRP C 16 30.28 -53.12 41.55
CA TRP C 16 30.37 -52.25 40.39
C TRP C 16 30.68 -52.96 39.10
N TYR C 17 30.09 -52.46 38.03
CA TYR C 17 30.43 -52.93 36.71
C TYR C 17 31.22 -51.77 36.17
N TYR C 18 32.41 -52.04 35.66
CA TYR C 18 33.23 -50.98 35.13
C TYR C 18 33.97 -51.38 33.87
N GLU C 19 34.44 -50.38 33.15
CA GLU C 19 35.20 -50.59 31.93
C GLU C 19 36.39 -49.65 31.94
N GLN C 20 37.48 -50.08 31.32
CA GLN C 20 38.69 -49.29 31.23
C GLN C 20 39.34 -49.49 29.89
N GLU C 21 40.11 -48.51 29.47
CA GLU C 21 40.82 -48.59 28.21
C GLU C 21 41.96 -47.61 28.17
N GLY C 22 43.06 -48.02 27.55
CA GLY C 22 44.22 -47.21 27.40
C GLY C 22 45.11 -47.12 28.61
N SER C 23 46.24 -46.45 28.44
CA SER C 23 47.18 -46.26 29.51
C SER C 23 47.59 -44.80 29.53
N GLY C 24 48.10 -44.36 30.66
CA GLY C 24 48.52 -42.99 30.80
C GLY C 24 47.74 -42.32 31.90
N PRO C 25 47.69 -40.98 31.89
CA PRO C 25 46.97 -40.22 32.91
C PRO C 25 45.52 -40.66 32.92
N ASP C 26 44.89 -40.62 34.09
CA ASP C 26 43.52 -41.07 34.23
C ASP C 26 42.41 -40.09 33.88
N VAL C 27 41.46 -40.60 33.12
CA VAL C 27 40.27 -39.87 32.75
C VAL C 27 39.10 -40.70 33.27
N VAL C 28 38.17 -40.07 33.97
CA VAL C 28 37.02 -40.78 34.50
C VAL C 28 35.73 -40.19 33.96
N LEU C 29 34.93 -41.03 33.34
CA LEU C 29 33.68 -40.62 32.76
C LEU C 29 32.51 -41.05 33.63
N ILE C 30 32.01 -40.11 34.43
CA ILE C 30 30.90 -40.41 35.29
C ILE C 30 29.64 -40.23 34.49
N PRO C 31 28.81 -41.26 34.47
CA PRO C 31 27.57 -41.13 33.72
C PRO C 31 26.64 -40.15 34.35
N ASP C 32 25.59 -39.85 33.61
CA ASP C 32 24.52 -39.00 34.07
C ASP C 32 23.63 -39.83 34.99
N GLY C 33 22.50 -39.24 35.36
CA GLY C 33 21.53 -39.84 36.26
C GLY C 33 21.10 -41.24 35.91
N LEU C 34 21.05 -41.55 34.62
CA LEU C 34 20.64 -42.87 34.18
C LEU C 34 21.66 -43.97 34.51
N GLY C 35 22.89 -43.55 34.79
CA GLY C 35 23.97 -44.43 35.18
C GLY C 35 24.37 -45.59 34.28
N GLU C 36 24.16 -45.42 32.98
CA GLU C 36 24.48 -46.42 31.99
C GLU C 36 25.78 -46.03 31.29
N CYS C 37 26.86 -46.73 31.62
CA CYS C 37 28.17 -46.43 31.07
C CYS C 37 28.44 -46.86 29.63
N GLN C 38 27.51 -47.59 29.03
CA GLN C 38 27.64 -48.01 27.64
C GLN C 38 27.45 -46.82 26.71
N MET C 39 26.97 -45.72 27.26
CA MET C 39 26.79 -44.49 26.50
C MET C 39 28.14 -43.87 26.19
N PHE C 40 29.18 -44.30 26.91
CA PHE C 40 30.51 -43.76 26.70
C PHE C 40 31.38 -44.63 25.82
N ASP C 41 30.84 -45.75 25.34
CA ASP C 41 31.60 -46.69 24.51
C ASP C 41 32.44 -46.09 23.40
N LYS C 42 31.82 -45.32 22.52
CA LYS C 42 32.52 -44.70 21.41
C LYS C 42 33.58 -43.69 21.80
N PRO C 43 33.22 -42.72 22.64
CA PRO C 43 34.15 -41.69 23.09
C PRO C 43 35.30 -42.29 23.89
N MET C 44 35.00 -43.37 24.59
CA MET C 44 35.99 -44.07 25.40
C MET C 44 37.22 -44.42 24.58
N SER C 45 37.01 -45.04 23.42
CA SER C 45 38.12 -45.42 22.57
C SER C 45 38.87 -44.21 22.06
N LEU C 46 38.13 -43.20 21.61
CA LEU C 46 38.73 -41.98 21.10
C LEU C 46 39.66 -41.36 22.13
N ILE C 47 39.17 -41.19 23.35
CA ILE C 47 39.96 -40.59 24.41
C ILE C 47 41.19 -41.38 24.76
N ALA C 48 41.00 -42.69 24.93
CA ALA C 48 42.05 -43.64 25.27
C ALA C 48 43.17 -43.62 24.26
N SER C 49 42.81 -43.43 23.00
CA SER C 49 43.79 -43.39 21.91
C SER C 49 44.71 -42.18 21.97
N ASN C 50 44.38 -41.20 22.79
CA ASN C 50 45.21 -40.01 22.90
C ASN C 50 46.14 -40.02 24.11
N GLY C 51 46.45 -41.21 24.61
CA GLY C 51 47.35 -41.33 25.73
C GLY C 51 46.73 -41.20 27.10
N PHE C 52 45.51 -41.68 27.25
CA PHE C 52 44.85 -41.61 28.53
C PHE C 52 44.29 -42.98 28.92
N ARG C 53 44.28 -43.26 30.22
CA ARG C 53 43.67 -44.47 30.70
C ARG C 53 42.28 -44.01 31.10
N VAL C 54 41.27 -44.49 30.39
CA VAL C 54 39.90 -44.09 30.66
C VAL C 54 39.11 -45.12 31.44
N THR C 55 38.41 -44.66 32.46
CA THR C 55 37.61 -45.54 33.27
C THR C 55 36.19 -45.02 33.36
N THR C 56 35.26 -45.94 33.18
CA THR C 56 33.85 -45.63 33.31
C THR C 56 33.16 -46.79 34.00
N PHE C 57 31.91 -46.58 34.39
CA PHE C 57 31.16 -47.59 35.10
C PHE C 57 29.67 -47.29 35.17
N ASP C 58 28.90 -48.31 35.49
CA ASP C 58 27.48 -48.15 35.70
C ASP C 58 27.36 -47.65 37.13
N MET C 59 26.44 -46.74 37.36
CA MET C 59 26.27 -46.21 38.71
C MET C 59 25.56 -47.20 39.64
N PRO C 60 25.80 -47.06 40.95
CA PRO C 60 25.24 -47.96 41.95
C PRO C 60 23.74 -48.08 41.86
N GLY C 61 23.28 -49.31 41.67
CA GLY C 61 21.87 -49.60 41.56
C GLY C 61 21.38 -49.56 40.14
N MET C 62 22.21 -49.08 39.22
CA MET C 62 21.83 -48.96 37.81
C MET C 62 22.51 -49.93 36.89
N SER C 63 21.76 -50.38 35.89
CA SER C 63 22.26 -51.28 34.89
C SER C 63 23.02 -52.45 35.49
N ARG C 64 24.27 -52.61 35.07
CA ARG C 64 25.09 -53.72 35.52
C ARG C 64 25.65 -53.61 36.94
N SER C 65 25.49 -52.45 37.55
CA SER C 65 25.93 -52.22 38.92
C SER C 65 24.73 -52.30 39.85
N SER C 66 23.67 -52.93 39.38
CA SER C 66 22.43 -53.04 40.15
C SER C 66 22.53 -53.75 41.48
N ASP C 67 23.50 -54.64 41.65
CA ASP C 67 23.67 -55.35 42.91
C ASP C 67 24.34 -54.45 43.92
N ALA C 68 23.55 -53.62 44.57
CA ALA C 68 24.05 -52.67 45.54
C ALA C 68 22.98 -52.36 46.57
N PRO C 69 23.40 -51.93 47.76
CA PRO C 69 22.45 -51.62 48.82
C PRO C 69 21.56 -50.46 48.38
N PRO C 70 20.28 -50.51 48.75
CA PRO C 70 19.25 -49.52 48.41
C PRO C 70 19.63 -48.10 48.74
N GLU C 71 20.42 -47.93 49.80
CA GLU C 71 20.85 -46.61 50.23
C GLU C 71 21.78 -45.96 49.22
N THR C 72 22.40 -46.77 48.39
CA THR C 72 23.35 -46.24 47.40
C THR C 72 22.64 -45.66 46.18
N TYR C 73 21.31 -45.81 46.15
CA TYR C 73 20.52 -45.26 45.07
C TYR C 73 19.27 -44.54 45.56
N GLN C 74 19.22 -44.21 46.83
CA GLN C 74 18.11 -43.51 47.42
C GLN C 74 18.60 -42.24 48.10
N ASP C 75 17.81 -41.18 48.03
CA ASP C 75 18.17 -39.88 48.61
C ASP C 75 19.56 -39.45 48.15
N ILE C 76 19.76 -39.57 46.85
CA ILE C 76 21.02 -39.28 46.19
C ILE C 76 21.40 -37.81 46.07
N THR C 77 22.65 -37.54 46.39
CA THR C 77 23.23 -36.22 46.29
C THR C 77 24.60 -36.36 45.64
N GLY C 78 25.14 -35.27 45.15
CA GLY C 78 26.45 -35.29 44.55
C GLY C 78 27.51 -35.80 45.49
N ARG C 79 27.42 -35.42 46.76
CA ARG C 79 28.40 -35.86 47.74
C ARG C 79 28.31 -37.34 48.06
N LYS C 80 27.10 -37.86 48.15
CA LYS C 80 26.89 -39.27 48.42
C LYS C 80 27.57 -40.07 47.33
N LEU C 81 27.27 -39.73 46.08
CA LEU C 81 27.82 -40.41 44.93
C LEU C 81 29.34 -40.27 44.86
N ALA C 82 29.84 -39.12 45.30
CA ALA C 82 31.28 -38.87 45.29
C ALA C 82 31.97 -39.79 46.27
N GLY C 83 31.31 -40.03 47.40
CA GLY C 83 31.84 -40.92 48.41
C GLY C 83 32.06 -42.30 47.80
N TYR C 84 31.05 -42.80 47.12
CA TYR C 84 31.14 -44.10 46.49
C TYR C 84 32.24 -44.13 45.44
N ILE C 85 32.29 -43.11 44.59
CA ILE C 85 33.29 -43.06 43.55
C ILE C 85 34.70 -43.14 44.11
N ILE C 86 34.96 -42.37 45.15
CA ILE C 86 36.27 -42.36 45.77
C ILE C 86 36.69 -43.75 46.20
N THR C 87 35.79 -44.49 46.84
CA THR C 87 36.07 -45.84 47.27
C THR C 87 36.43 -46.71 46.07
N LEU C 88 35.67 -46.56 44.99
CA LEU C 88 35.91 -47.32 43.78
C LEU C 88 37.28 -47.00 43.20
N LEU C 89 37.60 -45.72 43.15
CA LEU C 89 38.88 -45.29 42.60
C LEU C 89 40.04 -45.83 43.41
N ASP C 90 39.85 -45.95 44.72
CA ASP C 90 40.89 -46.48 45.58
C ASP C 90 41.05 -47.96 45.26
N THR C 91 39.93 -48.64 45.06
CA THR C 91 39.93 -50.05 44.73
C THR C 91 40.60 -50.31 43.39
N LEU C 92 40.46 -49.37 42.47
CA LEU C 92 41.06 -49.51 41.16
C LEU C 92 42.41 -48.81 41.09
N ASP C 93 42.90 -48.38 42.24
CA ASP C 93 44.17 -47.68 42.33
C ASP C 93 44.29 -46.47 41.40
N ILE C 94 43.29 -45.61 41.42
CA ILE C 94 43.32 -44.40 40.63
C ILE C 94 43.56 -43.24 41.58
N LYS C 95 44.77 -42.69 41.54
CA LYS C 95 45.16 -41.62 42.44
C LYS C 95 44.60 -40.24 42.14
N ILE C 96 44.68 -39.83 40.88
CA ILE C 96 44.18 -38.54 40.46
C ILE C 96 43.61 -38.66 39.06
N ALA C 97 42.61 -37.85 38.75
CA ALA C 97 41.99 -37.95 37.45
C ALA C 97 41.28 -36.70 36.94
N SER C 98 41.06 -36.70 35.64
CA SER C 98 40.31 -35.67 34.97
C SER C 98 38.93 -36.30 34.95
N VAL C 99 37.97 -35.67 35.59
CA VAL C 99 36.63 -36.24 35.70
C VAL C 99 35.53 -35.50 34.97
N TRP C 100 34.78 -36.24 34.18
CA TRP C 100 33.67 -35.71 33.42
C TRP C 100 32.36 -36.20 34.06
N GLY C 101 31.31 -35.40 33.98
CA GLY C 101 30.02 -35.77 34.51
C GLY C 101 28.91 -34.84 34.09
N CYS C 102 27.79 -35.43 33.70
CA CYS C 102 26.61 -34.67 33.33
C CYS C 102 25.53 -34.94 34.34
N ALA C 103 24.70 -33.92 34.58
CA ALA C 103 23.57 -33.98 35.51
C ALA C 103 24.05 -34.36 36.90
N SER C 104 23.53 -35.46 37.43
CA SER C 104 23.93 -35.95 38.74
C SER C 104 25.42 -36.26 38.70
N GLY C 105 25.89 -36.69 37.54
CA GLY C 105 27.29 -36.97 37.33
C GLY C 105 28.07 -35.67 37.47
N ALA C 106 27.47 -34.57 37.03
CA ALA C 106 28.08 -33.26 37.16
C ALA C 106 28.08 -32.80 38.61
N SER C 107 27.01 -33.13 39.35
CA SER C 107 26.92 -32.79 40.76
C SER C 107 28.02 -33.50 41.49
N THR C 108 28.26 -34.73 41.09
CA THR C 108 29.28 -35.58 41.65
C THR C 108 30.65 -35.00 41.36
N VAL C 109 30.85 -34.55 40.12
CA VAL C 109 32.13 -33.95 39.75
C VAL C 109 32.44 -32.75 40.65
N LEU C 110 31.46 -31.89 40.87
CA LEU C 110 31.64 -30.72 41.71
C LEU C 110 31.86 -31.13 43.15
N ALA C 111 31.16 -32.17 43.59
CA ALA C 111 31.33 -32.67 44.94
C ALA C 111 32.77 -33.15 45.11
N LEU C 112 33.29 -33.82 44.09
CA LEU C 112 34.66 -34.32 44.13
C LEU C 112 35.63 -33.16 44.13
N CYS C 113 35.32 -32.13 43.38
CA CYS C 113 36.17 -30.95 43.28
C CYS C 113 36.22 -30.21 44.59
N SER C 114 35.12 -30.22 45.31
CA SER C 114 35.01 -29.50 46.55
C SER C 114 35.53 -30.25 47.77
N ASP C 115 35.23 -31.54 47.86
CA ASP C 115 35.59 -32.34 49.01
C ASP C 115 36.79 -33.27 48.88
N TYR C 116 37.18 -33.60 47.65
CA TYR C 116 38.32 -34.46 47.42
C TYR C 116 39.21 -33.86 46.35
N PRO C 117 39.62 -32.60 46.54
CA PRO C 117 40.44 -31.86 45.57
C PRO C 117 41.72 -32.58 45.20
N GLU C 118 42.29 -33.32 46.14
CA GLU C 118 43.53 -34.06 45.91
C GLU C 118 43.41 -35.19 44.89
N ARG C 119 42.19 -35.66 44.66
CA ARG C 119 41.96 -36.74 43.72
C ARG C 119 41.57 -36.25 42.33
N VAL C 120 41.36 -34.95 42.18
CA VAL C 120 40.93 -34.42 40.92
C VAL C 120 41.93 -33.51 40.22
N ARG C 121 42.34 -33.89 39.01
CA ARG C 121 43.26 -33.07 38.25
C ARG C 121 42.50 -31.89 37.68
N ASN C 122 41.31 -32.17 37.15
CA ASN C 122 40.44 -31.15 36.59
C ASN C 122 39.02 -31.70 36.49
N GLY C 123 38.04 -30.85 36.74
CA GLY C 123 36.66 -31.26 36.69
C GLY C 123 35.94 -30.73 35.49
N MET C 124 35.17 -31.57 34.83
CA MET C 124 34.41 -31.18 33.67
C MET C 124 32.92 -31.43 33.87
N PRO C 125 32.25 -30.53 34.61
CA PRO C 125 30.82 -30.74 34.80
C PRO C 125 30.01 -30.25 33.61
N HIS C 126 28.91 -30.92 33.35
CA HIS C 126 28.01 -30.59 32.25
C HIS C 126 26.58 -30.60 32.74
N GLU C 127 25.92 -29.46 32.62
CA GLU C 127 24.53 -29.28 33.02
C GLU C 127 24.24 -29.77 34.43
N VAL C 128 24.72 -29.02 35.41
CA VAL C 128 24.53 -29.32 36.80
C VAL C 128 23.13 -28.92 37.19
N PRO C 129 22.36 -29.86 37.73
CA PRO C 129 20.98 -29.60 38.17
C PRO C 129 20.96 -28.69 39.39
N THR C 130 20.28 -27.55 39.28
CA THR C 130 20.18 -26.63 40.41
C THR C 130 18.72 -26.38 40.74
N GLU C 131 17.86 -26.66 39.79
CA GLU C 131 16.43 -26.53 39.95
C GLU C 131 15.78 -27.81 39.48
N ASN C 132 14.50 -27.97 39.76
CA ASN C 132 13.82 -29.16 39.27
C ASN C 132 12.80 -28.79 38.21
N PRO C 133 13.10 -29.17 36.96
CA PRO C 133 12.21 -28.90 35.84
C PRO C 133 10.81 -29.33 36.22
N ASP C 134 9.82 -28.58 35.74
CA ASP C 134 8.43 -28.86 36.06
C ASP C 134 7.98 -30.15 35.41
N ILE C 135 8.68 -30.57 34.36
CA ILE C 135 8.35 -31.81 33.65
C ILE C 135 8.54 -33.03 34.55
N LEU C 136 9.41 -32.87 35.54
CA LEU C 136 9.67 -33.91 36.48
C LEU C 136 8.66 -33.65 37.57
N LEU C 137 9.08 -32.99 38.63
CA LEU C 137 8.20 -32.61 39.74
C LEU C 137 7.41 -33.71 40.45
N HIS C 138 6.62 -34.48 39.73
CA HIS C 138 5.83 -35.54 40.33
C HIS C 138 6.14 -36.89 39.71
N ILE C 139 7.32 -37.00 39.12
CA ILE C 139 7.76 -38.21 38.44
C ILE C 139 8.04 -39.38 39.35
N HIS C 140 8.11 -39.13 40.65
CA HIS C 140 8.40 -40.18 41.59
C HIS C 140 7.15 -40.70 42.27
N GLU C 141 6.00 -40.30 41.77
CA GLU C 141 4.74 -40.69 42.37
C GLU C 141 3.97 -41.72 41.55
N VAL C 142 4.18 -41.70 40.24
CA VAL C 142 3.48 -42.60 39.35
C VAL C 142 4.09 -43.99 39.32
N ASP C 143 3.38 -44.91 38.68
CA ASP C 143 3.84 -46.28 38.59
C ASP C 143 5.06 -46.39 37.68
N PRO C 144 5.89 -47.39 37.93
CA PRO C 144 7.13 -47.69 37.23
C PRO C 144 6.98 -47.69 35.72
N ALA C 145 5.95 -48.34 35.20
CA ALA C 145 5.76 -48.38 33.76
C ALA C 145 5.56 -46.99 33.19
N THR C 146 4.82 -46.17 33.92
CA THR C 146 4.57 -44.81 33.48
C THR C 146 5.87 -44.03 33.51
N ILE C 147 6.60 -44.17 34.61
CA ILE C 147 7.87 -43.49 34.75
C ILE C 147 8.79 -43.91 33.61
N SER C 148 8.87 -45.21 33.36
CA SER C 148 9.72 -45.70 32.30
C SER C 148 9.34 -45.11 30.95
N GLN C 149 8.06 -45.14 30.61
CA GLN C 149 7.61 -44.60 29.35
C GLN C 149 7.89 -43.10 29.26
N GLU C 150 7.57 -42.37 30.33
CA GLU C 150 7.77 -40.93 30.37
C GLU C 150 9.24 -40.54 30.29
N MET C 151 10.06 -41.14 31.14
CA MET C 151 11.49 -40.82 31.17
C MET C 151 12.21 -41.20 29.89
N ALA C 152 11.74 -42.25 29.23
CA ALA C 152 12.35 -42.68 27.98
C ALA C 152 12.07 -41.63 26.91
N ALA C 153 10.87 -41.09 26.93
CA ALA C 153 10.52 -40.04 25.98
C ALA C 153 11.31 -38.79 26.30
N ASN C 154 11.37 -38.44 27.58
CA ASN C 154 12.11 -37.26 28.02
C ASN C 154 13.59 -37.36 27.68
N SER C 155 14.17 -38.52 27.97
CA SER C 155 15.58 -38.73 27.70
C SER C 155 15.89 -38.68 26.21
N ARG C 156 15.07 -39.33 25.41
CA ARG C 156 15.28 -39.33 23.97
C ARG C 156 15.18 -37.91 23.43
N ALA C 157 14.24 -37.14 23.94
CA ALA C 157 14.03 -35.77 23.50
C ALA C 157 15.23 -34.88 23.80
N ALA C 158 15.94 -35.18 24.87
CA ALA C 158 17.08 -34.41 25.29
C ALA C 158 18.39 -35.04 24.82
N SER C 159 18.28 -36.06 23.98
CA SER C 159 19.43 -36.79 23.50
C SER C 159 20.37 -36.02 22.62
N GLY C 160 19.86 -34.99 21.96
CA GLY C 160 20.67 -34.18 21.07
C GLY C 160 20.83 -34.79 19.69
N ASN C 161 20.34 -36.00 19.53
CA ASN C 161 20.42 -36.73 18.29
C ASN C 161 19.67 -38.03 18.50
N VAL C 162 18.40 -38.03 18.16
CA VAL C 162 17.58 -39.20 18.35
C VAL C 162 18.08 -40.44 17.63
N GLU C 163 18.74 -40.24 16.49
CA GLU C 163 19.26 -41.35 15.72
C GLU C 163 20.32 -42.08 16.52
N ALA C 164 21.30 -41.33 17.00
CA ALA C 164 22.38 -41.89 17.79
C ALA C 164 21.83 -42.47 19.09
N TRP C 165 20.82 -41.83 19.65
CA TRP C 165 20.20 -42.29 20.87
C TRP C 165 19.57 -43.65 20.64
N ASP C 166 18.83 -43.76 19.54
CA ASP C 166 18.14 -44.99 19.19
C ASP C 166 19.14 -46.09 18.95
N ALA C 167 20.27 -45.71 18.35
CA ALA C 167 21.36 -46.60 17.98
C ALA C 167 22.20 -47.10 19.15
N LEU C 168 21.78 -46.80 20.36
CA LEU C 168 22.46 -47.30 21.54
C LEU C 168 22.17 -48.80 21.65
N GLY C 169 21.08 -49.24 21.04
CA GLY C 169 20.73 -50.64 21.04
C GLY C 169 19.68 -51.11 22.01
N PRO C 170 19.11 -52.27 21.74
CA PRO C 170 18.06 -52.87 22.58
C PRO C 170 18.57 -53.28 23.96
N GLU C 171 19.80 -53.73 24.06
CA GLU C 171 20.35 -54.13 25.35
C GLU C 171 20.35 -52.93 26.28
N VAL C 172 20.95 -51.85 25.81
CA VAL C 172 21.06 -50.61 26.54
C VAL C 172 19.71 -50.07 26.94
N HIS C 173 18.79 -50.02 26.00
CA HIS C 173 17.47 -49.48 26.30
C HIS C 173 16.68 -50.31 27.27
N ALA C 174 16.94 -51.62 27.29
CA ALA C 174 16.27 -52.52 28.22
C ALA C 174 16.81 -52.27 29.62
N ARG C 175 18.09 -51.96 29.71
CA ARG C 175 18.72 -51.66 30.98
C ARG C 175 18.21 -50.31 31.44
N LEU C 176 18.09 -49.37 30.51
CA LEU C 176 17.60 -48.03 30.82
C LEU C 176 16.17 -48.09 31.33
N HIS C 177 15.39 -48.99 30.74
CA HIS C 177 14.00 -49.18 31.12
C HIS C 177 13.85 -49.47 32.59
N ASP C 178 14.74 -50.30 33.13
CA ASP C 178 14.69 -50.65 34.53
C ASP C 178 15.30 -49.56 35.42
N ASN C 179 16.23 -48.78 34.88
CA ASN C 179 16.86 -47.73 35.65
C ASN C 179 15.94 -46.54 35.93
N TYR C 180 15.10 -46.20 34.96
CA TYR C 180 14.20 -45.07 35.05
C TYR C 180 13.47 -44.94 36.38
N PRO C 181 12.71 -45.96 36.77
CA PRO C 181 11.97 -45.88 38.03
C PRO C 181 12.91 -45.68 39.21
N ARG C 182 13.99 -46.43 39.24
CA ARG C 182 14.95 -46.32 40.32
C ARG C 182 15.55 -44.93 40.38
N TRP C 183 15.84 -44.36 39.21
CA TRP C 183 16.37 -43.02 39.14
C TRP C 183 15.36 -42.03 39.69
N ALA C 184 14.13 -42.14 39.22
CA ALA C 184 13.06 -41.26 39.63
C ALA C 184 12.84 -41.18 41.13
N TYR C 185 12.94 -42.30 41.81
CA TYR C 185 12.73 -42.34 43.25
C TYR C 185 13.87 -41.76 44.08
N GLY C 186 15.09 -41.87 43.60
CA GLY C 186 16.20 -41.38 44.40
C GLY C 186 17.02 -40.22 43.91
N TYR C 187 16.69 -39.66 42.76
CA TYR C 187 17.51 -38.57 42.21
C TYR C 187 16.90 -37.16 42.13
N PRO C 188 15.88 -36.98 41.30
CA PRO C 188 15.25 -35.68 41.03
C PRO C 188 14.91 -34.81 42.23
N ARG C 189 14.46 -35.40 43.33
CA ARG C 189 14.10 -34.62 44.50
C ARG C 189 15.30 -34.14 45.31
N THR C 190 16.33 -34.96 45.39
CA THR C 190 17.48 -34.61 46.20
C THR C 190 18.74 -34.10 45.51
N ILE C 191 18.93 -34.44 44.24
CA ILE C 191 20.13 -34.00 43.53
C ILE C 191 20.25 -32.48 43.34
N PRO C 192 19.21 -31.84 42.79
CA PRO C 192 19.21 -30.39 42.52
C PRO C 192 19.52 -29.52 43.72
N PRO C 193 18.80 -29.69 44.82
CA PRO C 193 19.01 -28.91 46.03
C PRO C 193 20.39 -29.08 46.65
N SER C 194 21.05 -30.19 46.36
CA SER C 194 22.36 -30.45 46.92
C SER C 194 23.53 -30.08 46.02
N ALA C 195 23.22 -29.50 44.87
CA ALA C 195 24.25 -29.12 43.92
C ALA C 195 25.34 -28.32 44.61
N PRO C 196 26.59 -28.80 44.52
CA PRO C 196 27.75 -28.14 45.11
C PRO C 196 28.22 -26.96 44.28
N VAL C 197 27.39 -25.93 44.21
CA VAL C 197 27.71 -24.74 43.44
C VAL C 197 27.95 -23.51 44.31
N LYS C 198 28.30 -23.73 45.57
CA LYS C 198 28.62 -22.62 46.45
C LYS C 198 30.00 -22.12 46.06
N THR C 199 30.32 -20.89 46.43
CA THR C 199 31.59 -20.31 46.10
C THR C 199 32.77 -21.18 46.55
N GLU C 200 32.67 -21.70 47.76
CA GLU C 200 33.73 -22.51 48.32
C GLU C 200 33.88 -23.91 47.70
N ASP C 201 32.92 -24.33 46.88
CA ASP C 201 33.00 -25.63 46.24
C ASP C 201 33.74 -25.58 44.92
N LEU C 202 33.88 -24.41 44.33
CA LEU C 202 34.43 -24.32 42.99
C LEU C 202 35.84 -23.84 42.72
N HIS C 203 36.65 -23.61 43.74
CA HIS C 203 37.99 -23.10 43.48
C HIS C 203 39.17 -23.87 44.02
N LYS C 204 39.01 -25.13 44.33
CA LYS C 204 40.11 -25.92 44.83
C LYS C 204 40.87 -26.56 43.69
N VAL C 205 40.18 -26.83 42.59
CA VAL C 205 40.78 -27.41 41.40
C VAL C 205 40.22 -26.77 40.14
N PRO C 206 40.95 -26.89 39.03
CA PRO C 206 40.49 -26.32 37.75
C PRO C 206 39.18 -26.94 37.31
N ILE C 207 38.27 -26.09 36.84
CA ILE C 207 36.98 -26.54 36.38
C ILE C 207 36.66 -26.00 35.00
N ASP C 208 36.15 -26.86 34.14
CA ASP C 208 35.75 -26.47 32.81
C ASP C 208 34.31 -26.94 32.66
N TRP C 209 33.42 -25.98 32.79
CA TRP C 209 31.99 -26.18 32.77
C TRP C 209 31.37 -26.01 31.40
N THR C 210 30.42 -26.87 31.08
CA THR C 210 29.72 -26.85 29.82
C THR C 210 28.21 -27.05 29.97
N VAL C 211 27.50 -26.70 28.91
CA VAL C 211 26.05 -26.82 28.79
C VAL C 211 25.79 -27.20 27.32
N GLY C 212 24.71 -27.90 27.08
CA GLY C 212 24.37 -28.29 25.73
C GLY C 212 24.03 -27.10 24.86
N ALA C 213 24.66 -27.03 23.69
CA ALA C 213 24.43 -25.94 22.76
C ALA C 213 22.98 -25.83 22.30
N SER C 214 22.30 -26.95 22.21
CA SER C 214 20.91 -26.95 21.77
C SER C 214 19.92 -27.01 22.90
N THR C 215 20.43 -27.13 24.12
CA THR C 215 19.57 -27.16 25.29
C THR C 215 18.89 -25.81 25.44
N PRO C 216 17.59 -25.83 25.73
CA PRO C 216 16.89 -24.56 25.92
C PRO C 216 17.59 -23.79 27.05
N THR C 217 17.87 -22.53 26.78
CA THR C 217 18.56 -21.62 27.69
C THR C 217 18.17 -21.69 29.16
N LYS C 218 16.89 -21.58 29.46
CA LYS C 218 16.45 -21.60 30.84
C LYS C 218 16.89 -22.80 31.67
N LEU C 219 16.85 -23.99 31.08
CA LEU C 219 17.18 -25.21 31.78
C LEU C 219 18.46 -25.16 32.60
N PHE C 220 19.53 -24.62 32.02
CA PHE C 220 20.78 -24.53 32.73
C PHE C 220 21.35 -23.12 32.72
N PHE C 221 20.46 -22.15 32.61
CA PHE C 221 20.81 -20.74 32.61
C PHE C 221 21.63 -20.42 33.85
N GLU C 222 21.17 -20.90 34.99
CA GLU C 222 21.83 -20.68 36.25
C GLU C 222 23.28 -21.17 36.25
N ASN C 223 23.55 -22.29 35.56
CA ASN C 223 24.90 -22.82 35.47
C ASN C 223 25.84 -21.80 34.84
N ILE C 224 25.36 -21.14 33.79
CA ILE C 224 26.16 -20.16 33.07
C ILE C 224 26.45 -18.92 33.90
N VAL C 225 25.44 -18.45 34.62
CA VAL C 225 25.60 -17.27 35.44
C VAL C 225 26.58 -17.55 36.58
N ILE C 226 26.45 -18.70 37.22
CA ILE C 226 27.34 -19.04 38.30
C ILE C 226 28.78 -19.15 37.81
N ALA C 227 28.98 -19.87 36.73
CA ALA C 227 30.30 -20.03 36.15
C ALA C 227 30.95 -18.68 35.87
N ALA C 228 30.22 -17.83 35.16
CA ALA C 228 30.70 -16.50 34.77
C ALA C 228 31.03 -15.62 35.95
N ARG C 229 30.13 -15.57 36.91
CA ARG C 229 30.31 -14.76 38.10
C ARG C 229 31.49 -15.24 38.94
N GLU C 230 31.73 -16.54 38.95
CA GLU C 230 32.82 -17.13 39.69
C GLU C 230 34.12 -17.18 38.89
N GLY C 231 34.07 -16.75 37.64
CA GLY C 231 35.26 -16.76 36.80
C GLY C 231 35.72 -18.14 36.37
N ILE C 232 34.78 -19.07 36.25
CA ILE C 232 35.09 -20.42 35.84
C ILE C 232 34.82 -20.57 34.35
N ASN C 233 35.75 -21.22 33.65
CA ASN C 233 35.62 -21.45 32.23
C ASN C 233 34.27 -22.08 31.97
N ILE C 234 33.53 -21.49 31.05
CA ILE C 234 32.21 -21.97 30.74
C ILE C 234 32.03 -21.93 29.24
N GLY C 235 31.42 -22.98 28.69
CA GLY C 235 31.19 -23.05 27.27
C GLY C 235 30.12 -24.05 26.90
N THR C 236 29.95 -24.26 25.61
CA THR C 236 28.96 -25.21 25.15
C THR C 236 29.58 -26.39 24.44
N LEU C 237 28.77 -27.41 24.30
CA LEU C 237 29.13 -28.60 23.58
C LEU C 237 27.97 -28.88 22.68
N PRO C 238 28.24 -29.32 21.45
CA PRO C 238 27.16 -29.65 20.53
C PRO C 238 26.26 -30.67 21.18
N GLY C 239 24.98 -30.60 20.85
CA GLY C 239 24.04 -31.53 21.43
C GLY C 239 23.33 -30.92 22.62
N ASN C 240 22.71 -31.78 23.41
CA ASN C 240 21.95 -31.35 24.56
C ASN C 240 22.52 -31.92 25.86
N HIS C 241 21.80 -32.88 26.41
CA HIS C 241 22.12 -33.52 27.67
C HIS C 241 23.13 -34.65 27.57
N PHE C 242 23.23 -35.27 26.41
CA PHE C 242 24.14 -36.40 26.23
C PHE C 242 25.13 -36.17 25.10
N PRO C 243 26.04 -35.22 25.28
CA PRO C 243 27.00 -34.97 24.19
C PRO C 243 27.83 -36.19 23.86
N TYR C 244 28.09 -37.05 24.83
CA TYR C 244 28.90 -38.24 24.57
C TYR C 244 28.21 -39.24 23.65
N VAL C 245 26.89 -39.11 23.52
CA VAL C 245 26.14 -39.98 22.67
C VAL C 245 25.88 -39.29 21.33
N SER C 246 25.41 -38.06 21.41
CA SER C 246 25.06 -37.28 20.24
C SER C 246 26.23 -36.90 19.34
N HIS C 247 27.34 -36.48 19.94
CA HIS C 247 28.52 -36.06 19.21
C HIS C 247 29.79 -36.64 19.83
N PRO C 248 29.96 -37.95 19.74
CA PRO C 248 31.13 -38.60 20.36
C PRO C 248 32.48 -38.02 19.95
N GLU C 249 32.70 -37.71 18.68
CA GLU C 249 34.00 -37.18 18.27
C GLU C 249 34.30 -35.82 18.91
N GLU C 250 33.31 -34.95 18.92
CA GLU C 250 33.49 -33.63 19.50
C GLU C 250 33.63 -33.74 21.02
N PHE C 251 32.87 -34.64 21.61
CA PHE C 251 32.94 -34.85 23.05
C PHE C 251 34.34 -35.31 23.42
N ALA C 252 34.88 -36.26 22.67
CA ALA C 252 36.20 -36.79 22.92
C ALA C 252 37.27 -35.72 22.81
N LYS C 253 37.14 -34.90 21.78
CA LYS C 253 38.09 -33.83 21.53
C LYS C 253 38.10 -32.87 22.71
N TYR C 254 36.91 -32.54 23.20
CA TYR C 254 36.77 -31.63 24.32
C TYR C 254 37.45 -32.17 25.57
N VAL C 255 37.18 -33.43 25.89
CA VAL C 255 37.76 -34.05 27.07
C VAL C 255 39.27 -34.16 26.95
N VAL C 256 39.75 -34.54 25.78
CA VAL C 256 41.19 -34.67 25.59
C VAL C 256 41.88 -33.31 25.67
N GLU C 257 41.39 -32.33 24.93
CA GLU C 257 42.00 -31.02 24.92
C GLU C 257 41.99 -30.35 26.30
N THR C 258 40.87 -30.47 27.00
CA THR C 258 40.72 -29.88 28.32
C THR C 258 41.66 -30.51 29.34
N SER C 259 41.70 -31.83 29.37
CA SER C 259 42.54 -32.55 30.30
C SER C 259 44.02 -32.31 30.00
N ARG C 260 44.35 -32.31 28.71
CA ARG C 260 45.72 -32.13 28.25
C ARG C 260 46.34 -30.86 28.79
N LYS C 261 45.53 -29.81 28.94
CA LYS C 261 46.06 -28.55 29.43
C LYS C 261 46.39 -28.51 30.93
N TYR C 262 46.09 -29.59 31.65
CA TYR C 262 46.37 -29.62 33.07
C TYR C 262 47.43 -30.66 33.39
N LEU C 263 48.03 -31.22 32.34
CA LEU C 263 49.08 -32.21 32.52
C LEU C 263 50.43 -31.51 32.39
N LYS C 264 51.43 -32.05 33.05
CA LYS C 264 52.76 -31.47 32.98
C LYS C 264 53.40 -31.77 31.64
N ALA D 1 10.92 40.51 -22.56
CA ALA D 1 10.55 41.80 -23.14
C ALA D 1 10.43 42.86 -22.07
N THR D 2 9.32 42.84 -21.33
CA THR D 2 9.10 43.79 -20.26
C THR D 2 9.83 43.31 -19.02
N ARG D 3 11.12 43.59 -18.97
CA ARG D 3 11.96 43.16 -17.87
C ARG D 3 12.57 44.32 -17.11
N THR D 4 12.42 44.28 -15.79
CA THR D 4 12.98 45.27 -14.92
C THR D 4 14.48 45.04 -14.83
N ARG D 5 15.24 46.11 -14.89
CA ARG D 5 16.68 46.04 -14.79
C ARG D 5 17.08 47.19 -13.91
N GLY D 6 17.59 46.88 -12.72
CA GLY D 6 17.98 47.93 -11.82
C GLY D 6 19.06 47.60 -10.82
N TYR D 7 19.23 48.50 -9.87
CA TYR D 7 20.22 48.33 -8.84
C TYR D 7 19.59 48.52 -7.47
N VAL D 8 20.24 47.96 -6.46
CA VAL D 8 19.82 48.08 -5.09
C VAL D 8 20.98 47.76 -4.17
N THR D 9 21.21 48.62 -3.19
CA THR D 9 22.29 48.42 -2.25
C THR D 9 21.70 47.85 -0.97
N THR D 10 22.13 46.65 -0.61
CA THR D 10 21.62 46.02 0.58
C THR D 10 22.42 46.47 1.76
N LYS D 11 21.92 46.17 2.96
CA LYS D 11 22.59 46.57 4.19
C LYS D 11 23.98 45.97 4.39
N ASP D 12 24.35 45.02 3.57
CA ASP D 12 25.68 44.43 3.69
C ASP D 12 26.69 45.18 2.86
N GLY D 13 26.26 46.24 2.19
CA GLY D 13 27.14 47.04 1.38
C GLY D 13 27.27 46.67 -0.07
N ILE D 14 26.59 45.61 -0.47
CA ILE D 14 26.64 45.17 -1.86
C ILE D 14 25.72 46.01 -2.73
N LYS D 15 26.23 46.49 -3.84
CA LYS D 15 25.39 47.21 -4.78
C LYS D 15 25.03 46.23 -5.88
N TRP D 16 23.90 45.59 -5.72
CA TRP D 16 23.45 44.58 -6.67
C TRP D 16 22.86 45.11 -7.96
N TYR D 17 23.13 44.40 -9.03
CA TYR D 17 22.52 44.67 -10.31
C TYR D 17 21.59 43.47 -10.40
N TYR D 18 20.31 43.72 -10.61
CA TYR D 18 19.35 42.64 -10.66
C TYR D 18 18.36 42.81 -11.82
N GLU D 19 17.73 41.70 -12.18
CA GLU D 19 16.74 41.71 -13.24
C GLU D 19 15.55 40.91 -12.79
N GLN D 20 14.37 41.30 -13.23
CA GLN D 20 13.16 40.63 -12.85
C GLN D 20 12.13 40.69 -13.96
N GLU D 21 11.52 39.56 -14.27
CA GLU D 21 10.53 39.49 -15.33
C GLU D 21 9.35 38.61 -14.98
N GLY D 22 8.16 39.06 -15.34
CA GLY D 22 6.95 38.32 -15.11
C GLY D 22 6.29 38.47 -13.76
N SER D 23 5.23 37.72 -13.58
CA SER D 23 4.47 37.71 -12.33
C SER D 23 4.05 36.28 -12.03
N GLY D 24 3.71 36.03 -10.77
CA GLY D 24 3.32 34.71 -10.34
C GLY D 24 4.30 34.20 -9.31
N PRO D 25 4.35 32.89 -9.10
CA PRO D 25 5.29 32.33 -8.11
C PRO D 25 6.72 32.70 -8.44
N ASP D 26 7.51 32.95 -7.41
CA ASP D 26 8.89 33.34 -7.61
C ASP D 26 9.84 32.21 -8.00
N VAL D 27 10.72 32.55 -8.92
CA VAL D 27 11.75 31.64 -9.39
C VAL D 27 13.03 32.46 -9.38
N VAL D 28 14.06 31.95 -8.76
CA VAL D 28 15.31 32.67 -8.69
C VAL D 28 16.43 31.92 -9.39
N LEU D 29 17.12 32.59 -10.28
CA LEU D 29 18.21 31.99 -11.02
C LEU D 29 19.55 32.49 -10.52
N ILE D 30 20.16 31.70 -9.66
CA ILE D 30 21.44 32.05 -9.13
C ILE D 30 22.46 31.63 -10.15
N PRO D 31 23.32 32.56 -10.58
CA PRO D 31 24.35 32.22 -11.53
C PRO D 31 25.37 31.29 -10.95
N ASP D 32 26.28 30.88 -11.82
CA ASP D 32 27.40 30.05 -11.44
C ASP D 32 28.50 30.96 -10.90
N GLY D 33 29.66 30.37 -10.64
CA GLY D 33 30.79 31.10 -10.12
C GLY D 33 31.15 32.37 -10.84
N LEU D 34 30.91 32.41 -12.14
CA LEU D 34 31.22 33.59 -12.94
C LEU D 34 30.34 34.78 -12.60
N GLY D 35 29.19 34.52 -11.99
CA GLY D 35 28.26 35.55 -11.55
C GLY D 35 27.71 36.51 -12.56
N GLU D 36 27.58 36.05 -13.80
CA GLU D 36 27.09 36.86 -14.89
C GLU D 36 25.67 36.45 -15.22
N CYS D 37 24.71 37.28 -14.84
CA CYS D 37 23.29 36.98 -15.02
C CYS D 37 22.72 37.19 -16.41
N GLN D 38 23.53 37.71 -17.32
CA GLN D 38 23.12 37.91 -18.69
C GLN D 38 23.08 36.58 -19.44
N MET D 39 23.59 35.54 -18.78
CA MET D 39 23.59 34.19 -19.31
C MET D 39 22.18 33.60 -19.19
N PHE D 40 21.34 34.25 -18.40
CA PHE D 40 19.98 33.80 -18.19
C PHE D 40 18.97 34.54 -19.05
N ASP D 41 19.44 35.49 -19.85
CA ASP D 41 18.59 36.31 -20.72
C ASP D 41 17.48 35.53 -21.42
N LYS D 42 17.86 34.62 -22.30
CA LYS D 42 16.89 33.84 -23.06
C LYS D 42 15.96 33.01 -22.18
N PRO D 43 16.51 32.14 -21.33
CA PRO D 43 15.69 31.30 -20.47
C PRO D 43 14.78 32.09 -19.55
N MET D 44 15.26 33.23 -19.10
CA MET D 44 14.49 34.09 -18.20
C MET D 44 13.12 34.40 -18.78
N SER D 45 13.11 34.86 -20.02
CA SER D 45 11.87 35.20 -20.68
C SER D 45 11.00 33.98 -20.87
N LEU D 46 11.62 32.86 -21.22
CA LEU D 46 10.87 31.63 -21.44
C LEU D 46 10.19 31.16 -20.17
N ILE D 47 10.93 31.19 -19.06
CA ILE D 47 10.38 30.77 -17.79
C ILE D 47 9.26 31.72 -17.38
N ALA D 48 9.57 33.02 -17.45
CA ALA D 48 8.65 34.09 -17.09
C ALA D 48 7.32 33.96 -17.80
N SER D 49 7.38 33.58 -19.07
CA SER D 49 6.17 33.46 -19.86
C SER D 49 5.31 32.26 -19.49
N ASN D 50 5.75 31.47 -18.53
CA ASN D 50 4.98 30.30 -18.12
C ASN D 50 4.24 30.56 -16.81
N GLY D 51 4.16 31.82 -16.41
CA GLY D 51 3.44 32.17 -15.19
C GLY D 51 4.24 32.28 -13.91
N PHE D 52 5.50 32.67 -14.03
CA PHE D 52 6.35 32.83 -12.86
C PHE D 52 7.00 34.19 -12.86
N ARG D 53 7.35 34.68 -11.67
CA ARG D 53 8.09 35.91 -11.55
C ARG D 53 9.52 35.46 -11.40
N VAL D 54 10.33 35.71 -12.42
CA VAL D 54 11.71 35.30 -12.41
C VAL D 54 12.67 36.42 -12.03
N THR D 55 13.56 36.11 -11.11
CA THR D 55 14.54 37.06 -10.64
C THR D 55 15.95 36.49 -10.78
N THR D 56 16.85 37.35 -11.20
CA THR D 56 18.24 37.01 -11.34
C THR D 56 19.09 38.24 -11.06
N PHE D 57 20.39 38.04 -10.95
CA PHE D 57 21.29 39.11 -10.60
C PHE D 57 22.75 38.75 -10.83
N ASP D 58 23.59 39.76 -10.87
CA ASP D 58 25.00 39.55 -11.01
C ASP D 58 25.48 39.27 -9.59
N MET D 59 26.39 38.34 -9.41
CA MET D 59 26.85 38.05 -8.08
C MET D 59 27.79 39.12 -7.53
N PRO D 60 27.85 39.24 -6.20
CA PRO D 60 28.68 40.23 -5.51
C PRO D 60 30.10 40.26 -5.99
N GLY D 61 30.52 41.43 -6.47
CA GLY D 61 31.86 41.62 -6.97
C GLY D 61 32.04 41.28 -8.42
N MET D 62 31.02 40.67 -9.02
CA MET D 62 31.06 40.25 -10.41
C MET D 62 30.20 41.11 -11.30
N SER D 63 30.70 41.35 -12.49
CA SER D 63 30.02 42.12 -13.50
C SER D 63 29.44 43.44 -13.00
N ARG D 64 28.16 43.64 -13.22
CA ARG D 64 27.49 44.87 -12.81
C ARG D 64 27.26 44.98 -11.31
N SER D 65 27.53 43.91 -10.57
CA SER D 65 27.38 43.92 -9.13
C SER D 65 28.76 44.10 -8.48
N SER D 66 29.71 44.54 -9.27
CA SER D 66 31.08 44.72 -8.85
C SER D 66 31.29 45.66 -7.66
N ASP D 67 30.45 46.67 -7.51
CA ASP D 67 30.63 47.58 -6.39
C ASP D 67 30.14 46.93 -5.11
N ALA D 68 31.02 46.11 -4.52
CA ALA D 68 30.70 45.41 -3.31
C ALA D 68 31.95 45.24 -2.45
N PRO D 69 31.77 45.06 -1.16
CA PRO D 69 32.91 44.89 -0.27
C PRO D 69 33.64 43.61 -0.63
N PRO D 70 34.97 43.62 -0.51
CA PRO D 70 35.88 42.51 -0.82
C PRO D 70 35.49 41.23 -0.11
N GLU D 71 34.94 41.35 1.09
CA GLU D 71 34.55 40.18 1.86
C GLU D 71 33.43 39.38 1.20
N THR D 72 32.66 40.02 0.34
CA THR D 72 31.56 39.36 -0.33
C THR D 72 31.98 38.55 -1.56
N TYR D 73 33.26 38.59 -1.89
CA TYR D 73 33.77 37.84 -3.01
C TYR D 73 35.11 37.16 -2.72
N GLN D 74 35.42 37.04 -1.44
CA GLN D 74 36.65 36.41 -1.00
C GLN D 74 36.27 35.34 0.01
N ASP D 75 37.03 34.23 0.01
CA ASP D 75 36.78 33.09 0.89
C ASP D 75 35.31 32.67 0.82
N ILE D 76 34.82 32.58 -0.41
CA ILE D 76 33.42 32.27 -0.67
C ILE D 76 32.97 30.84 -0.40
N THR D 77 31.80 30.73 0.22
CA THR D 77 31.15 29.46 0.50
C THR D 77 29.69 29.58 0.12
N GLY D 78 29.02 28.45 0.06
CA GLY D 78 27.61 28.45 -0.25
C GLY D 78 26.83 29.21 0.80
N ARG D 79 27.19 28.99 2.07
CA ARG D 79 26.50 29.65 3.17
C ARG D 79 26.69 31.16 3.15
N LYS D 80 27.89 31.61 2.85
CA LYS D 80 28.15 33.03 2.76
C LYS D 80 27.26 33.64 1.69
N LEU D 81 27.27 33.03 0.52
CA LEU D 81 26.47 33.50 -0.60
C LEU D 81 24.98 33.46 -0.26
N ALA D 82 24.54 32.40 0.40
CA ALA D 82 23.16 32.26 0.80
C ALA D 82 22.72 33.43 1.65
N GLY D 83 23.57 33.82 2.60
CA GLY D 83 23.29 34.94 3.46
C GLY D 83 23.03 36.20 2.68
N TYR D 84 23.90 36.49 1.72
CA TYR D 84 23.75 37.65 0.88
C TYR D 84 22.45 37.61 0.09
N ILE D 85 22.15 36.44 -0.47
CA ILE D 85 20.96 36.24 -1.28
C ILE D 85 19.70 36.48 -0.48
N ILE D 86 19.69 35.97 0.74
CA ILE D 86 18.55 36.14 1.61
C ILE D 86 18.29 37.62 1.84
N THR D 87 19.35 38.38 2.05
CA THR D 87 19.20 39.81 2.25
C THR D 87 18.61 40.43 0.99
N LEU D 88 19.13 40.05 -0.16
CA LEU D 88 18.65 40.58 -1.43
C LEU D 88 17.17 40.27 -1.63
N LEU D 89 16.81 39.02 -1.38
CA LEU D 89 15.43 38.59 -1.53
C LEU D 89 14.47 39.37 -0.63
N ASP D 90 14.93 39.69 0.57
CA ASP D 90 14.13 40.45 1.53
C ASP D 90 13.85 41.83 0.94
N THR D 91 14.88 42.40 0.35
CA THR D 91 14.81 43.70 -0.26
C THR D 91 13.91 43.72 -1.48
N LEU D 92 13.84 42.60 -2.20
CA LEU D 92 13.04 42.52 -3.40
C LEU D 92 11.61 42.03 -3.16
N ASP D 93 11.28 41.85 -1.89
CA ASP D 93 9.96 41.38 -1.47
C ASP D 93 9.64 39.96 -1.92
N ILE D 94 10.64 39.09 -1.94
CA ILE D 94 10.42 37.70 -2.32
C ILE D 94 10.40 36.82 -1.08
N LYS D 95 9.24 36.31 -0.75
CA LYS D 95 9.07 35.47 0.43
C LYS D 95 9.56 34.04 0.30
N ILE D 96 9.13 33.35 -0.74
CA ILE D 96 9.50 31.97 -0.97
C ILE D 96 9.77 31.76 -2.46
N ALA D 97 10.74 30.93 -2.79
CA ALA D 97 11.07 30.72 -4.19
C ALA D 97 11.60 29.37 -4.62
N SER D 98 11.54 29.15 -5.93
CA SER D 98 12.07 27.98 -6.57
C SER D 98 13.44 28.48 -6.97
N VAL D 99 14.49 27.85 -6.47
CA VAL D 99 15.85 28.31 -6.74
C VAL D 99 16.75 27.42 -7.56
N TRP D 100 17.31 27.99 -8.62
CA TRP D 100 18.24 27.30 -9.48
C TRP D 100 19.66 27.82 -9.23
N GLY D 101 20.62 26.91 -9.28
CA GLY D 101 22.00 27.28 -9.11
C GLY D 101 22.97 26.24 -9.59
N CYS D 102 23.97 26.67 -10.33
CA CYS D 102 25.00 25.80 -10.85
C CYS D 102 26.31 26.17 -10.17
N ALA D 103 27.15 25.17 -9.94
CA ALA D 103 28.47 25.34 -9.35
C ALA D 103 28.37 25.96 -7.97
N SER D 104 28.97 27.13 -7.80
CA SER D 104 28.89 27.85 -6.54
C SER D 104 27.43 28.22 -6.27
N GLY D 105 26.67 28.38 -7.34
CA GLY D 105 25.26 28.68 -7.26
C GLY D 105 24.53 27.47 -6.74
N ALA D 106 24.96 26.29 -7.17
CA ALA D 106 24.38 25.04 -6.71
C ALA D 106 24.66 24.90 -5.20
N SER D 107 25.86 25.26 -4.77
CA SER D 107 26.21 25.19 -3.36
C SER D 107 25.34 26.14 -2.56
N THR D 108 25.08 27.30 -3.15
CA THR D 108 24.25 28.32 -2.54
C THR D 108 22.86 27.76 -2.35
N VAL D 109 22.33 27.15 -3.41
CA VAL D 109 21.01 26.55 -3.37
C VAL D 109 20.91 25.56 -2.21
N LEU D 110 21.93 24.73 -2.03
CA LEU D 110 21.94 23.73 -0.97
C LEU D 110 22.00 24.38 0.39
N ALA D 111 22.78 25.44 0.49
CA ALA D 111 22.88 26.19 1.73
C ALA D 111 21.51 26.74 2.07
N LEU D 112 20.81 27.23 1.05
CA LEU D 112 19.47 27.78 1.25
C LEU D 112 18.50 26.71 1.69
N CYS D 113 18.59 25.53 1.08
CA CYS D 113 17.70 24.42 1.43
C CYS D 113 17.96 23.95 2.85
N SER D 114 19.21 24.02 3.27
CA SER D 114 19.60 23.57 4.57
C SER D 114 19.41 24.57 5.71
N ASP D 115 19.77 25.82 5.48
CA ASP D 115 19.70 26.84 6.51
C ASP D 115 18.53 27.81 6.46
N TYR D 116 17.89 27.93 5.32
CA TYR D 116 16.76 28.83 5.17
C TYR D 116 15.63 28.13 4.44
N PRO D 117 15.28 26.93 4.89
CA PRO D 117 14.24 26.11 4.26
C PRO D 117 12.89 26.79 4.12
N GLU D 118 12.59 27.78 4.96
CA GLU D 118 11.31 28.46 4.89
C GLU D 118 11.18 29.37 3.68
N ARG D 119 12.30 29.71 3.07
CA ARG D 119 12.31 30.59 1.92
C ARG D 119 12.39 29.85 0.59
N VAL D 120 12.54 28.53 0.65
CA VAL D 120 12.68 27.71 -0.54
C VAL D 120 11.53 26.75 -0.79
N ARG D 121 10.87 26.94 -1.93
CA ARG D 121 9.79 26.07 -2.32
C ARG D 121 10.38 24.75 -2.81
N ASN D 122 11.44 24.86 -3.59
CA ASN D 122 12.13 23.71 -4.13
C ASN D 122 13.51 24.13 -4.65
N GLY D 123 14.50 23.29 -4.42
CA GLY D 123 15.86 23.57 -4.84
C GLY D 123 16.27 22.80 -6.08
N MET D 124 16.94 23.45 -6.98
CA MET D 124 17.40 22.83 -8.20
C MET D 124 18.88 23.04 -8.36
N PRO D 125 19.69 22.23 -7.67
CA PRO D 125 21.14 22.36 -7.75
C PRO D 125 21.70 21.67 -8.99
N HIS D 126 22.76 22.23 -9.55
CA HIS D 126 23.41 21.68 -10.73
C HIS D 126 24.91 21.69 -10.60
N GLU D 127 25.52 20.52 -10.67
CA GLU D 127 26.96 20.34 -10.59
C GLU D 127 27.56 21.04 -9.36
N VAL D 128 27.24 20.50 -8.20
CA VAL D 128 27.74 21.01 -6.95
C VAL D 128 29.20 20.65 -6.82
N PRO D 129 30.04 21.67 -6.67
CA PRO D 129 31.46 21.37 -6.52
C PRO D 129 31.74 20.74 -5.17
N THR D 130 32.35 19.58 -5.16
CA THR D 130 32.68 18.90 -3.93
C THR D 130 34.16 18.54 -3.90
N GLU D 131 34.77 18.51 -5.06
CA GLU D 131 36.17 18.21 -5.15
C GLU D 131 36.88 19.36 -5.82
N ASN D 132 38.18 19.44 -5.58
CA ASN D 132 38.99 20.48 -6.18
C ASN D 132 39.63 19.84 -7.38
N PRO D 133 39.09 20.08 -8.58
CA PRO D 133 39.65 19.47 -9.79
C PRO D 133 41.07 19.94 -10.08
N ASP D 134 41.87 19.06 -10.65
CA ASP D 134 43.29 19.33 -10.95
C ASP D 134 43.59 20.55 -11.81
N ILE D 135 42.68 20.88 -12.73
CA ILE D 135 42.88 22.03 -13.60
C ILE D 135 42.80 23.40 -12.91
N LEU D 136 42.19 23.47 -11.73
CA LEU D 136 42.06 24.71 -11.00
C LEU D 136 42.93 24.74 -9.75
N LEU D 137 43.73 23.71 -9.54
CA LEU D 137 44.60 23.63 -8.37
C LEU D 137 45.44 24.86 -8.08
N HIS D 138 46.03 25.44 -9.12
CA HIS D 138 46.88 26.61 -8.95
C HIS D 138 46.43 27.84 -9.73
N ILE D 139 45.13 27.98 -9.91
CA ILE D 139 44.58 29.11 -10.64
C ILE D 139 44.62 30.40 -9.83
N HIS D 140 44.66 30.27 -8.51
CA HIS D 140 44.67 31.40 -7.60
C HIS D 140 46.04 32.03 -7.38
N GLU D 141 47.08 31.49 -8.01
CA GLU D 141 48.41 32.04 -7.78
C GLU D 141 49.11 32.50 -9.05
N VAL D 142 48.35 32.71 -10.11
CA VAL D 142 48.95 33.17 -11.34
C VAL D 142 48.50 34.57 -11.66
N ASP D 143 49.12 35.16 -12.68
CA ASP D 143 48.79 36.49 -13.15
C ASP D 143 47.33 36.58 -13.59
N PRO D 144 46.66 37.69 -13.26
CA PRO D 144 45.27 37.87 -13.69
C PRO D 144 45.08 37.61 -15.17
N ALA D 145 45.95 38.15 -16.01
CA ALA D 145 45.82 37.95 -17.44
C ALA D 145 45.88 36.48 -17.76
N THR D 146 46.77 35.76 -17.08
CA THR D 146 46.91 34.34 -17.32
C THR D 146 45.60 33.67 -16.89
N ILE D 147 45.15 34.01 -15.69
CA ILE D 147 43.91 33.49 -15.15
C ILE D 147 42.77 33.70 -16.11
N SER D 148 42.67 34.90 -16.65
CA SER D 148 41.61 35.23 -17.59
C SER D 148 41.76 34.43 -18.88
N GLN D 149 43.00 34.18 -19.26
CA GLN D 149 43.27 33.41 -20.46
C GLN D 149 42.86 31.97 -20.22
N GLU D 150 43.31 31.41 -19.11
CA GLU D 150 43.01 30.03 -18.76
C GLU D 150 41.52 29.79 -18.54
N MET D 151 40.91 30.58 -17.66
CA MET D 151 39.50 30.43 -17.33
C MET D 151 38.54 30.67 -18.48
N ALA D 152 38.95 31.49 -19.45
CA ALA D 152 38.10 31.76 -20.59
C ALA D 152 38.02 30.53 -21.48
N ALA D 153 39.15 29.85 -21.63
CA ALA D 153 39.19 28.64 -22.44
C ALA D 153 38.45 27.53 -21.71
N ASN D 154 38.77 27.39 -20.44
CA ASN D 154 38.14 26.38 -19.60
C ASN D 154 36.63 26.55 -19.62
N SER D 155 36.17 27.78 -19.45
CA SER D 155 34.73 28.05 -19.44
C SER D 155 34.09 27.75 -20.79
N ARG D 156 34.76 28.15 -21.86
CA ARG D 156 34.24 27.92 -23.19
C ARG D 156 34.19 26.45 -23.50
N ALA D 157 35.20 25.72 -23.03
CA ALA D 157 35.27 24.28 -23.26
C ALA D 157 34.16 23.54 -22.53
N ALA D 158 33.74 24.09 -21.39
CA ALA D 158 32.68 23.49 -20.59
C ALA D 158 31.33 24.10 -20.92
N SER D 159 31.31 24.95 -21.94
CA SER D 159 30.10 25.64 -22.33
C SER D 159 28.96 24.75 -22.77
N GLY D 160 29.28 23.64 -23.40
CA GLY D 160 28.26 22.73 -23.86
C GLY D 160 27.73 23.06 -25.24
N ASN D 161 28.11 24.23 -25.73
CA ASN D 161 27.70 24.73 -27.04
C ASN D 161 28.52 25.98 -27.31
N VAL D 162 29.72 25.80 -27.85
CA VAL D 162 30.61 26.92 -28.12
C VAL D 162 29.98 28.04 -28.96
N GLU D 163 29.13 27.67 -29.91
CA GLU D 163 28.51 28.67 -30.74
C GLU D 163 27.64 29.58 -29.89
N ALA D 164 26.83 28.96 -29.03
CA ALA D 164 25.95 29.71 -28.15
C ALA D 164 26.73 30.49 -27.13
N TRP D 165 27.86 29.93 -26.71
CA TRP D 165 28.72 30.56 -25.72
C TRP D 165 29.30 31.83 -26.30
N ASP D 166 29.89 31.71 -27.48
CA ASP D 166 30.51 32.83 -28.16
C ASP D 166 29.51 33.92 -28.45
N ALA D 167 28.28 33.50 -28.72
CA ALA D 167 27.17 34.39 -29.06
C ALA D 167 26.58 35.16 -27.91
N LEU D 168 27.19 35.06 -26.74
CA LEU D 168 26.71 35.81 -25.60
C LEU D 168 26.97 37.28 -25.90
N GLY D 169 28.07 37.54 -26.61
CA GLY D 169 28.42 38.89 -26.97
C GLY D 169 29.73 39.35 -26.38
N PRO D 170 30.37 40.33 -27.02
CA PRO D 170 31.65 40.85 -26.53
C PRO D 170 31.51 41.64 -25.24
N GLU D 171 30.32 42.17 -24.98
CA GLU D 171 30.09 42.91 -23.76
C GLU D 171 30.17 41.95 -22.59
N VAL D 172 29.43 40.86 -22.72
CA VAL D 172 29.37 39.83 -21.70
C VAL D 172 30.76 39.30 -21.44
N HIS D 173 31.47 38.94 -22.50
CA HIS D 173 32.81 38.41 -22.36
C HIS D 173 33.79 39.41 -21.80
N ALA D 174 33.55 40.69 -22.03
CA ALA D 174 34.40 41.71 -21.49
C ALA D 174 34.23 41.67 -19.99
N ARG D 175 32.98 41.59 -19.54
CA ARG D 175 32.67 41.52 -18.12
C ARG D 175 33.26 40.24 -17.54
N LEU D 176 33.07 39.14 -18.25
CA LEU D 176 33.57 37.83 -17.82
C LEU D 176 35.07 37.90 -17.67
N HIS D 177 35.72 38.61 -18.57
CA HIS D 177 37.16 38.77 -18.55
C HIS D 177 37.67 39.31 -17.22
N ASP D 178 36.97 40.28 -16.66
CA ASP D 178 37.37 40.85 -15.37
C ASP D 178 36.90 40.02 -14.20
N ASN D 179 35.93 39.16 -14.41
CA ASN D 179 35.43 38.32 -13.34
C ASN D 179 36.36 37.15 -13.00
N TYR D 180 36.98 36.58 -14.03
CA TYR D 180 37.84 35.41 -13.87
C TYR D 180 38.85 35.49 -12.72
N PRO D 181 39.67 36.53 -12.69
CA PRO D 181 40.64 36.62 -11.60
C PRO D 181 39.95 36.67 -10.25
N ARG D 182 38.89 37.44 -10.15
CA ARG D 182 38.15 37.57 -8.92
C ARG D 182 37.59 36.22 -8.50
N TRP D 183 37.01 35.50 -9.45
CA TRP D 183 36.47 34.19 -9.14
C TRP D 183 37.56 33.28 -8.62
N ALA D 184 38.70 33.29 -9.30
CA ALA D 184 39.82 32.45 -8.93
C ALA D 184 40.33 32.68 -7.51
N TYR D 185 40.44 33.94 -7.12
CA TYR D 185 40.92 34.28 -5.80
C TYR D 185 40.01 33.90 -4.63
N GLY D 186 38.70 33.93 -4.84
CA GLY D 186 37.81 33.62 -3.75
C GLY D 186 36.87 32.44 -3.83
N TYR D 187 36.95 31.68 -4.92
CA TYR D 187 36.03 30.56 -5.09
C TYR D 187 36.54 29.12 -5.01
N PRO D 188 37.36 28.69 -5.98
CA PRO D 188 37.85 27.32 -6.10
C PRO D 188 38.45 26.68 -4.85
N ARG D 189 39.15 27.43 -4.03
CA ARG D 189 39.74 26.86 -2.83
C ARG D 189 38.74 26.63 -1.70
N THR D 190 37.72 27.47 -1.60
CA THR D 190 36.78 27.37 -0.50
C THR D 190 35.38 26.87 -0.78
N ILE D 191 34.94 26.95 -2.03
CA ILE D 191 33.60 26.49 -2.37
C ILE D 191 33.41 24.97 -2.23
N PRO D 192 34.29 24.19 -2.85
CA PRO D 192 34.15 22.73 -2.82
C PRO D 192 34.11 22.11 -1.43
N PRO D 193 35.02 22.51 -0.54
CA PRO D 193 35.07 21.98 0.83
C PRO D 193 33.88 22.37 1.69
N SER D 194 33.20 23.45 1.33
CA SER D 194 32.07 23.91 2.11
C SER D 194 30.73 23.42 1.59
N ALA D 195 30.78 22.57 0.56
CA ALA D 195 29.59 22.02 -0.05
C ALA D 195 28.63 21.49 1.00
N PRO D 196 27.40 22.02 1.03
CA PRO D 196 26.40 21.54 1.99
C PRO D 196 25.75 20.26 1.48
N VAL D 197 26.51 19.18 1.48
CA VAL D 197 26.01 17.92 1.00
C VAL D 197 25.94 16.85 2.07
N LYS D 198 25.92 17.27 3.32
CA LYS D 198 25.77 16.34 4.43
C LYS D 198 24.31 15.91 4.47
N THR D 199 24.04 14.78 5.12
CA THR D 199 22.68 14.26 5.22
C THR D 199 21.70 15.30 5.72
N GLU D 200 22.08 16.02 6.77
CA GLU D 200 21.21 17.02 7.36
C GLU D 200 20.94 18.26 6.50
N ASP D 201 21.71 18.49 5.47
CA ASP D 201 21.50 19.64 4.61
C ASP D 201 20.49 19.37 3.53
N LEU D 202 20.25 18.10 3.24
CA LEU D 202 19.44 17.70 2.11
C LEU D 202 17.98 17.29 2.22
N HIS D 203 17.40 17.30 3.41
CA HIS D 203 16.02 16.85 3.51
C HIS D 203 14.99 17.78 4.15
N LYS D 204 15.24 19.07 4.11
CA LYS D 204 14.30 20.01 4.69
C LYS D 204 13.29 20.47 3.64
N VAL D 205 13.71 20.55 2.39
CA VAL D 205 12.84 20.94 1.30
C VAL D 205 13.09 20.06 0.09
N PRO D 206 12.14 20.04 -0.85
CA PRO D 206 12.29 19.23 -2.06
C PRO D 206 13.50 19.64 -2.88
N ILE D 207 14.25 18.66 -3.35
CA ILE D 207 15.44 18.92 -4.15
C ILE D 207 15.48 18.08 -5.42
N ASP D 208 15.72 18.73 -6.54
CA ASP D 208 15.84 18.05 -7.81
C ASP D 208 17.22 18.42 -8.33
N TRP D 209 18.12 17.46 -8.26
CA TRP D 209 19.52 17.62 -8.61
C TRP D 209 19.83 17.21 -10.04
N THR D 210 20.74 17.93 -10.68
CA THR D 210 21.16 17.65 -12.03
C THR D 210 22.67 17.79 -12.26
N VAL D 211 23.14 17.16 -13.32
CA VAL D 211 24.52 17.20 -13.77
C VAL D 211 24.46 17.28 -15.30
N GLY D 212 25.44 17.90 -15.92
CA GLY D 212 25.46 18.00 -17.36
C GLY D 212 25.59 16.65 -18.01
N ALA D 213 24.75 16.39 -19.00
CA ALA D 213 24.77 15.13 -19.73
C ALA D 213 26.10 14.88 -20.43
N SER D 214 26.72 15.93 -20.94
CA SER D 214 27.99 15.76 -21.63
C SER D 214 29.19 15.99 -20.77
N THR D 215 28.95 16.33 -19.52
CA THR D 215 30.04 16.57 -18.60
C THR D 215 30.76 15.26 -18.33
N PRO D 216 32.09 15.27 -18.37
CA PRO D 216 32.83 14.05 -18.06
C PRO D 216 32.40 13.50 -16.70
N THR D 217 32.09 12.22 -16.66
CA THR D 217 31.63 11.52 -15.48
C THR D 217 32.31 11.86 -14.15
N LYS D 218 33.62 11.79 -14.12
CA LYS D 218 34.36 12.05 -12.89
C LYS D 218 34.16 13.43 -12.23
N LEU D 219 33.91 14.45 -13.02
CA LEU D 219 33.78 15.79 -12.47
C LEU D 219 32.72 15.92 -11.38
N PHE D 220 31.54 15.38 -11.62
CA PHE D 220 30.48 15.47 -10.64
C PHE D 220 29.89 14.12 -10.26
N PHE D 221 30.76 13.11 -10.32
CA PHE D 221 30.41 11.74 -9.99
C PHE D 221 29.83 11.71 -8.59
N GLU D 222 30.51 12.41 -7.69
CA GLU D 222 30.12 12.51 -6.31
C GLU D 222 28.69 13.03 -6.12
N ASN D 223 28.26 13.97 -6.96
CA ASN D 223 26.91 14.50 -6.88
C ASN D 223 25.92 13.37 -7.03
N ILE D 224 26.13 12.54 -8.05
CA ILE D 224 25.24 11.44 -8.33
C ILE D 224 25.16 10.42 -7.21
N VAL D 225 26.31 10.02 -6.69
CA VAL D 225 26.33 9.05 -5.61
C VAL D 225 25.58 9.57 -4.40
N ILE D 226 25.87 10.80 -4.01
CA ILE D 226 25.23 11.43 -2.87
C ILE D 226 23.72 11.48 -3.04
N ALA D 227 23.28 12.01 -4.16
CA ALA D 227 21.87 12.10 -4.48
C ALA D 227 21.18 10.75 -4.39
N ALA D 228 21.75 9.76 -5.07
CA ALA D 228 21.21 8.41 -5.09
C ALA D 228 21.22 7.78 -3.71
N ARG D 229 22.30 8.01 -2.99
CA ARG D 229 22.46 7.49 -1.65
C ARG D 229 21.45 8.10 -0.67
N GLU D 230 21.11 9.36 -0.87
CA GLU D 230 20.19 10.06 0.02
C GLU D 230 18.76 10.04 -0.46
N GLY D 231 18.49 9.36 -1.56
CA GLY D 231 17.15 9.29 -2.11
C GLY D 231 16.69 10.61 -2.70
N ILE D 232 17.61 11.36 -3.27
CA ILE D 232 17.31 12.64 -3.88
C ILE D 232 17.20 12.50 -5.39
N ASN D 233 16.15 13.09 -5.94
CA ASN D 233 15.90 13.08 -7.37
C ASN D 233 17.16 13.57 -8.06
N ILE D 234 17.64 12.81 -9.03
CA ILE D 234 18.85 13.16 -9.72
C ILE D 234 18.73 12.78 -11.19
N GLY D 235 19.25 13.64 -12.05
CA GLY D 235 19.22 13.39 -13.48
C GLY D 235 20.17 14.29 -14.22
N THR D 236 20.10 14.24 -15.55
CA THR D 236 20.94 15.07 -16.36
C THR D 236 20.13 16.10 -17.12
N LEU D 237 20.86 17.04 -17.67
CA LEU D 237 20.33 18.09 -18.49
C LEU D 237 21.32 18.18 -19.63
N PRO D 238 20.83 18.39 -20.85
CA PRO D 238 21.71 18.51 -22.00
C PRO D 238 22.75 19.58 -21.77
N GLY D 239 23.92 19.39 -22.33
CA GLY D 239 24.97 20.36 -22.17
C GLY D 239 25.95 19.96 -21.11
N ASN D 240 26.69 20.95 -20.63
CA ASN D 240 27.70 20.74 -19.61
C ASN D 240 27.45 21.59 -18.38
N HIS D 241 28.26 22.62 -18.23
CA HIS D 241 28.22 23.51 -17.10
C HIS D 241 27.22 24.66 -17.19
N PHE D 242 26.86 25.04 -18.40
CA PHE D 242 25.96 26.14 -18.59
C PHE D 242 24.79 25.75 -19.44
N PRO D 243 23.90 24.91 -18.92
CA PRO D 243 22.72 24.44 -19.63
C PRO D 243 21.80 25.59 -20.00
N TYR D 244 21.83 26.65 -19.22
CA TYR D 244 20.99 27.79 -19.52
C TYR D 244 21.51 28.56 -20.73
N VAL D 245 22.78 28.37 -21.04
CA VAL D 245 23.37 29.00 -22.21
C VAL D 245 23.28 28.07 -23.41
N SER D 246 23.85 26.89 -23.26
CA SER D 246 23.89 25.90 -24.32
C SER D 246 22.54 25.40 -24.82
N HIS D 247 21.58 25.21 -23.93
CA HIS D 247 20.28 24.70 -24.30
C HIS D 247 19.14 25.40 -23.58
N PRO D 248 18.91 26.67 -23.90
CA PRO D 248 17.89 27.53 -23.30
C PRO D 248 16.50 26.91 -23.13
N GLU D 249 15.91 26.42 -24.20
CA GLU D 249 14.58 25.87 -24.14
C GLU D 249 14.47 24.68 -23.22
N GLU D 250 15.44 23.78 -23.31
CA GLU D 250 15.44 22.60 -22.46
C GLU D 250 15.58 23.05 -21.00
N PHE D 251 16.52 23.95 -20.76
CA PHE D 251 16.74 24.45 -19.42
C PHE D 251 15.48 25.08 -18.88
N ALA D 252 14.86 25.94 -19.67
CA ALA D 252 13.65 26.61 -19.25
C ALA D 252 12.56 25.61 -18.93
N LYS D 253 12.40 24.60 -19.76
CA LYS D 253 11.38 23.59 -19.54
C LYS D 253 11.61 22.84 -18.23
N TYR D 254 12.86 22.48 -17.98
CA TYR D 254 13.20 21.79 -16.74
C TYR D 254 12.81 22.61 -15.54
N VAL D 255 13.20 23.88 -15.52
CA VAL D 255 12.88 24.75 -14.40
C VAL D 255 11.38 24.93 -14.24
N VAL D 256 10.66 25.07 -15.35
CA VAL D 256 9.22 25.25 -15.26
C VAL D 256 8.54 23.99 -14.75
N GLU D 257 8.82 22.86 -15.38
CA GLU D 257 8.22 21.59 -14.98
C GLU D 257 8.50 21.23 -13.54
N THR D 258 9.77 21.32 -13.15
CA THR D 258 10.19 21.00 -11.80
C THR D 258 9.54 21.86 -10.74
N SER D 259 9.55 23.17 -10.94
CA SER D 259 8.95 24.08 -9.96
C SER D 259 7.45 23.93 -9.89
N ARG D 260 6.84 23.71 -11.05
CA ARG D 260 5.40 23.57 -11.19
C ARG D 260 4.83 22.47 -10.32
N LYS D 261 5.57 21.39 -10.17
CA LYS D 261 5.09 20.26 -9.38
C LYS D 261 5.05 20.51 -7.87
N TYR D 262 5.63 21.61 -7.41
CA TYR D 262 5.64 21.90 -5.99
C TYR D 262 4.72 23.06 -5.64
N LEU D 263 3.99 23.56 -6.62
CA LEU D 263 3.08 24.66 -6.34
C LEU D 263 1.87 24.08 -5.63
N LYS D 264 1.51 24.69 -4.52
CA LYS D 264 0.39 24.22 -3.71
C LYS D 264 -1.00 24.53 -4.27
N THR E 2 -5.47 -42.11 17.30
CA THR E 2 -4.53 -41.93 16.21
C THR E 2 -5.25 -41.70 14.88
N ARG E 3 -4.79 -40.72 14.13
CA ARG E 3 -5.47 -40.33 12.90
C ARG E 3 -4.94 -40.90 11.59
N THR E 4 -5.86 -41.40 10.77
CA THR E 4 -5.50 -41.90 9.45
C THR E 4 -5.73 -40.79 8.45
N ARG E 5 -4.81 -40.62 7.53
CA ARG E 5 -4.92 -39.60 6.50
C ARG E 5 -4.64 -40.24 5.17
N GLY E 6 -5.65 -40.29 4.30
CA GLY E 6 -5.45 -40.90 3.01
C GLY E 6 -6.31 -40.42 1.87
N TYR E 7 -6.14 -41.05 0.72
CA TYR E 7 -6.88 -40.69 -0.47
C TYR E 7 -7.63 -41.88 -1.01
N VAL E 8 -8.76 -41.61 -1.63
CA VAL E 8 -9.57 -42.64 -2.21
C VAL E 8 -10.44 -42.06 -3.30
N THR E 9 -10.45 -42.71 -4.45
CA THR E 9 -11.22 -42.27 -5.60
C THR E 9 -12.50 -43.06 -5.72
N THR E 10 -13.62 -42.38 -5.56
CA THR E 10 -14.92 -43.03 -5.64
C THR E 10 -15.33 -43.22 -7.08
N LYS E 11 -16.43 -43.92 -7.28
CA LYS E 11 -16.97 -44.21 -8.62
C LYS E 11 -17.34 -42.97 -9.41
N ASP E 12 -17.53 -41.85 -8.73
CA ASP E 12 -17.91 -40.60 -9.40
C ASP E 12 -16.71 -39.86 -9.96
N GLY E 13 -15.53 -40.40 -9.73
CA GLY E 13 -14.32 -39.78 -10.22
C GLY E 13 -13.65 -38.85 -9.25
N ILE E 14 -14.22 -38.68 -8.06
CA ILE E 14 -13.64 -37.78 -7.07
C ILE E 14 -12.49 -38.42 -6.29
N LYS E 15 -11.31 -37.82 -6.34
CA LYS E 15 -10.20 -38.32 -5.57
C LYS E 15 -10.24 -37.61 -4.22
N TRP E 16 -10.94 -38.20 -3.27
CA TRP E 16 -11.10 -37.65 -1.95
C TRP E 16 -9.91 -37.75 -1.01
N TYR E 17 -9.69 -36.68 -0.26
CA TYR E 17 -8.70 -36.71 0.77
C TYR E 17 -9.56 -36.81 2.01
N TYR E 18 -9.32 -37.79 2.86
CA TYR E 18 -10.12 -37.95 4.05
C TYR E 18 -9.32 -38.39 5.26
N GLU E 19 -9.89 -38.15 6.43
CA GLU E 19 -9.24 -38.49 7.69
C GLU E 19 -10.24 -39.16 8.61
N GLN E 20 -9.74 -40.09 9.42
CA GLN E 20 -10.55 -40.82 10.38
C GLN E 20 -9.79 -41.03 11.68
N GLU E 21 -10.52 -41.03 12.80
CA GLU E 21 -9.93 -41.23 14.10
C GLU E 21 -10.94 -41.76 15.12
N GLY E 22 -10.49 -42.67 15.96
CA GLY E 22 -11.29 -43.24 17.02
C GLY E 22 -12.16 -44.41 16.64
N SER E 23 -12.92 -44.89 17.61
CA SER E 23 -13.84 -45.98 17.37
C SER E 23 -15.13 -45.75 18.13
N GLY E 24 -16.19 -46.36 17.64
CA GLY E 24 -17.50 -46.22 18.22
C GLY E 24 -18.45 -45.71 17.16
N PRO E 25 -19.57 -45.15 17.58
CA PRO E 25 -20.51 -44.62 16.58
C PRO E 25 -19.87 -43.56 15.69
N ASP E 26 -20.25 -43.57 14.43
CA ASP E 26 -19.73 -42.64 13.45
C ASP E 26 -20.22 -41.20 13.59
N VAL E 27 -19.30 -40.28 13.43
CA VAL E 27 -19.57 -38.85 13.46
C VAL E 27 -18.90 -38.32 12.21
N VAL E 28 -19.65 -37.58 11.42
CA VAL E 28 -19.11 -37.03 10.19
C VAL E 28 -19.13 -35.52 10.23
N LEU E 29 -17.98 -34.92 9.97
CA LEU E 29 -17.87 -33.48 9.99
C LEU E 29 -17.72 -32.97 8.57
N ILE E 30 -18.81 -32.50 8.02
CA ILE E 30 -18.78 -31.97 6.68
C ILE E 30 -18.34 -30.55 6.80
N PRO E 31 -17.30 -30.19 6.05
CA PRO E 31 -16.78 -28.84 6.09
C PRO E 31 -17.77 -27.87 5.49
N ASP E 32 -17.46 -26.60 5.69
CA ASP E 32 -18.24 -25.52 5.15
C ASP E 32 -17.86 -25.38 3.67
N GLY E 33 -18.33 -24.30 3.07
CA GLY E 33 -18.11 -24.01 1.67
C GLY E 33 -16.67 -24.04 1.22
N LEU E 34 -15.76 -23.69 2.10
CA LEU E 34 -14.35 -23.68 1.75
C LEU E 34 -13.76 -25.08 1.66
N GLY E 35 -14.49 -26.07 2.15
CA GLY E 35 -14.09 -27.46 2.07
C GLY E 35 -12.71 -27.86 2.56
N GLU E 36 -12.23 -27.18 3.60
CA GLU E 36 -10.93 -27.48 4.16
C GLU E 36 -11.17 -28.21 5.47
N CYS E 37 -10.88 -29.50 5.47
CA CYS E 37 -11.12 -30.36 6.62
C CYS E 37 -10.11 -30.29 7.74
N GLN E 38 -8.99 -29.62 7.49
CA GLN E 38 -7.96 -29.41 8.50
C GLN E 38 -8.45 -28.46 9.58
N MET E 39 -9.54 -27.76 9.28
CA MET E 39 -10.17 -26.86 10.21
C MET E 39 -10.78 -27.66 11.36
N PHE E 40 -11.01 -28.94 11.12
CA PHE E 40 -11.59 -29.81 12.13
C PHE E 40 -10.55 -30.55 12.96
N ASP E 41 -9.28 -30.39 12.62
CA ASP E 41 -8.19 -31.10 13.29
C ASP E 41 -8.26 -31.18 14.81
N LYS E 42 -8.32 -30.04 15.48
CA LYS E 42 -8.37 -30.03 16.95
C LYS E 42 -9.58 -30.74 17.54
N PRO E 43 -10.78 -30.29 17.17
CA PRO E 43 -12.00 -30.89 17.71
C PRO E 43 -12.17 -32.37 17.34
N MET E 44 -11.67 -32.77 16.19
CA MET E 44 -11.76 -34.15 15.76
C MET E 44 -11.19 -35.08 16.82
N SER E 45 -10.01 -34.75 17.32
CA SER E 45 -9.38 -35.55 18.36
C SER E 45 -10.24 -35.54 19.62
N LEU E 46 -10.71 -34.36 20.00
CA LEU E 46 -11.55 -34.23 21.18
C LEU E 46 -12.78 -35.13 21.10
N ILE E 47 -13.46 -35.08 19.96
CA ILE E 47 -14.66 -35.86 19.76
C ILE E 47 -14.38 -37.35 19.77
N ALA E 48 -13.34 -37.73 19.03
CA ALA E 48 -12.91 -39.12 18.92
C ALA E 48 -12.56 -39.66 20.29
N SER E 49 -12.02 -38.81 21.16
CA SER E 49 -11.64 -39.20 22.50
C SER E 49 -12.83 -39.48 23.42
N ASN E 50 -14.03 -39.16 22.96
CA ASN E 50 -15.22 -39.39 23.75
C ASN E 50 -15.98 -40.63 23.31
N GLY E 51 -15.37 -41.46 22.49
CA GLY E 51 -16.02 -42.68 22.05
C GLY E 51 -16.73 -42.64 20.71
N PHE E 52 -16.15 -41.98 19.73
CA PHE E 52 -16.76 -41.90 18.43
C PHE E 52 -15.75 -42.12 17.32
N ARG E 53 -16.23 -42.61 16.18
CA ARG E 53 -15.38 -42.77 15.03
C ARG E 53 -15.71 -41.54 14.19
N VAL E 54 -14.78 -40.60 14.17
CA VAL E 54 -14.95 -39.36 13.43
C VAL E 54 -14.33 -39.40 12.04
N THR E 55 -15.11 -39.00 11.05
CA THR E 55 -14.64 -38.98 9.69
C THR E 55 -14.80 -37.58 9.12
N THR E 56 -13.77 -37.11 8.44
CA THR E 56 -13.79 -35.81 7.80
C THR E 56 -13.02 -35.88 6.49
N PHE E 57 -13.21 -34.88 5.64
CA PHE E 57 -12.60 -34.87 4.33
C PHE E 57 -12.64 -33.50 3.69
N ASP E 58 -11.78 -33.29 2.70
CA ASP E 58 -11.77 -32.05 1.95
C ASP E 58 -12.91 -32.22 0.95
N MET E 59 -13.63 -31.15 0.65
CA MET E 59 -14.71 -31.26 -0.32
C MET E 59 -14.20 -31.31 -1.77
N PRO E 60 -14.99 -31.91 -2.67
CA PRO E 60 -14.66 -32.10 -4.08
C PRO E 60 -14.21 -30.83 -4.78
N GLY E 61 -12.98 -30.85 -5.29
CA GLY E 61 -12.40 -29.73 -5.99
C GLY E 61 -11.64 -28.79 -5.08
N MET E 62 -11.80 -28.97 -3.78
CA MET E 62 -11.16 -28.15 -2.79
C MET E 62 -9.99 -28.82 -2.12
N SER E 63 -8.99 -28.01 -1.78
CA SER E 63 -7.80 -28.44 -1.08
C SER E 63 -7.21 -29.73 -1.62
N ARG E 64 -7.06 -30.72 -0.77
CA ARG E 64 -6.49 -32.00 -1.15
C ARG E 64 -7.46 -32.89 -1.93
N SER E 65 -8.69 -32.43 -2.06
CA SER E 65 -9.69 -33.16 -2.81
C SER E 65 -9.91 -32.52 -4.18
N SER E 66 -8.97 -31.68 -4.59
CA SER E 66 -9.09 -30.95 -5.85
C SER E 66 -9.10 -31.80 -7.12
N ASP E 67 -8.58 -33.01 -7.04
CA ASP E 67 -8.57 -33.88 -8.20
C ASP E 67 -9.92 -34.53 -8.37
N ALA E 68 -10.84 -33.78 -8.96
CA ALA E 68 -12.19 -34.24 -9.16
C ALA E 68 -12.76 -33.61 -10.42
N PRO E 69 -13.86 -34.16 -10.92
CA PRO E 69 -14.49 -33.61 -12.12
C PRO E 69 -15.09 -32.25 -11.81
N PRO E 70 -15.02 -31.34 -12.78
CA PRO E 70 -15.53 -29.96 -12.67
C PRO E 70 -16.97 -29.93 -12.21
N GLU E 71 -17.76 -30.90 -12.65
CA GLU E 71 -19.16 -30.98 -12.26
C GLU E 71 -19.33 -31.14 -10.77
N THR E 72 -18.34 -31.71 -10.10
CA THR E 72 -18.40 -31.93 -8.66
C THR E 72 -18.24 -30.66 -7.84
N TYR E 73 -17.85 -29.56 -8.48
CA TYR E 73 -17.70 -28.29 -7.80
C TYR E 73 -18.34 -27.11 -8.56
N GLN E 74 -19.25 -27.41 -9.46
CA GLN E 74 -19.93 -26.39 -10.23
C GLN E 74 -21.42 -26.58 -10.06
N ASP E 75 -22.19 -25.50 -10.04
CA ASP E 75 -23.64 -25.55 -9.85
C ASP E 75 -24.05 -26.36 -8.63
N ILE E 76 -23.27 -26.23 -7.56
CA ILE E 76 -23.45 -26.96 -6.32
C ILE E 76 -24.74 -26.69 -5.55
N THR E 77 -25.30 -27.75 -4.99
CA THR E 77 -26.49 -27.69 -4.16
C THR E 77 -26.34 -28.68 -3.03
N GLY E 78 -27.16 -28.55 -2.01
CA GLY E 78 -27.10 -29.46 -0.88
C GLY E 78 -27.29 -30.89 -1.35
N ARG E 79 -28.30 -31.12 -2.16
CA ARG E 79 -28.57 -32.45 -2.66
C ARG E 79 -27.42 -33.02 -3.46
N LYS E 80 -26.81 -32.21 -4.30
CA LYS E 80 -25.69 -32.65 -5.10
C LYS E 80 -24.54 -33.15 -4.24
N LEU E 81 -24.15 -32.33 -3.26
CA LEU E 81 -23.06 -32.67 -2.36
C LEU E 81 -23.40 -33.90 -1.53
N ALA E 82 -24.65 -34.01 -1.12
CA ALA E 82 -25.12 -35.13 -0.34
C ALA E 82 -24.93 -36.42 -1.12
N GLY E 83 -25.22 -36.34 -2.42
CA GLY E 83 -25.08 -37.48 -3.29
C GLY E 83 -23.64 -37.97 -3.28
N TYR E 84 -22.70 -37.03 -3.41
CA TYR E 84 -21.30 -37.40 -3.40
C TYR E 84 -20.90 -37.97 -2.05
N ILE E 85 -21.43 -37.39 -0.98
CA ILE E 85 -21.08 -37.83 0.35
C ILE E 85 -21.57 -39.25 0.61
N ILE E 86 -22.76 -39.56 0.13
CA ILE E 86 -23.31 -40.89 0.31
C ILE E 86 -22.41 -41.93 -0.34
N THR E 87 -21.96 -41.62 -1.54
CA THR E 87 -21.08 -42.51 -2.26
C THR E 87 -19.82 -42.76 -1.46
N LEU E 88 -19.25 -41.70 -0.90
CA LEU E 88 -18.04 -41.81 -0.10
C LEU E 88 -18.32 -42.64 1.14
N LEU E 89 -19.44 -42.37 1.78
CA LEU E 89 -19.82 -43.09 2.98
C LEU E 89 -19.99 -44.58 2.71
N ASP E 90 -20.55 -44.90 1.55
CA ASP E 90 -20.76 -46.28 1.15
C ASP E 90 -19.41 -46.91 0.98
N THR E 91 -18.50 -46.17 0.37
CA THR E 91 -17.16 -46.64 0.14
C THR E 91 -16.45 -46.94 1.45
N LEU E 92 -16.68 -46.09 2.44
CA LEU E 92 -16.04 -46.23 3.74
C LEU E 92 -16.77 -47.13 4.73
N ASP E 93 -17.84 -47.77 4.27
CA ASP E 93 -18.62 -48.68 5.10
C ASP E 93 -19.22 -48.03 6.32
N ILE E 94 -19.76 -46.83 6.13
CA ILE E 94 -20.41 -46.10 7.20
C ILE E 94 -21.90 -46.15 6.94
N LYS E 95 -22.61 -46.92 7.74
CA LYS E 95 -24.04 -47.10 7.56
C LYS E 95 -24.89 -45.96 8.07
N ILE E 96 -24.64 -45.53 9.29
CA ILE E 96 -25.39 -44.44 9.88
C ILE E 96 -24.45 -43.56 10.68
N ALA E 97 -24.75 -42.26 10.71
CA ALA E 97 -23.89 -41.34 11.41
C ALA E 97 -24.52 -40.03 11.84
N SER E 98 -23.91 -39.43 12.85
CA SER E 98 -24.29 -38.14 13.35
C SER E 98 -23.53 -37.22 12.42
N VAL E 99 -24.23 -36.28 11.78
CA VAL E 99 -23.59 -35.39 10.82
C VAL E 99 -23.61 -33.90 11.15
N TRP E 100 -22.44 -33.27 11.02
CA TRP E 100 -22.30 -31.84 11.26
C TRP E 100 -21.96 -31.15 9.93
N GLY E 101 -22.43 -29.93 9.77
CA GLY E 101 -22.16 -29.14 8.60
C GLY E 101 -22.54 -27.68 8.76
N CYS E 102 -21.66 -26.79 8.32
CA CYS E 102 -21.92 -25.37 8.35
C CYS E 102 -21.99 -24.89 6.91
N ALA E 103 -22.80 -23.86 6.69
CA ALA E 103 -22.96 -23.25 5.37
C ALA E 103 -23.44 -24.25 4.33
N SER E 104 -22.67 -24.47 3.28
CA SER E 104 -23.03 -25.42 2.24
C SER E 104 -23.03 -26.82 2.82
N GLY E 105 -22.24 -27.03 3.87
CA GLY E 105 -22.17 -28.29 4.55
C GLY E 105 -23.47 -28.52 5.30
N ALA E 106 -24.07 -27.43 5.78
CA ALA E 106 -25.32 -27.48 6.49
C ALA E 106 -26.41 -27.83 5.51
N SER E 107 -26.29 -27.30 4.30
CA SER E 107 -27.24 -27.59 3.24
C SER E 107 -27.19 -29.08 2.99
N THR E 108 -25.97 -29.60 2.96
CA THR E 108 -25.76 -31.00 2.75
C THR E 108 -26.39 -31.82 3.86
N VAL E 109 -26.19 -31.38 5.10
CA VAL E 109 -26.76 -32.07 6.25
C VAL E 109 -28.26 -32.18 6.08
N LEU E 110 -28.89 -31.08 5.73
CA LEU E 110 -30.33 -31.06 5.54
C LEU E 110 -30.73 -31.96 4.38
N ALA E 111 -29.91 -31.96 3.33
CA ALA E 111 -30.19 -32.80 2.17
C ALA E 111 -30.12 -34.27 2.57
N LEU E 112 -29.18 -34.60 3.44
CA LEU E 112 -29.02 -35.95 3.92
C LEU E 112 -30.17 -36.34 4.84
N CYS E 113 -30.63 -35.38 5.64
CA CYS E 113 -31.72 -35.62 6.56
C CYS E 113 -33.03 -35.79 5.81
N SER E 114 -33.12 -35.14 4.66
CA SER E 114 -34.33 -35.18 3.87
C SER E 114 -34.39 -36.32 2.87
N ASP E 115 -33.27 -36.65 2.27
CA ASP E 115 -33.25 -37.68 1.23
C ASP E 115 -32.64 -39.03 1.60
N TYR E 116 -31.81 -39.05 2.62
CA TYR E 116 -31.16 -40.28 3.07
C TYR E 116 -31.27 -40.44 4.57
N PRO E 117 -32.47 -40.28 5.10
CA PRO E 117 -32.81 -40.36 6.52
C PRO E 117 -32.28 -41.62 7.20
N GLU E 118 -32.24 -42.70 6.44
CA GLU E 118 -31.77 -43.97 6.95
C GLU E 118 -30.28 -43.95 7.29
N ARG E 119 -29.56 -43.00 6.71
CA ARG E 119 -28.13 -42.89 6.97
C ARG E 119 -27.80 -41.87 8.06
N VAL E 120 -28.81 -41.12 8.50
CA VAL E 120 -28.58 -40.10 9.50
C VAL E 120 -29.15 -40.38 10.87
N ARG E 121 -28.28 -40.48 11.86
CA ARG E 121 -28.71 -40.71 13.22
C ARG E 121 -29.27 -39.39 13.75
N ASN E 122 -28.57 -38.31 13.43
CA ASN E 122 -28.97 -36.96 13.82
C ASN E 122 -28.18 -35.91 13.04
N GLY E 123 -28.86 -34.85 12.64
CA GLY E 123 -28.23 -33.79 11.88
C GLY E 123 -27.98 -32.54 12.68
N MET E 124 -26.78 -31.99 12.54
CA MET E 124 -26.40 -30.78 13.23
C MET E 124 -25.99 -29.73 12.21
N PRO E 125 -26.98 -29.06 11.62
CA PRO E 125 -26.70 -28.01 10.64
C PRO E 125 -26.40 -26.69 11.34
N HIS E 126 -25.49 -25.93 10.77
CA HIS E 126 -25.07 -24.66 11.32
C HIS E 126 -25.03 -23.62 10.23
N GLU E 127 -25.74 -22.52 10.46
CA GLU E 127 -25.82 -21.39 9.54
C GLU E 127 -26.11 -21.78 8.10
N VAL E 128 -27.30 -22.32 7.90
CA VAL E 128 -27.79 -22.74 6.60
C VAL E 128 -28.04 -21.54 5.71
N PRO E 129 -27.38 -21.50 4.56
CA PRO E 129 -27.53 -20.42 3.59
C PRO E 129 -28.91 -20.44 2.93
N THR E 130 -29.66 -19.35 3.08
CA THR E 130 -30.97 -19.28 2.45
C THR E 130 -31.07 -18.06 1.55
N GLU E 131 -30.32 -17.02 1.85
CA GLU E 131 -30.39 -15.85 1.03
C GLU E 131 -29.09 -15.65 0.35
N ASN E 132 -29.14 -15.26 -0.91
CA ASN E 132 -27.96 -14.95 -1.68
C ASN E 132 -27.58 -13.57 -1.16
N PRO E 133 -26.54 -13.49 -0.33
CA PRO E 133 -26.09 -12.24 0.29
C PRO E 133 -25.70 -11.12 -0.67
N ASP E 134 -25.72 -9.89 -0.18
CA ASP E 134 -25.40 -8.71 -0.97
C ASP E 134 -24.00 -8.74 -1.58
N ILE E 135 -22.99 -8.81 -0.72
CA ILE E 135 -21.60 -8.85 -1.14
C ILE E 135 -21.31 -9.88 -2.23
N LEU E 136 -21.81 -11.10 -2.01
CA LEU E 136 -21.58 -12.22 -2.90
C LEU E 136 -22.49 -12.31 -4.12
N LEU E 137 -23.30 -11.29 -4.36
CA LEU E 137 -24.21 -11.28 -5.49
C LEU E 137 -23.49 -11.50 -6.80
N HIS E 138 -22.38 -10.79 -7.00
CA HIS E 138 -21.63 -10.93 -8.23
C HIS E 138 -20.16 -11.21 -8.02
N ILE E 139 -19.87 -12.11 -7.10
CA ILE E 139 -18.50 -12.47 -6.77
C ILE E 139 -17.91 -13.39 -7.84
N HIS E 140 -18.77 -14.08 -8.57
CA HIS E 140 -18.34 -15.01 -9.60
C HIS E 140 -17.83 -14.38 -10.88
N GLU E 141 -18.08 -13.09 -11.07
CA GLU E 141 -17.63 -12.44 -12.29
C GLU E 141 -16.26 -11.79 -12.16
N VAL E 142 -15.84 -11.54 -10.94
CA VAL E 142 -14.54 -10.92 -10.72
C VAL E 142 -13.40 -11.89 -10.97
N ASP E 143 -12.21 -11.36 -11.17
CA ASP E 143 -11.05 -12.20 -11.41
C ASP E 143 -10.67 -12.98 -10.16
N PRO E 144 -9.99 -14.12 -10.33
CA PRO E 144 -9.59 -15.02 -9.25
C PRO E 144 -8.82 -14.31 -8.15
N ALA E 145 -7.85 -13.49 -8.51
CA ALA E 145 -7.06 -12.78 -7.54
C ALA E 145 -7.93 -11.90 -6.65
N THR E 146 -8.87 -11.19 -7.26
CA THR E 146 -9.76 -10.34 -6.50
C THR E 146 -10.66 -11.17 -5.60
N ILE E 147 -11.17 -12.28 -6.11
CA ILE E 147 -12.03 -13.16 -5.35
C ILE E 147 -11.31 -13.68 -4.12
N SER E 148 -10.08 -14.14 -4.31
CA SER E 148 -9.30 -14.66 -3.21
C SER E 148 -9.03 -13.61 -2.16
N GLN E 149 -8.80 -12.38 -2.59
CA GLN E 149 -8.55 -11.29 -1.69
C GLN E 149 -9.78 -10.96 -0.86
N GLU E 150 -10.92 -10.80 -1.52
CA GLU E 150 -12.15 -10.46 -0.82
C GLU E 150 -12.66 -11.59 0.07
N MET E 151 -12.68 -12.81 -0.47
CA MET E 151 -13.15 -13.97 0.28
C MET E 151 -12.27 -14.31 1.49
N ALA E 152 -10.97 -14.14 1.36
CA ALA E 152 -10.08 -14.39 2.47
C ALA E 152 -10.46 -13.43 3.59
N ALA E 153 -10.61 -12.17 3.24
CA ALA E 153 -10.99 -11.15 4.20
C ALA E 153 -12.38 -11.42 4.75
N ASN E 154 -13.31 -11.77 3.89
CA ASN E 154 -14.67 -12.05 4.33
C ASN E 154 -14.72 -13.23 5.30
N SER E 155 -14.02 -14.30 4.96
CA SER E 155 -14.00 -15.49 5.80
C SER E 155 -13.33 -15.20 7.13
N ARG E 156 -12.27 -14.42 7.08
CA ARG E 156 -11.55 -14.04 8.28
C ARG E 156 -12.48 -13.25 9.18
N ALA E 157 -13.26 -12.36 8.63
CA ALA E 157 -14.14 -11.56 9.41
C ALA E 157 -15.22 -12.40 10.06
N ALA E 158 -15.65 -13.45 9.40
CA ALA E 158 -16.68 -14.32 9.93
C ALA E 158 -16.08 -15.47 10.75
N SER E 159 -14.77 -15.46 10.95
CA SER E 159 -14.08 -16.52 11.66
C SER E 159 -14.52 -16.73 13.10
N GLY E 160 -14.92 -15.67 13.78
CA GLY E 160 -15.35 -15.76 15.16
C GLY E 160 -14.25 -15.64 16.19
N ASN E 161 -13.00 -15.53 15.71
CA ASN E 161 -11.76 -15.41 16.47
C ASN E 161 -10.66 -15.30 15.43
N VAL E 162 -10.30 -14.09 15.04
CA VAL E 162 -9.29 -13.91 14.00
C VAL E 162 -7.91 -14.53 14.26
N GLU E 163 -7.51 -14.57 15.53
CA GLU E 163 -6.23 -15.14 15.89
C GLU E 163 -6.20 -16.65 15.66
N ALA E 164 -7.27 -17.32 16.03
CA ALA E 164 -7.38 -18.76 15.82
C ALA E 164 -7.44 -19.08 14.33
N TRP E 165 -8.14 -18.24 13.59
CA TRP E 165 -8.30 -18.32 12.17
C TRP E 165 -6.92 -18.22 11.49
N ASP E 166 -6.16 -17.21 11.85
CA ASP E 166 -4.81 -17.03 11.33
C ASP E 166 -3.89 -18.18 11.78
N ALA E 167 -4.09 -18.70 12.98
CA ALA E 167 -3.29 -19.78 13.51
C ALA E 167 -3.56 -21.10 12.82
N LEU E 168 -4.49 -21.11 11.90
CA LEU E 168 -4.66 -22.34 11.15
C LEU E 168 -3.35 -22.62 10.43
N GLY E 169 -2.60 -21.56 10.13
CA GLY E 169 -1.31 -21.72 9.50
C GLY E 169 -1.24 -21.35 8.03
N PRO E 170 -0.03 -21.02 7.58
CA PRO E 170 0.23 -20.63 6.20
C PRO E 170 -0.15 -21.72 5.20
N GLU E 171 0.10 -22.98 5.53
CA GLU E 171 -0.22 -24.07 4.64
C GLU E 171 -1.72 -24.12 4.36
N VAL E 172 -2.51 -24.02 5.41
CA VAL E 172 -3.96 -24.04 5.29
C VAL E 172 -4.47 -22.87 4.48
N HIS E 173 -4.00 -21.67 4.77
CA HIS E 173 -4.45 -20.49 4.04
C HIS E 173 -4.03 -20.49 2.58
N ALA E 174 -2.95 -21.18 2.26
CA ALA E 174 -2.51 -21.29 0.88
C ALA E 174 -3.47 -22.19 0.13
N ARG E 175 -3.99 -23.20 0.81
CA ARG E 175 -4.96 -24.09 0.20
C ARG E 175 -6.25 -23.30 0.04
N LEU E 176 -6.58 -22.54 1.07
CA LEU E 176 -7.76 -21.69 1.08
C LEU E 176 -7.71 -20.69 -0.09
N HIS E 177 -6.52 -20.14 -0.33
CA HIS E 177 -6.32 -19.17 -1.40
C HIS E 177 -6.78 -19.71 -2.75
N ASP E 178 -6.46 -20.97 -3.02
CA ASP E 178 -6.83 -21.60 -4.27
C ASP E 178 -8.30 -22.06 -4.29
N ASN E 179 -8.92 -22.22 -3.14
CA ASN E 179 -10.31 -22.66 -3.09
C ASN E 179 -11.32 -21.54 -3.33
N TYR E 180 -10.97 -20.33 -2.90
CA TYR E 180 -11.86 -19.17 -3.00
C TYR E 180 -12.54 -19.01 -4.36
N PRO E 181 -11.77 -18.89 -5.44
CA PRO E 181 -12.35 -18.72 -6.78
C PRO E 181 -13.28 -19.87 -7.14
N ARG E 182 -12.85 -21.09 -6.86
CA ARG E 182 -13.64 -22.27 -7.16
C ARG E 182 -14.95 -22.23 -6.40
N TRP E 183 -14.89 -21.83 -5.14
CA TRP E 183 -16.09 -21.75 -4.34
C TRP E 183 -17.04 -20.70 -4.93
N ALA E 184 -16.49 -19.56 -5.31
CA ALA E 184 -17.29 -18.47 -5.85
C ALA E 184 -17.99 -18.85 -7.16
N TYR E 185 -17.28 -19.54 -8.04
CA TYR E 185 -17.86 -19.94 -9.31
C TYR E 185 -18.98 -20.97 -9.17
N GLY E 186 -18.92 -21.82 -8.16
CA GLY E 186 -19.93 -22.84 -8.05
C GLY E 186 -20.79 -22.96 -6.81
N TYR E 187 -20.67 -22.05 -5.87
CA TYR E 187 -21.46 -22.17 -4.65
C TYR E 187 -22.54 -21.12 -4.33
N PRO E 188 -22.15 -19.86 -4.14
CA PRO E 188 -23.06 -18.78 -3.76
C PRO E 188 -24.30 -18.59 -4.61
N ARG E 189 -24.24 -18.86 -5.90
CA ARG E 189 -25.40 -18.70 -6.76
C ARG E 189 -26.44 -19.79 -6.62
N THR E 190 -26.00 -21.03 -6.49
CA THR E 190 -26.90 -22.15 -6.43
C THR E 190 -27.17 -22.79 -5.06
N ILE E 191 -26.28 -22.57 -4.10
CA ILE E 191 -26.44 -23.16 -2.78
C ILE E 191 -27.62 -22.64 -1.96
N PRO E 192 -27.74 -21.32 -1.82
CA PRO E 192 -28.80 -20.69 -1.02
C PRO E 192 -30.22 -21.02 -1.47
N PRO E 193 -30.50 -20.94 -2.77
CA PRO E 193 -31.85 -21.24 -3.24
C PRO E 193 -32.20 -22.73 -3.21
N SER E 194 -31.19 -23.59 -3.05
CA SER E 194 -31.42 -25.02 -3.00
C SER E 194 -31.61 -25.56 -1.59
N ALA E 195 -31.53 -24.69 -0.61
CA ALA E 195 -31.66 -25.09 0.78
C ALA E 195 -32.85 -25.97 1.03
N PRO E 196 -32.61 -27.18 1.55
CA PRO E 196 -33.69 -28.11 1.86
C PRO E 196 -34.32 -27.72 3.19
N VAL E 197 -35.09 -26.65 3.16
CA VAL E 197 -35.74 -26.15 4.35
C VAL E 197 -37.26 -26.20 4.32
N LYS E 198 -37.81 -27.07 3.48
CA LYS E 198 -39.25 -27.20 3.44
C LYS E 198 -39.66 -28.13 4.56
N THR E 199 -40.92 -28.04 4.98
CA THR E 199 -41.43 -28.88 6.07
C THR E 199 -41.13 -30.35 5.83
N GLU E 200 -41.21 -30.75 4.58
CA GLU E 200 -40.96 -32.11 4.16
C GLU E 200 -39.56 -32.58 4.49
N ASP E 201 -38.61 -31.67 4.47
CA ASP E 201 -37.21 -32.02 4.68
C ASP E 201 -36.77 -32.08 6.13
N LEU E 202 -37.53 -31.50 7.04
CA LEU E 202 -37.08 -31.40 8.42
C LEU E 202 -37.59 -32.31 9.53
N HIS E 203 -38.39 -33.32 9.21
CA HIS E 203 -38.91 -34.16 10.27
C HIS E 203 -38.75 -35.66 10.10
N LYS E 204 -37.74 -36.09 9.35
CA LYS E 204 -37.49 -37.50 9.17
C LYS E 204 -36.52 -38.02 10.21
N VAL E 205 -35.55 -37.19 10.57
CA VAL E 205 -34.56 -37.52 11.57
C VAL E 205 -34.41 -36.34 12.51
N PRO E 206 -33.81 -36.57 13.67
CA PRO E 206 -33.61 -35.50 14.64
C PRO E 206 -32.64 -34.45 14.13
N ILE E 207 -32.96 -33.20 14.37
CA ILE E 207 -32.12 -32.09 13.94
C ILE E 207 -31.90 -31.09 15.05
N ASP E 208 -30.64 -30.71 15.24
CA ASP E 208 -30.29 -29.71 16.22
C ASP E 208 -29.57 -28.62 15.44
N TRP E 209 -30.31 -27.56 15.15
CA TRP E 209 -29.87 -26.43 14.37
C TRP E 209 -29.20 -25.37 15.22
N THR E 210 -28.06 -24.87 14.76
CA THR E 210 -27.34 -23.83 15.46
C THR E 210 -26.97 -22.66 14.56
N VAL E 211 -26.63 -21.55 15.18
CA VAL E 211 -26.16 -20.36 14.51
C VAL E 211 -25.11 -19.77 15.46
N GLY E 212 -24.08 -19.17 14.90
CA GLY E 212 -23.04 -18.58 15.71
C GLY E 212 -23.58 -17.57 16.70
N ALA E 213 -23.17 -17.70 17.96
CA ALA E 213 -23.62 -16.79 19.01
C ALA E 213 -23.23 -15.35 18.77
N SER E 214 -22.06 -15.14 18.18
CA SER E 214 -21.59 -13.81 17.92
C SER E 214 -21.80 -13.39 16.48
N THR E 215 -22.44 -14.24 15.71
CA THR E 215 -22.74 -13.94 14.33
C THR E 215 -23.77 -12.82 14.35
N PRO E 216 -23.59 -11.80 13.49
CA PRO E 216 -24.55 -10.71 13.41
C PRO E 216 -25.94 -11.28 13.24
N THR E 217 -26.89 -10.77 14.02
CA THR E 217 -28.26 -11.24 13.98
C THR E 217 -28.86 -11.31 12.58
N LYS E 218 -28.66 -10.25 11.80
CA LYS E 218 -29.19 -10.20 10.45
C LYS E 218 -28.77 -11.34 9.52
N LEU E 219 -27.53 -11.79 9.63
CA LEU E 219 -27.00 -12.82 8.74
C LEU E 219 -27.79 -14.12 8.61
N PHE E 220 -28.15 -14.73 9.72
CA PHE E 220 -28.87 -15.98 9.64
C PHE E 220 -30.22 -15.91 10.34
N PHE E 221 -30.76 -14.71 10.32
CA PHE E 221 -32.05 -14.37 10.89
C PHE E 221 -33.11 -15.37 10.46
N GLU E 222 -33.13 -15.68 9.18
CA GLU E 222 -34.10 -16.60 8.63
C GLU E 222 -33.94 -18.04 9.11
N ASN E 223 -32.74 -18.43 9.51
CA ASN E 223 -32.52 -19.77 10.03
C ASN E 223 -33.37 -19.93 11.28
N ILE E 224 -33.32 -18.93 12.15
CA ILE E 224 -34.06 -18.93 13.38
C ILE E 224 -35.55 -18.94 13.12
N VAL E 225 -35.99 -18.19 12.12
CA VAL E 225 -37.40 -18.11 11.78
C VAL E 225 -37.92 -19.48 11.34
N ILE E 226 -37.23 -20.10 10.40
CA ILE E 226 -37.63 -21.41 9.92
C ILE E 226 -37.65 -22.45 11.02
N ALA E 227 -36.60 -22.49 11.82
CA ALA E 227 -36.55 -23.45 12.90
C ALA E 227 -37.69 -23.24 13.90
N ALA E 228 -37.98 -22.00 14.22
CA ALA E 228 -39.03 -21.67 15.17
C ALA E 228 -40.41 -22.03 14.62
N ARG E 229 -40.64 -21.67 13.38
CA ARG E 229 -41.90 -21.95 12.72
C ARG E 229 -42.10 -23.44 12.55
N GLU E 230 -41.03 -24.16 12.32
CA GLU E 230 -41.09 -25.59 12.11
C GLU E 230 -41.00 -26.41 13.39
N GLY E 231 -40.69 -25.75 14.49
CA GLY E 231 -40.57 -26.43 15.76
C GLY E 231 -39.32 -27.29 15.91
N ILE E 232 -38.23 -26.88 15.26
CA ILE E 232 -36.97 -27.59 15.32
C ILE E 232 -36.06 -26.96 16.37
N ASN E 233 -35.32 -27.78 17.09
CA ASN E 233 -34.40 -27.29 18.10
C ASN E 233 -33.44 -26.29 17.47
N ILE E 234 -33.38 -25.10 18.04
CA ILE E 234 -32.50 -24.07 17.55
C ILE E 234 -31.79 -23.41 18.69
N GLY E 235 -30.48 -23.20 18.52
CA GLY E 235 -29.66 -22.55 19.52
C GLY E 235 -28.39 -21.97 18.94
N THR E 236 -27.51 -21.54 19.83
CA THR E 236 -26.26 -20.96 19.41
C THR E 236 -25.06 -21.74 19.90
N LEU E 237 -23.96 -21.53 19.21
CA LEU E 237 -22.68 -22.12 19.51
C LEU E 237 -21.72 -20.96 19.58
N PRO E 238 -20.76 -21.03 20.49
CA PRO E 238 -19.79 -19.94 20.59
C PRO E 238 -19.10 -19.74 19.25
N GLY E 239 -18.83 -18.49 18.92
CA GLY E 239 -18.17 -18.17 17.68
C GLY E 239 -19.15 -17.68 16.64
N ASN E 240 -18.70 -17.68 15.40
CA ASN E 240 -19.51 -17.24 14.29
C ASN E 240 -19.73 -18.36 13.30
N HIS E 241 -19.10 -18.23 12.14
CA HIS E 241 -19.24 -19.18 11.05
C HIS E 241 -18.40 -20.44 11.19
N PHE E 242 -17.29 -20.36 11.91
CA PHE E 242 -16.40 -21.49 12.06
C PHE E 242 -16.15 -21.83 13.52
N PRO E 243 -17.18 -22.31 14.22
CA PRO E 243 -17.13 -22.66 15.64
C PRO E 243 -16.09 -23.73 15.91
N TYR E 244 -15.86 -24.61 14.95
CA TYR E 244 -14.86 -25.65 15.10
C TYR E 244 -13.43 -25.10 15.09
N VAL E 245 -13.26 -23.88 14.59
CA VAL E 245 -11.96 -23.23 14.58
C VAL E 245 -11.84 -22.25 15.75
N SER E 246 -12.86 -21.45 15.96
CA SER E 246 -12.83 -20.46 17.02
C SER E 246 -12.96 -21.04 18.42
N HIS E 247 -13.82 -22.04 18.60
CA HIS E 247 -14.05 -22.66 19.89
C HIS E 247 -14.06 -24.18 19.83
N PRO E 248 -12.92 -24.78 19.49
CA PRO E 248 -12.84 -26.24 19.32
C PRO E 248 -13.36 -27.04 20.51
N GLU E 249 -13.02 -26.65 21.72
CA GLU E 249 -13.49 -27.36 22.89
C GLU E 249 -15.00 -27.31 23.03
N GLU E 250 -15.57 -26.12 22.90
CA GLU E 250 -17.00 -25.97 22.98
C GLU E 250 -17.70 -26.70 21.84
N PHE E 251 -17.13 -26.60 20.65
CA PHE E 251 -17.68 -27.25 19.49
C PHE E 251 -17.75 -28.75 19.70
N ALA E 252 -16.62 -29.32 20.10
CA ALA E 252 -16.51 -30.75 20.36
C ALA E 252 -17.52 -31.17 21.41
N LYS E 253 -17.62 -30.39 22.48
CA LYS E 253 -18.56 -30.70 23.54
C LYS E 253 -19.98 -30.72 22.99
N TYR E 254 -20.30 -29.77 22.13
CA TYR E 254 -21.62 -29.72 21.53
C TYR E 254 -21.88 -30.94 20.67
N VAL E 255 -20.92 -31.29 19.82
CA VAL E 255 -21.10 -32.43 18.96
C VAL E 255 -21.28 -33.71 19.77
N VAL E 256 -20.45 -33.91 20.78
CA VAL E 256 -20.54 -35.09 21.62
C VAL E 256 -21.86 -35.21 22.38
N GLU E 257 -22.24 -34.17 23.10
CA GLU E 257 -23.49 -34.19 23.86
C GLU E 257 -24.71 -34.30 22.97
N THR E 258 -24.74 -33.56 21.89
CA THR E 258 -25.87 -33.60 21.00
C THR E 258 -26.06 -34.99 20.43
N SER E 259 -24.97 -35.59 19.98
CA SER E 259 -25.02 -36.92 19.40
C SER E 259 -25.32 -38.01 20.41
N ARG E 260 -24.82 -37.84 21.63
CA ARG E 260 -25.00 -38.81 22.71
C ARG E 260 -26.45 -38.97 23.13
N LYS E 261 -27.28 -37.97 22.89
CA LYS E 261 -28.67 -38.09 23.27
C LYS E 261 -29.49 -38.92 22.30
N TYR E 262 -28.87 -39.35 21.22
CA TYR E 262 -29.56 -40.16 20.24
C TYR E 262 -28.98 -41.56 20.14
N LEU E 263 -28.26 -41.97 21.18
CA LEU E 263 -27.68 -43.30 21.21
C LEU E 263 -28.44 -44.20 22.18
N THR F 2 -8.53 -14.46 -23.49
CA THR F 2 -8.38 -13.20 -24.21
C THR F 2 -8.16 -12.05 -23.26
N ARG F 3 -9.19 -11.69 -22.53
CA ARG F 3 -9.09 -10.59 -21.59
C ARG F 3 -8.35 -11.04 -20.35
N THR F 4 -7.24 -10.39 -20.07
CA THR F 4 -6.47 -10.71 -18.88
C THR F 4 -6.83 -9.66 -17.84
N ARG F 5 -7.03 -10.10 -16.61
CA ARG F 5 -7.39 -9.21 -15.53
C ARG F 5 -6.47 -9.52 -14.36
N GLY F 6 -5.97 -8.48 -13.70
CA GLY F 6 -5.11 -8.69 -12.58
C GLY F 6 -4.59 -7.45 -11.91
N TYR F 7 -3.61 -7.65 -11.03
CA TYR F 7 -3.02 -6.56 -10.29
C TYR F 7 -1.53 -6.51 -10.52
N VAL F 8 -0.97 -5.33 -10.35
CA VAL F 8 0.44 -5.12 -10.50
C VAL F 8 0.80 -3.93 -9.65
N THR F 9 1.82 -4.08 -8.81
CA THR F 9 2.23 -2.99 -7.95
C THR F 9 3.40 -2.23 -8.57
N THR F 10 3.26 -0.93 -8.66
CA THR F 10 4.30 -0.12 -9.24
C THR F 10 5.24 0.33 -8.14
N LYS F 11 6.32 0.98 -8.54
CA LYS F 11 7.31 1.46 -7.58
C LYS F 11 6.84 2.68 -6.82
N ASP F 12 5.66 3.17 -7.14
CA ASP F 12 5.13 4.34 -6.46
C ASP F 12 4.20 3.95 -5.31
N GLY F 13 3.99 2.67 -5.16
CA GLY F 13 3.14 2.17 -4.09
C GLY F 13 1.71 1.90 -4.50
N ILE F 14 1.39 2.16 -5.76
CA ILE F 14 0.04 1.92 -6.22
C ILE F 14 -0.14 0.47 -6.59
N LYS F 15 -1.17 -0.15 -6.05
CA LYS F 15 -1.48 -1.52 -6.38
C LYS F 15 -2.58 -1.48 -7.44
N TRP F 16 -2.17 -1.36 -8.69
CA TRP F 16 -3.09 -1.26 -9.81
C TRP F 16 -3.92 -2.47 -10.18
N TYR F 17 -5.19 -2.22 -10.44
CA TYR F 17 -6.03 -3.25 -11.01
C TYR F 17 -6.05 -2.84 -12.47
N TYR F 18 -5.81 -3.79 -13.37
CA TYR F 18 -5.75 -3.47 -14.77
C TYR F 18 -6.20 -4.60 -15.68
N GLU F 19 -6.68 -4.25 -16.86
CA GLU F 19 -7.14 -5.23 -17.83
C GLU F 19 -6.46 -4.99 -19.17
N GLN F 20 -6.33 -6.05 -19.94
CA GLN F 20 -5.71 -6.01 -21.25
C GLN F 20 -6.38 -7.00 -22.17
N GLU F 21 -6.41 -6.67 -23.45
CA GLU F 21 -6.99 -7.55 -24.45
C GLU F 21 -6.45 -7.26 -25.83
N GLY F 22 -6.37 -8.31 -26.63
CA GLY F 22 -5.91 -8.19 -27.99
C GLY F 22 -4.43 -8.14 -28.22
N SER F 23 -4.08 -8.03 -29.50
CA SER F 23 -2.70 -7.98 -29.93
C SER F 23 -2.54 -6.98 -31.07
N GLY F 24 -1.41 -6.29 -31.07
CA GLY F 24 -1.10 -5.29 -32.06
C GLY F 24 -0.68 -4.02 -31.35
N PRO F 25 -0.69 -2.89 -32.07
CA PRO F 25 -0.29 -1.60 -31.48
C PRO F 25 -1.12 -1.30 -30.24
N ASP F 26 -0.53 -0.56 -29.30
CA ASP F 26 -1.20 -0.25 -28.05
C ASP F 26 -2.15 0.93 -28.01
N VAL F 27 -3.25 0.70 -27.31
CA VAL F 27 -4.25 1.71 -27.08
C VAL F 27 -4.52 1.71 -25.58
N VAL F 28 -4.42 2.87 -24.97
CA VAL F 28 -4.66 3.00 -23.54
C VAL F 28 -5.93 3.78 -23.28
N LEU F 29 -6.83 3.19 -22.53
CA LEU F 29 -8.08 3.82 -22.19
C LEU F 29 -8.05 4.32 -20.76
N ILE F 30 -7.76 5.59 -20.60
CA ILE F 30 -7.70 6.19 -19.29
C ILE F 30 -9.11 6.58 -18.91
N PRO F 31 -9.55 6.10 -17.76
CA PRO F 31 -10.91 6.43 -17.32
C PRO F 31 -11.01 7.89 -16.97
N ASP F 32 -12.24 8.29 -16.70
CA ASP F 32 -12.52 9.62 -16.24
C ASP F 32 -12.21 9.70 -14.75
N GLY F 33 -12.52 10.84 -14.15
CA GLY F 33 -12.26 11.09 -12.75
C GLY F 33 -12.71 10.01 -11.79
N LEU F 34 -13.76 9.29 -12.14
CA LEU F 34 -14.28 8.24 -11.26
C LEU F 34 -13.41 6.97 -11.21
N GLY F 35 -12.43 6.90 -12.10
CA GLY F 35 -11.48 5.81 -12.17
C GLY F 35 -11.99 4.39 -12.22
N GLU F 36 -13.15 4.17 -12.82
CA GLU F 36 -13.73 2.86 -12.93
C GLU F 36 -13.61 2.33 -14.36
N CYS F 37 -12.66 1.43 -14.54
CA CYS F 37 -12.33 0.86 -15.84
C CYS F 37 -13.32 -0.16 -16.38
N GLN F 38 -14.26 -0.58 -15.54
CA GLN F 38 -15.28 -1.54 -15.97
C GLN F 38 -16.20 -0.88 -17.00
N MET F 39 -16.19 0.44 -17.02
CA MET F 39 -16.97 1.19 -17.98
C MET F 39 -16.46 0.94 -19.40
N PHE F 40 -15.22 0.48 -19.51
CA PHE F 40 -14.60 0.24 -20.81
C PHE F 40 -14.74 -1.19 -21.32
N ASP F 41 -15.37 -2.06 -20.52
CA ASP F 41 -15.52 -3.47 -20.89
C ASP F 41 -15.97 -3.75 -22.31
N LYS F 42 -17.14 -3.22 -22.67
CA LYS F 42 -17.72 -3.44 -23.98
C LYS F 42 -16.86 -2.96 -25.13
N PRO F 43 -16.52 -1.67 -25.14
CA PRO F 43 -15.69 -1.10 -26.20
C PRO F 43 -14.33 -1.74 -26.31
N MET F 44 -13.77 -2.13 -25.17
CA MET F 44 -12.47 -2.76 -25.12
C MET F 44 -12.39 -3.96 -26.05
N SER F 45 -13.38 -4.83 -25.96
CA SER F 45 -13.43 -6.01 -26.79
C SER F 45 -13.54 -5.62 -28.27
N LEU F 46 -14.37 -4.62 -28.56
CA LEU F 46 -14.55 -4.16 -29.92
C LEU F 46 -13.25 -3.62 -30.49
N ILE F 47 -12.55 -2.80 -29.71
CA ILE F 47 -11.32 -2.21 -30.15
C ILE F 47 -10.25 -3.28 -30.36
N ALA F 48 -10.07 -4.13 -29.35
CA ALA F 48 -9.10 -5.20 -29.35
C ALA F 48 -9.26 -6.13 -30.53
N SER F 49 -10.50 -6.38 -30.92
CA SER F 49 -10.77 -7.26 -32.05
C SER F 49 -10.44 -6.59 -33.38
N ASN F 50 -10.06 -5.33 -33.34
CA ASN F 50 -9.71 -4.62 -34.55
C ASN F 50 -8.22 -4.49 -34.73
N GLY F 51 -7.46 -5.38 -34.10
CA GLY F 51 -6.03 -5.37 -34.23
C GLY F 51 -5.20 -4.51 -33.30
N PHE F 52 -5.72 -4.23 -32.12
CA PHE F 52 -4.95 -3.44 -31.17
C PHE F 52 -4.86 -4.17 -29.86
N ARG F 53 -3.85 -3.86 -29.07
CA ARG F 53 -3.79 -4.43 -27.75
C ARG F 53 -4.23 -3.29 -26.87
N VAL F 54 -5.38 -3.47 -26.22
CA VAL F 54 -5.95 -2.45 -25.37
C VAL F 54 -5.67 -2.68 -23.90
N THR F 55 -5.23 -1.64 -23.23
CA THR F 55 -4.93 -1.70 -21.82
C THR F 55 -5.74 -0.66 -21.08
N THR F 56 -6.39 -1.08 -20.00
CA THR F 56 -7.17 -0.19 -19.17
C THR F 56 -6.93 -0.55 -17.72
N PHE F 57 -7.33 0.35 -16.82
CA PHE F 57 -7.10 0.15 -15.41
C PHE F 57 -7.94 1.05 -14.53
N ASP F 58 -8.03 0.69 -13.26
CA ASP F 58 -8.75 1.51 -12.32
C ASP F 58 -7.76 2.55 -11.87
N MET F 59 -8.20 3.78 -11.70
CA MET F 59 -7.31 4.84 -11.27
C MET F 59 -6.95 4.71 -9.81
N PRO F 60 -5.78 5.21 -9.44
CA PRO F 60 -5.19 5.18 -8.10
C PRO F 60 -6.16 5.59 -7.00
N GLY F 61 -6.46 4.65 -6.11
CA GLY F 61 -7.35 4.88 -5.01
C GLY F 61 -8.81 4.67 -5.35
N MET F 62 -9.09 4.44 -6.62
CA MET F 62 -10.45 4.23 -7.08
C MET F 62 -10.71 2.78 -7.37
N SER F 63 -11.91 2.34 -7.02
CA SER F 63 -12.37 1.00 -7.24
C SER F 63 -11.38 -0.07 -6.84
N ARG F 64 -11.04 -0.94 -7.79
CA ARG F 64 -10.11 -2.03 -7.54
C ARG F 64 -8.69 -1.58 -7.34
N SER F 65 -8.42 -0.31 -7.58
CA SER F 65 -7.08 0.22 -7.39
C SER F 65 -7.01 1.09 -6.14
N SER F 66 -7.97 0.89 -5.25
CA SER F 66 -8.07 1.63 -4.00
C SER F 66 -6.87 1.47 -3.09
N ASP F 67 -6.25 0.31 -3.13
CA ASP F 67 -5.07 0.09 -2.31
C ASP F 67 -3.94 0.90 -2.88
N ALA F 68 -3.88 2.16 -2.49
CA ALA F 68 -2.83 3.06 -2.95
C ALA F 68 -2.56 4.17 -1.95
N PRO F 69 -1.36 4.72 -1.99
CA PRO F 69 -0.99 5.82 -1.11
C PRO F 69 -1.92 6.98 -1.31
N PRO F 70 -2.29 7.65 -0.22
CA PRO F 70 -3.20 8.81 -0.19
C PRO F 70 -2.76 9.89 -1.15
N GLU F 71 -1.45 10.07 -1.25
CA GLU F 71 -0.87 11.07 -2.12
C GLU F 71 -1.27 10.88 -3.57
N THR F 72 -1.52 9.64 -3.97
CA THR F 72 -1.86 9.32 -5.34
C THR F 72 -3.28 9.68 -5.76
N TYR F 73 -4.09 10.11 -4.81
CA TYR F 73 -5.45 10.50 -5.13
C TYR F 73 -5.87 11.79 -4.46
N GLN F 74 -4.90 12.64 -4.17
CA GLN F 74 -5.15 13.89 -3.49
C GLN F 74 -4.38 14.97 -4.21
N ASP F 75 -4.96 16.15 -4.29
CA ASP F 75 -4.36 17.28 -5.01
C ASP F 75 -3.97 16.84 -6.41
N ILE F 76 -4.87 16.13 -7.06
CA ILE F 76 -4.65 15.56 -8.38
C ILE F 76 -4.64 16.54 -9.55
N THR F 77 -3.67 16.36 -10.43
CA THR F 77 -3.52 17.14 -11.64
C THR F 77 -3.22 16.19 -12.79
N GLY F 78 -3.24 16.72 -14.01
CA GLY F 78 -2.98 15.91 -15.19
C GLY F 78 -1.58 15.36 -15.22
N ARG F 79 -0.60 16.22 -14.97
CA ARG F 79 0.79 15.80 -14.99
C ARG F 79 1.08 14.83 -13.85
N LYS F 80 0.41 15.01 -12.74
CA LYS F 80 0.60 14.12 -11.61
C LYS F 80 0.11 12.74 -12.02
N LEU F 81 -1.05 12.70 -12.65
CA LEU F 81 -1.64 11.45 -13.11
C LEU F 81 -0.83 10.86 -14.25
N ALA F 82 -0.27 11.70 -15.09
CA ALA F 82 0.54 11.24 -16.20
C ALA F 82 1.75 10.48 -15.70
N GLY F 83 2.34 10.99 -14.61
CA GLY F 83 3.49 10.37 -14.01
C GLY F 83 3.20 8.95 -13.58
N TYR F 84 2.09 8.75 -12.89
CA TYR F 84 1.75 7.43 -12.44
C TYR F 84 1.53 6.52 -13.62
N ILE F 85 0.85 7.04 -14.64
CA ILE F 85 0.54 6.28 -15.83
C ILE F 85 1.80 5.85 -16.55
N ILE F 86 2.77 6.74 -16.66
CA ILE F 86 4.01 6.40 -17.32
C ILE F 86 4.68 5.25 -16.61
N THR F 87 4.75 5.33 -15.29
CA THR F 87 5.38 4.30 -14.49
C THR F 87 4.71 2.96 -14.75
N LEU F 88 3.39 2.96 -14.76
CA LEU F 88 2.63 1.74 -14.99
C LEU F 88 2.87 1.21 -16.38
N LEU F 89 2.90 2.09 -17.36
CA LEU F 89 3.12 1.71 -18.73
C LEU F 89 4.49 1.05 -18.89
N ASP F 90 5.46 1.59 -18.18
CA ASP F 90 6.81 1.05 -18.19
C ASP F 90 6.78 -0.40 -17.70
N THR F 91 6.02 -0.65 -16.64
CA THR F 91 5.89 -1.98 -16.06
C THR F 91 5.20 -2.96 -16.98
N LEU F 92 4.30 -2.46 -17.81
CA LEU F 92 3.60 -3.32 -18.74
C LEU F 92 4.31 -3.38 -20.08
N ASP F 93 5.50 -2.80 -20.13
CA ASP F 93 6.30 -2.77 -21.34
C ASP F 93 5.51 -2.26 -22.54
N ILE F 94 4.84 -1.13 -22.36
CA ILE F 94 4.11 -0.51 -23.44
C ILE F 94 4.93 0.72 -23.72
N LYS F 95 5.54 0.77 -24.90
CA LYS F 95 6.40 1.89 -25.24
C LYS F 95 5.69 3.10 -25.85
N ILE F 96 4.81 2.86 -26.82
CA ILE F 96 4.08 3.93 -27.48
C ILE F 96 2.61 3.54 -27.59
N ALA F 97 1.72 4.50 -27.43
CA ALA F 97 0.30 4.19 -27.49
C ALA F 97 -0.63 5.33 -27.89
N SER F 98 -1.82 4.93 -28.34
CA SER F 98 -2.88 5.85 -28.68
C SER F 98 -3.63 5.97 -27.36
N VAL F 99 -3.76 7.17 -26.83
CA VAL F 99 -4.39 7.35 -25.54
C VAL F 99 -5.71 8.11 -25.48
N TRP F 100 -6.70 7.46 -24.92
CA TRP F 100 -8.02 8.03 -24.75
C TRP F 100 -8.17 8.48 -23.30
N GLY F 101 -8.87 9.59 -23.10
CA GLY F 101 -9.13 10.12 -21.77
C GLY F 101 -10.22 11.16 -21.71
N CYS F 102 -11.14 10.99 -20.78
CA CYS F 102 -12.22 11.94 -20.56
C CYS F 102 -12.00 12.59 -19.20
N ALA F 103 -12.45 13.85 -19.10
CA ALA F 103 -12.35 14.66 -17.88
C ALA F 103 -10.93 14.73 -17.39
N SER F 104 -10.70 14.23 -16.18
CA SER F 104 -9.36 14.22 -15.63
C SER F 104 -8.48 13.31 -16.49
N GLY F 105 -9.11 12.34 -17.13
CA GLY F 105 -8.40 11.43 -18.00
C GLY F 105 -7.91 12.18 -19.23
N ALA F 106 -8.69 13.14 -19.66
CA ALA F 106 -8.36 13.99 -20.80
C ALA F 106 -7.22 14.90 -20.43
N SER F 107 -7.21 15.38 -19.18
CA SER F 107 -6.12 16.24 -18.72
C SER F 107 -4.85 15.43 -18.75
N THR F 108 -4.95 14.20 -18.31
CA THR F 108 -3.83 13.29 -18.30
C THR F 108 -3.32 13.10 -19.71
N VAL F 109 -4.26 12.88 -20.64
CA VAL F 109 -3.91 12.69 -22.04
C VAL F 109 -3.08 13.87 -22.49
N LEU F 110 -3.59 15.07 -22.25
CA LEU F 110 -2.89 16.27 -22.65
C LEU F 110 -1.52 16.38 -21.97
N ALA F 111 -1.45 15.96 -20.71
CA ALA F 111 -0.20 15.98 -19.99
C ALA F 111 0.81 15.06 -20.66
N LEU F 112 0.35 13.89 -21.07
CA LEU F 112 1.17 12.89 -21.74
C LEU F 112 1.62 13.39 -23.10
N CYS F 113 0.75 14.13 -23.76
CA CYS F 113 1.03 14.68 -25.07
C CYS F 113 2.07 15.76 -24.94
N SER F 114 2.05 16.46 -23.83
CA SER F 114 2.97 17.55 -23.59
C SER F 114 4.31 17.12 -23.04
N ASP F 115 4.27 16.35 -21.95
CA ASP F 115 5.49 15.95 -21.27
C ASP F 115 6.10 14.61 -21.65
N TYR F 116 5.35 13.75 -22.30
CA TYR F 116 5.85 12.44 -22.68
C TYR F 116 5.50 12.11 -24.10
N PRO F 117 5.75 13.05 -25.02
CA PRO F 117 5.47 12.95 -26.45
C PRO F 117 5.98 11.67 -27.07
N GLU F 118 7.07 11.16 -26.53
CA GLU F 118 7.68 9.95 -27.07
C GLU F 118 6.89 8.69 -26.80
N ARG F 119 5.99 8.74 -25.84
CA ARG F 119 5.17 7.58 -25.51
C ARG F 119 3.83 7.61 -26.21
N VAL F 120 3.45 8.76 -26.75
CA VAL F 120 2.15 8.93 -27.39
C VAL F 120 2.10 8.95 -28.90
N ARG F 121 1.37 8.01 -29.49
CA ARG F 121 1.20 7.96 -30.93
C ARG F 121 0.22 9.06 -31.32
N ASN F 122 -0.86 9.15 -30.57
CA ASN F 122 -1.90 10.14 -30.78
C ASN F 122 -2.75 10.24 -29.53
N GLY F 123 -3.16 11.45 -29.22
CA GLY F 123 -3.99 11.71 -28.06
C GLY F 123 -5.43 11.96 -28.42
N MET F 124 -6.34 11.39 -27.65
CA MET F 124 -7.76 11.55 -27.87
C MET F 124 -8.41 12.03 -26.59
N PRO F 125 -8.35 13.33 -26.33
CA PRO F 125 -8.96 13.85 -25.11
C PRO F 125 -10.43 14.19 -25.34
N HIS F 126 -11.24 13.93 -24.32
CA HIS F 126 -12.67 14.19 -24.36
C HIS F 126 -13.11 14.96 -23.12
N GLU F 127 -13.66 16.14 -23.36
CA GLU F 127 -14.15 17.02 -22.31
C GLU F 127 -13.12 17.31 -21.22
N VAL F 128 -12.12 18.07 -21.62
CA VAL F 128 -11.06 18.49 -20.73
C VAL F 128 -11.60 19.56 -19.81
N PRO F 129 -11.52 19.33 -18.50
CA PRO F 129 -12.00 20.30 -17.53
C PRO F 129 -11.09 21.51 -17.50
N THR F 130 -11.67 22.69 -17.69
CA THR F 130 -10.89 23.91 -17.67
C THR F 130 -11.46 24.91 -16.68
N GLU F 131 -12.63 24.59 -16.15
CA GLU F 131 -13.27 25.44 -15.17
C GLU F 131 -14.08 24.61 -14.20
N ASN F 132 -14.54 25.21 -13.13
CA ASN F 132 -15.33 24.49 -12.17
C ASN F 132 -16.76 24.95 -12.30
N PRO F 133 -17.63 24.04 -12.74
CA PRO F 133 -19.04 24.40 -12.86
C PRO F 133 -19.56 24.70 -11.47
N ASP F 134 -20.57 25.56 -11.37
CA ASP F 134 -21.13 25.94 -10.09
C ASP F 134 -21.46 24.72 -9.25
N ILE F 135 -22.10 23.74 -9.89
CA ILE F 135 -22.53 22.52 -9.21
C ILE F 135 -21.51 21.84 -8.31
N LEU F 136 -20.23 21.91 -8.66
CA LEU F 136 -19.21 21.26 -7.87
C LEU F 136 -18.35 22.26 -7.11
N LEU F 137 -18.80 23.49 -7.03
CA LEU F 137 -18.07 24.50 -6.30
C LEU F 137 -17.93 24.09 -4.84
N HIS F 138 -19.01 23.61 -4.26
CA HIS F 138 -19.01 23.19 -2.87
C HIS F 138 -19.32 21.71 -2.72
N ILE F 139 -18.53 20.85 -3.36
CA ILE F 139 -18.78 19.41 -3.27
C ILE F 139 -17.72 18.72 -2.42
N HIS F 140 -16.67 19.46 -2.14
CA HIS F 140 -15.57 18.99 -1.32
C HIS F 140 -15.72 19.61 0.05
N GLU F 141 -16.92 19.57 0.60
CA GLU F 141 -17.18 20.14 1.92
C GLU F 141 -18.23 19.35 2.67
N VAL F 142 -19.27 18.92 1.97
CA VAL F 142 -20.35 18.18 2.58
C VAL F 142 -19.97 16.75 2.95
N ASP F 143 -20.83 16.12 3.74
CA ASP F 143 -20.58 14.78 4.21
C ASP F 143 -20.53 13.78 3.06
N PRO F 144 -19.70 12.75 3.21
CA PRO F 144 -19.46 11.64 2.28
C PRO F 144 -20.73 11.06 1.65
N ALA F 145 -21.79 10.87 2.44
CA ALA F 145 -23.01 10.31 1.89
C ALA F 145 -23.68 11.31 0.95
N THR F 146 -23.55 12.60 1.25
CA THR F 146 -24.16 13.61 0.41
C THR F 146 -23.41 13.72 -0.91
N ILE F 147 -22.09 13.63 -0.85
CA ILE F 147 -21.31 13.71 -2.06
C ILE F 147 -21.68 12.56 -2.98
N SER F 148 -21.78 11.36 -2.42
CA SER F 148 -22.15 10.18 -3.20
C SER F 148 -23.53 10.34 -3.80
N GLN F 149 -24.46 10.88 -3.03
CA GLN F 149 -25.81 11.09 -3.50
C GLN F 149 -25.87 12.09 -4.64
N GLU F 150 -25.21 13.22 -4.48
CA GLU F 150 -25.21 14.23 -5.51
C GLU F 150 -24.42 13.83 -6.75
N MET F 151 -23.25 13.24 -6.53
CA MET F 151 -22.38 12.82 -7.62
C MET F 151 -23.00 11.73 -8.45
N ALA F 152 -23.72 10.81 -7.82
CA ALA F 152 -24.33 9.72 -8.54
C ALA F 152 -25.41 10.26 -9.46
N ALA F 153 -26.04 11.34 -9.04
CA ALA F 153 -27.09 11.97 -9.81
C ALA F 153 -26.52 12.83 -10.92
N ASN F 154 -25.46 13.55 -10.62
CA ASN F 154 -24.83 14.40 -11.60
C ASN F 154 -24.21 13.55 -12.71
N SER F 155 -23.55 12.48 -12.33
CA SER F 155 -22.91 11.60 -13.30
C SER F 155 -23.92 10.83 -14.14
N ARG F 156 -24.98 10.38 -13.50
CA ARG F 156 -26.01 9.63 -14.23
C ARG F 156 -26.71 10.55 -15.19
N ALA F 157 -26.83 11.82 -14.81
CA ALA F 157 -27.47 12.81 -15.67
C ALA F 157 -26.57 13.18 -16.84
N ALA F 158 -25.29 12.92 -16.71
CA ALA F 158 -24.34 13.21 -17.76
C ALA F 158 -23.91 11.95 -18.49
N SER F 159 -24.63 10.87 -18.23
CA SER F 159 -24.32 9.58 -18.82
C SER F 159 -24.53 9.51 -20.32
N GLY F 160 -25.54 10.20 -20.82
CA GLY F 160 -25.84 10.22 -22.23
C GLY F 160 -26.78 9.09 -22.62
N ASN F 161 -27.09 8.24 -21.65
CA ASN F 161 -27.97 7.11 -21.83
C ASN F 161 -28.17 6.48 -20.46
N VAL F 162 -29.21 6.90 -19.74
CA VAL F 162 -29.47 6.39 -18.40
C VAL F 162 -29.63 4.89 -18.33
N GLU F 163 -30.22 4.30 -19.36
CA GLU F 163 -30.42 2.87 -19.41
C GLU F 163 -29.08 2.16 -19.26
N ALA F 164 -28.14 2.51 -20.13
CA ALA F 164 -26.81 1.91 -20.12
C ALA F 164 -26.03 2.26 -18.87
N TRP F 165 -26.24 3.46 -18.34
CA TRP F 165 -25.54 3.86 -17.13
C TRP F 165 -25.94 2.94 -16.00
N ASP F 166 -27.25 2.77 -15.82
CA ASP F 166 -27.80 1.93 -14.78
C ASP F 166 -27.40 0.49 -15.02
N ALA F 167 -27.29 0.14 -16.30
CA ALA F 167 -26.95 -1.21 -16.74
C ALA F 167 -25.51 -1.62 -16.45
N LEU F 168 -24.75 -0.71 -15.84
CA LEU F 168 -23.38 -1.02 -15.47
C LEU F 168 -23.36 -2.08 -14.36
N GLY F 169 -24.35 -2.04 -13.47
CA GLY F 169 -24.46 -3.03 -12.44
C GLY F 169 -24.26 -2.56 -11.02
N PRO F 170 -24.91 -3.22 -10.08
CA PRO F 170 -24.80 -2.90 -8.66
C PRO F 170 -23.35 -2.82 -8.23
N GLU F 171 -22.55 -3.82 -8.57
CA GLU F 171 -21.14 -3.80 -8.20
C GLU F 171 -20.43 -2.55 -8.65
N VAL F 172 -20.60 -2.20 -9.92
CA VAL F 172 -19.94 -1.00 -10.43
C VAL F 172 -20.39 0.21 -9.64
N HIS F 173 -21.70 0.34 -9.45
CA HIS F 173 -22.23 1.48 -8.71
C HIS F 173 -21.85 1.49 -7.24
N ALA F 174 -21.66 0.32 -6.66
CA ALA F 174 -21.23 0.24 -5.28
C ALA F 174 -19.82 0.79 -5.23
N ARG F 175 -19.00 0.35 -6.17
CA ARG F 175 -17.62 0.83 -6.24
C ARG F 175 -17.63 2.32 -6.50
N LEU F 176 -18.51 2.75 -7.38
CA LEU F 176 -18.61 4.16 -7.71
C LEU F 176 -19.02 4.96 -6.48
N HIS F 177 -19.89 4.37 -5.68
CA HIS F 177 -20.36 5.01 -4.47
C HIS F 177 -19.21 5.37 -3.55
N ASP F 178 -18.25 4.48 -3.42
CA ASP F 178 -17.12 4.72 -2.55
C ASP F 178 -16.07 5.64 -3.19
N ASN F 179 -16.11 5.78 -4.50
CA ASN F 179 -15.14 6.62 -5.20
C ASN F 179 -15.50 8.10 -5.22
N TYR F 180 -16.77 8.40 -5.28
CA TYR F 180 -17.25 9.77 -5.37
C TYR F 180 -16.62 10.72 -4.36
N PRO F 181 -16.72 10.39 -3.06
CA PRO F 181 -16.15 11.24 -2.02
C PRO F 181 -14.66 11.42 -2.25
N ARG F 182 -13.97 10.32 -2.47
CA ARG F 182 -12.54 10.35 -2.71
C ARG F 182 -12.22 11.24 -3.89
N TRP F 183 -13.03 11.13 -4.95
CA TRP F 183 -12.84 11.95 -6.14
C TRP F 183 -13.04 13.41 -5.81
N ALA F 184 -14.04 13.70 -5.00
CA ALA F 184 -14.34 15.08 -4.64
C ALA F 184 -13.25 15.77 -3.84
N TYR F 185 -12.61 15.04 -2.93
CA TYR F 185 -11.58 15.66 -2.12
C TYR F 185 -10.28 15.89 -2.87
N GLY F 186 -10.08 15.19 -3.98
CA GLY F 186 -8.83 15.36 -4.69
C GLY F 186 -8.80 15.72 -6.16
N TYR F 187 -9.95 15.90 -6.79
CA TYR F 187 -9.95 16.20 -8.21
C TYR F 187 -10.50 17.57 -8.65
N PRO F 188 -11.79 17.82 -8.39
CA PRO F 188 -12.47 19.03 -8.84
C PRO F 188 -11.76 20.36 -8.54
N ARG F 189 -11.20 20.49 -7.36
CA ARG F 189 -10.53 21.73 -7.01
C ARG F 189 -9.26 21.98 -7.79
N THR F 190 -8.49 20.94 -8.07
CA THR F 190 -7.21 21.13 -8.73
C THR F 190 -7.07 20.73 -10.20
N ILE F 191 -7.90 19.81 -10.67
CA ILE F 191 -7.78 19.35 -12.04
C ILE F 191 -7.96 20.44 -13.12
N PRO F 192 -9.06 21.18 -13.06
CA PRO F 192 -9.39 22.24 -14.03
C PRO F 192 -8.29 23.26 -14.24
N PRO F 193 -7.76 23.82 -13.16
CA PRO F 193 -6.71 24.83 -13.32
C PRO F 193 -5.40 24.28 -13.87
N SER F 194 -5.20 22.97 -13.77
CA SER F 194 -3.98 22.36 -14.24
C SER F 194 -4.03 21.87 -15.68
N ALA F 195 -5.15 22.14 -16.36
CA ALA F 195 -5.34 21.68 -17.72
C ALA F 195 -4.20 22.09 -18.64
N PRO F 196 -3.47 21.11 -19.15
CA PRO F 196 -2.36 21.38 -20.06
C PRO F 196 -2.93 21.81 -21.39
N VAL F 197 -3.34 23.06 -21.49
CA VAL F 197 -3.97 23.54 -22.71
C VAL F 197 -3.31 24.79 -23.28
N LYS F 198 -2.06 24.99 -22.96
CA LYS F 198 -1.33 26.11 -23.52
C LYS F 198 -0.81 25.68 -24.89
N THR F 199 -0.49 26.66 -25.73
CA THR F 199 -0.02 26.38 -27.08
C THR F 199 1.08 25.36 -27.11
N GLU F 200 2.04 25.51 -26.23
CA GLU F 200 3.18 24.60 -26.20
C GLU F 200 2.83 23.15 -25.83
N ASP F 201 1.69 22.95 -25.18
CA ASP F 201 1.26 21.62 -24.79
C ASP F 201 0.58 20.86 -25.91
N LEU F 202 0.12 21.57 -26.93
CA LEU F 202 -0.68 20.92 -27.96
C LEU F 202 -0.13 20.56 -29.33
N HIS F 203 1.13 20.80 -29.60
CA HIS F 203 1.64 20.47 -30.92
C HIS F 203 2.86 19.55 -30.97
N LYS F 204 2.95 18.60 -30.06
CA LYS F 204 4.04 17.66 -30.06
C LYS F 204 3.62 16.36 -30.71
N VAL F 205 2.36 15.99 -30.56
CA VAL F 205 1.83 14.78 -31.15
C VAL F 205 0.44 15.07 -31.68
N PRO F 206 -0.05 14.21 -32.58
CA PRO F 206 -1.39 14.38 -33.13
C PRO F 206 -2.44 14.29 -32.03
N ILE F 207 -3.40 15.20 -32.07
CA ILE F 207 -4.46 15.25 -31.09
C ILE F 207 -5.82 15.36 -31.75
N ASP F 208 -6.72 14.49 -31.36
CA ASP F 208 -8.07 14.52 -31.86
C ASP F 208 -8.94 14.71 -30.62
N TRP F 209 -9.48 15.92 -30.51
CA TRP F 209 -10.28 16.36 -29.38
C TRP F 209 -11.77 16.21 -29.64
N THR F 210 -12.49 15.81 -28.61
CA THR F 210 -13.93 15.62 -28.71
C THR F 210 -14.71 16.13 -27.51
N VAL F 211 -15.98 16.40 -27.75
CA VAL F 211 -16.93 16.84 -26.74
C VAL F 211 -18.23 16.07 -27.02
N GLY F 212 -19.02 15.85 -26.00
CA GLY F 212 -20.27 15.16 -26.17
C GLY F 212 -21.22 15.98 -27.01
N ALA F 213 -21.83 15.33 -27.99
CA ALA F 213 -22.80 15.98 -28.86
C ALA F 213 -24.02 16.50 -28.11
N SER F 214 -24.44 15.74 -27.10
CA SER F 214 -25.59 16.10 -26.30
C SER F 214 -25.24 16.94 -25.07
N THR F 215 -23.95 17.04 -24.79
CA THR F 215 -23.47 17.81 -23.67
C THR F 215 -23.86 19.27 -23.84
N PRO F 216 -24.40 19.89 -22.78
CA PRO F 216 -24.75 21.30 -22.82
C PRO F 216 -23.55 22.09 -23.29
N THR F 217 -23.78 22.96 -24.25
CA THR F 217 -22.75 23.78 -24.86
C THR F 217 -21.82 24.50 -23.90
N LYS F 218 -22.37 25.09 -22.85
CA LYS F 218 -21.55 25.83 -21.90
C LYS F 218 -20.53 24.98 -21.18
N LEU F 219 -20.88 23.73 -20.92
CA LEU F 219 -20.02 22.82 -20.19
C LEU F 219 -18.57 22.75 -20.65
N PHE F 220 -18.37 22.55 -21.94
CA PHE F 220 -17.03 22.43 -22.47
C PHE F 220 -16.79 23.34 -23.64
N PHE F 221 -17.48 24.47 -23.59
CA PHE F 221 -17.40 25.53 -24.58
C PHE F 221 -15.96 25.91 -24.81
N GLU F 222 -15.19 26.04 -23.74
CA GLU F 222 -13.79 26.42 -23.84
C GLU F 222 -12.95 25.40 -24.61
N ASN F 223 -13.31 24.13 -24.52
CA ASN F 223 -12.57 23.10 -25.25
C ASN F 223 -12.59 23.45 -26.72
N ILE F 224 -13.79 23.73 -27.22
CA ILE F 224 -13.97 24.04 -28.63
C ILE F 224 -13.21 25.29 -29.03
N VAL F 225 -13.20 26.28 -28.17
CA VAL F 225 -12.51 27.53 -28.45
C VAL F 225 -11.00 27.31 -28.53
N ILE F 226 -10.44 26.66 -27.51
CA ILE F 226 -9.03 26.39 -27.47
C ILE F 226 -8.58 25.60 -28.69
N ALA F 227 -9.26 24.50 -28.98
CA ALA F 227 -8.91 23.66 -30.11
C ALA F 227 -9.01 24.38 -31.46
N ALA F 228 -10.08 25.13 -31.65
CA ALA F 228 -10.25 25.84 -32.90
C ALA F 228 -9.14 26.87 -33.06
N ARG F 229 -8.84 27.58 -31.99
CA ARG F 229 -7.78 28.58 -31.97
C ARG F 229 -6.42 27.97 -32.30
N GLU F 230 -6.13 26.82 -31.72
CA GLU F 230 -4.87 26.16 -31.92
C GLU F 230 -4.78 25.35 -33.20
N GLY F 231 -5.89 25.17 -33.88
CA GLY F 231 -5.88 24.40 -35.11
C GLY F 231 -5.89 22.90 -34.86
N ILE F 232 -6.46 22.49 -33.74
CA ILE F 232 -6.55 21.08 -33.37
C ILE F 232 -7.88 20.48 -33.80
N ASN F 233 -7.84 19.27 -34.34
CA ASN F 233 -9.03 18.57 -34.76
C ASN F 233 -10.00 18.50 -33.59
N ILE F 234 -11.18 19.05 -33.77
CA ILE F 234 -12.16 19.07 -32.72
C ILE F 234 -13.52 18.72 -33.30
N GLY F 235 -14.20 17.80 -32.63
CA GLY F 235 -15.50 17.37 -33.05
C GLY F 235 -16.30 16.79 -31.91
N THR F 236 -17.41 16.17 -32.23
CA THR F 236 -18.24 15.58 -31.21
C THR F 236 -18.37 14.09 -31.36
N LEU F 237 -18.82 13.50 -30.27
CA LEU F 237 -19.10 12.11 -30.18
C LEU F 237 -20.52 12.03 -29.64
N PRO F 238 -21.28 11.05 -30.10
CA PRO F 238 -22.65 10.94 -29.60
C PRO F 238 -22.61 10.72 -28.09
N GLY F 239 -23.62 11.21 -27.40
CA GLY F 239 -23.67 11.07 -25.97
C GLY F 239 -23.19 12.30 -25.24
N ASN F 240 -22.78 12.12 -23.99
CA ASN F 240 -22.31 13.23 -23.19
C ASN F 240 -20.93 13.01 -22.62
N HIS F 241 -20.88 12.74 -21.33
CA HIS F 241 -19.64 12.56 -20.60
C HIS F 241 -19.03 11.16 -20.68
N PHE F 242 -19.85 10.14 -20.87
CA PHE F 242 -19.36 8.78 -20.94
C PHE F 242 -19.76 8.06 -22.22
N PRO F 243 -19.21 8.50 -23.36
CA PRO F 243 -19.50 7.95 -24.68
C PRO F 243 -19.16 6.48 -24.75
N TYR F 244 -18.16 6.05 -24.00
CA TYR F 244 -17.78 4.64 -23.97
C TYR F 244 -18.86 3.79 -23.30
N VAL F 245 -19.72 4.42 -22.52
CA VAL F 245 -20.81 3.73 -21.87
C VAL F 245 -22.11 3.88 -22.65
N SER F 246 -22.41 5.11 -23.04
CA SER F 246 -23.62 5.40 -23.78
C SER F 246 -23.67 4.84 -25.18
N HIS F 247 -22.56 4.93 -25.90
CA HIS F 247 -22.47 4.46 -27.27
C HIS F 247 -21.18 3.71 -27.52
N PRO F 248 -21.08 2.49 -26.98
CA PRO F 248 -19.86 1.68 -27.11
C PRO F 248 -19.41 1.44 -28.55
N GLU F 249 -20.33 1.07 -29.43
CA GLU F 249 -19.99 0.80 -30.82
C GLU F 249 -19.39 2.02 -31.49
N GLU F 250 -20.06 3.16 -31.37
CA GLU F 250 -19.57 4.39 -31.97
C GLU F 250 -18.27 4.81 -31.32
N PHE F 251 -18.14 4.57 -30.02
CA PHE F 251 -16.94 4.92 -29.31
C PHE F 251 -15.76 4.11 -29.81
N ALA F 252 -15.98 2.81 -29.94
CA ALA F 252 -14.95 1.89 -30.39
C ALA F 252 -14.53 2.23 -31.80
N LYS F 253 -15.52 2.51 -32.64
CA LYS F 253 -15.26 2.87 -34.01
C LYS F 253 -14.36 4.10 -34.07
N TYR F 254 -14.68 5.11 -33.27
CA TYR F 254 -13.89 6.33 -33.23
C TYR F 254 -12.46 6.11 -32.80
N VAL F 255 -12.27 5.32 -31.75
CA VAL F 255 -10.94 5.04 -31.27
C VAL F 255 -10.13 4.26 -32.30
N VAL F 256 -10.75 3.27 -32.92
CA VAL F 256 -10.07 2.46 -33.92
C VAL F 256 -9.67 3.26 -35.15
N GLU F 257 -10.61 3.97 -35.73
CA GLU F 257 -10.34 4.78 -36.90
C GLU F 257 -9.33 5.88 -36.66
N THR F 258 -9.44 6.56 -35.53
CA THR F 258 -8.52 7.64 -35.23
C THR F 258 -7.11 7.14 -34.99
N SER F 259 -6.96 6.05 -34.25
CA SER F 259 -5.65 5.52 -33.96
C SER F 259 -5.03 4.93 -35.22
N ARG F 260 -5.85 4.22 -35.98
CA ARG F 260 -5.43 3.57 -37.21
C ARG F 260 -4.75 4.53 -38.14
N LYS F 261 -5.31 5.71 -38.31
CA LYS F 261 -4.75 6.69 -39.22
C LYS F 261 -3.34 7.18 -38.90
N TYR F 262 -2.90 6.98 -37.66
CA TYR F 262 -1.57 7.42 -37.28
C TYR F 262 -0.56 6.26 -37.21
N LEU F 263 -0.98 5.07 -37.62
CA LEU F 263 -0.08 3.94 -37.58
C LEU F 263 0.91 4.01 -38.72
N LYS F 264 2.18 3.74 -38.41
CA LYS F 264 3.23 3.78 -39.41
C LYS F 264 4.06 2.52 -39.38
N THR G 2 -43.89 54.09 -23.03
CA THR G 2 -45.00 53.65 -23.86
C THR G 2 -44.55 52.83 -25.04
N ARG G 3 -45.30 51.78 -25.35
CA ARG G 3 -44.97 50.96 -26.48
C ARG G 3 -45.76 51.43 -27.70
N THR G 4 -45.03 51.75 -28.75
CA THR G 4 -45.64 52.18 -29.99
C THR G 4 -45.86 50.93 -30.82
N ARG G 5 -47.08 50.73 -31.28
CA ARG G 5 -47.39 49.58 -32.09
C ARG G 5 -47.98 50.08 -33.39
N GLY G 6 -47.51 49.54 -34.51
CA GLY G 6 -48.03 49.98 -35.78
C GLY G 6 -47.78 49.10 -36.99
N TYR G 7 -48.30 49.56 -38.11
CA TYR G 7 -48.14 48.90 -39.39
C TYR G 7 -47.62 49.90 -40.39
N VAL G 8 -46.80 49.43 -41.30
CA VAL G 8 -46.24 50.27 -42.33
C VAL G 8 -45.94 49.44 -43.57
N THR G 9 -46.37 49.93 -44.72
CA THR G 9 -46.15 49.25 -45.97
C THR G 9 -44.97 49.85 -46.73
N THR G 10 -43.88 49.11 -46.80
CA THR G 10 -42.69 49.55 -47.49
C THR G 10 -42.87 49.37 -48.99
N LYS G 11 -41.94 49.93 -49.76
CA LYS G 11 -41.97 49.89 -51.22
C LYS G 11 -41.86 48.51 -51.84
N ASP G 12 -41.44 47.52 -51.07
CA ASP G 12 -41.33 46.17 -51.59
C ASP G 12 -42.64 45.43 -51.42
N GLY G 13 -43.68 46.14 -50.98
CA GLY G 13 -44.99 45.54 -50.82
C GLY G 13 -45.27 44.84 -49.51
N ILE G 14 -44.30 44.85 -48.60
CA ILE G 14 -44.47 44.21 -47.31
C ILE G 14 -45.23 45.10 -46.32
N LYS G 15 -46.32 44.61 -45.78
CA LYS G 15 -47.04 45.36 -44.77
C LYS G 15 -46.50 44.87 -43.43
N TRP G 16 -45.53 45.58 -42.91
CA TRP G 16 -44.88 45.23 -41.66
C TRP G 16 -45.63 45.58 -40.39
N TYR G 17 -45.59 44.69 -39.43
CA TYR G 17 -46.13 44.99 -38.12
C TYR G 17 -44.87 45.25 -37.32
N TYR G 18 -44.80 46.39 -36.65
CA TYR G 18 -43.61 46.71 -35.89
C TYR G 18 -43.92 47.31 -34.52
N GLU G 19 -42.95 47.25 -33.63
CA GLU G 19 -43.08 47.81 -32.31
C GLU G 19 -41.83 48.60 -31.97
N GLN G 20 -42.01 49.66 -31.19
CA GLN G 20 -40.93 50.53 -30.78
C GLN G 20 -41.14 51.07 -29.38
N GLU G 21 -40.06 51.20 -28.63
CA GLU G 21 -40.12 51.75 -27.28
C GLU G 21 -38.79 52.36 -26.89
N GLY G 22 -38.88 53.47 -26.16
CA GLY G 22 -37.71 54.16 -25.67
C GLY G 22 -37.18 55.24 -26.56
N SER G 23 -36.07 55.83 -26.14
CA SER G 23 -35.39 56.87 -26.88
C SER G 23 -33.90 56.75 -26.65
N GLY G 24 -33.12 57.18 -27.62
CA GLY G 24 -31.69 57.11 -27.51
C GLY G 24 -31.16 56.31 -28.68
N PRO G 25 -29.94 55.80 -28.57
CA PRO G 25 -29.37 55.02 -29.66
C PRO G 25 -30.27 53.82 -29.98
N ASP G 26 -30.32 53.46 -31.25
CA ASP G 26 -31.16 52.37 -31.72
C ASP G 26 -30.70 50.94 -31.52
N VAL G 27 -31.63 50.10 -31.11
CA VAL G 27 -31.39 48.69 -30.95
C VAL G 27 -32.48 48.02 -31.76
N VAL G 28 -32.09 47.08 -32.59
CA VAL G 28 -33.04 46.37 -33.42
C VAL G 28 -33.04 44.89 -33.05
N LEU G 29 -34.20 44.38 -32.68
CA LEU G 29 -34.34 42.99 -32.32
C LEU G 29 -34.97 42.21 -33.46
N ILE G 30 -34.14 41.53 -34.22
CA ILE G 30 -34.65 40.75 -35.31
C ILE G 30 -35.03 39.41 -34.75
N PRO G 31 -36.28 39.01 -34.99
CA PRO G 31 -36.75 37.71 -34.50
C PRO G 31 -36.02 36.57 -35.16
N ASP G 32 -36.32 35.38 -34.70
CA ASP G 32 -35.78 34.16 -35.29
C ASP G 32 -36.64 33.83 -36.51
N GLY G 33 -36.44 32.62 -37.01
CA GLY G 33 -37.14 32.12 -38.19
C GLY G 33 -38.64 32.20 -38.10
N LEU G 34 -39.18 32.03 -36.90
CA LEU G 34 -40.62 32.08 -36.69
C LEU G 34 -41.20 33.50 -36.85
N GLY G 35 -40.33 34.50 -36.84
CA GLY G 35 -40.70 35.89 -37.03
C GLY G 35 -41.82 36.47 -36.20
N GLU G 36 -41.85 36.13 -34.93
CA GLU G 36 -42.87 36.60 -34.00
C GLU G 36 -42.24 37.53 -32.99
N CYS G 37 -42.48 38.83 -33.17
CA CYS G 37 -41.88 39.87 -32.32
C CYS G 37 -42.46 40.02 -30.92
N GLN G 38 -43.60 39.38 -30.66
CA GLN G 38 -44.19 39.42 -29.32
C GLN G 38 -43.30 38.67 -28.35
N MET G 39 -42.35 37.91 -28.88
CA MET G 39 -41.41 37.17 -28.05
C MET G 39 -40.42 38.12 -27.38
N PHE G 40 -40.33 39.33 -27.91
CA PHE G 40 -39.42 40.32 -27.39
C PHE G 40 -40.09 41.30 -26.44
N ASP G 41 -41.39 41.13 -26.22
CA ASP G 41 -42.18 42.01 -25.38
C ASP G 41 -41.51 42.42 -24.08
N LYS G 42 -41.14 41.43 -23.28
CA LYS G 42 -40.54 41.67 -21.98
C LYS G 42 -39.19 42.36 -22.00
N PRO G 43 -38.20 41.78 -22.72
CA PRO G 43 -36.88 42.39 -22.77
C PRO G 43 -36.87 43.73 -23.47
N MET G 44 -37.85 43.97 -24.31
CA MET G 44 -37.96 45.20 -25.04
C MET G 44 -38.02 46.38 -24.07
N SER G 45 -38.93 46.28 -23.11
CA SER G 45 -39.09 47.30 -22.10
C SER G 45 -37.84 47.40 -21.24
N LEU G 46 -37.25 46.26 -20.89
CA LEU G 46 -36.04 46.27 -20.10
C LEU G 46 -34.92 47.04 -20.79
N ILE G 47 -34.69 46.74 -22.06
CA ILE G 47 -33.64 47.41 -22.81
C ILE G 47 -33.93 48.89 -22.99
N ALA G 48 -35.19 49.20 -23.31
CA ALA G 48 -35.62 50.58 -23.57
C ALA G 48 -35.44 51.46 -22.36
N SER G 49 -35.55 50.88 -21.19
CA SER G 49 -35.43 51.64 -19.95
C SER G 49 -33.97 51.91 -19.58
N ASN G 50 -33.05 51.47 -20.42
CA ASN G 50 -31.64 51.69 -20.17
C ASN G 50 -31.12 52.76 -21.10
N GLY G 51 -32.02 53.57 -21.63
CA GLY G 51 -31.65 54.64 -22.52
C GLY G 51 -31.47 54.25 -23.96
N PHE G 52 -32.32 53.37 -24.45
CA PHE G 52 -32.24 52.94 -25.83
C PHE G 52 -33.60 52.99 -26.48
N ARG G 53 -33.62 53.24 -27.77
CA ARG G 53 -34.86 53.19 -28.50
C ARG G 53 -34.82 51.82 -29.15
N VAL G 54 -35.72 50.94 -28.72
CA VAL G 54 -35.77 49.59 -29.25
C VAL G 54 -36.82 49.37 -30.31
N THR G 55 -36.42 48.74 -31.39
CA THR G 55 -37.33 48.44 -32.49
C THR G 55 -37.35 46.97 -32.83
N THR G 56 -38.55 46.42 -32.96
CA THR G 56 -38.76 45.03 -33.35
C THR G 56 -39.94 44.96 -34.31
N PHE G 57 -40.13 43.80 -34.93
CA PHE G 57 -41.18 43.59 -35.92
C PHE G 57 -41.40 42.12 -36.26
N ASP G 58 -42.58 41.81 -36.78
CA ASP G 58 -42.88 40.47 -37.23
C ASP G 58 -42.25 40.39 -38.61
N MET G 59 -41.64 39.25 -38.93
CA MET G 59 -40.99 39.09 -40.21
C MET G 59 -42.00 38.89 -41.35
N PRO G 60 -41.57 39.20 -42.57
CA PRO G 60 -42.37 39.14 -43.81
C PRO G 60 -43.07 37.82 -43.96
N GLY G 61 -44.38 37.87 -44.11
CA GLY G 61 -45.19 36.69 -44.25
C GLY G 61 -45.55 36.03 -42.93
N MET G 62 -44.88 36.42 -41.87
CA MET G 62 -45.12 35.84 -40.55
C MET G 62 -45.99 36.71 -39.66
N SER G 63 -46.78 36.03 -38.83
CA SER G 63 -47.65 36.67 -37.87
C SER G 63 -48.38 37.88 -38.43
N ARG G 64 -48.22 39.01 -37.77
CA ARG G 64 -48.91 40.22 -38.19
C ARG G 64 -48.32 40.90 -39.42
N SER G 65 -47.18 40.41 -39.89
CA SER G 65 -46.54 40.93 -41.08
C SER G 65 -46.84 39.99 -42.26
N SER G 66 -47.89 39.21 -42.11
CA SER G 66 -48.28 38.22 -43.12
C SER G 66 -48.78 38.74 -44.46
N ASP G 67 -49.19 39.99 -44.51
CA ASP G 67 -49.64 40.58 -45.76
C ASP G 67 -48.41 41.04 -46.51
N ALA G 68 -47.78 40.10 -47.20
CA ALA G 68 -46.58 40.39 -47.93
C ALA G 68 -46.50 39.52 -49.17
N PRO G 69 -45.78 39.98 -50.19
CA PRO G 69 -45.64 39.20 -51.42
C PRO G 69 -44.95 37.89 -51.09
N PRO G 70 -45.36 36.81 -51.76
CA PRO G 70 -44.84 35.44 -51.59
C PRO G 70 -43.34 35.35 -51.62
N GLU G 71 -42.69 36.12 -52.50
CA GLU G 71 -41.25 36.11 -52.64
C GLU G 71 -40.51 36.58 -51.39
N THR G 72 -41.20 37.34 -50.53
CA THR G 72 -40.57 37.83 -49.31
C THR G 72 -40.45 36.77 -48.23
N TYR G 73 -41.03 35.60 -48.49
CA TYR G 73 -40.93 34.49 -47.55
C TYR G 73 -40.69 33.13 -48.21
N GLN G 74 -40.07 33.17 -49.39
CA GLN G 74 -39.75 31.96 -50.12
C GLN G 74 -38.30 32.08 -50.54
N ASP G 75 -37.59 30.95 -50.51
CA ASP G 75 -36.17 30.90 -50.86
C ASP G 75 -35.43 31.97 -50.07
N ILE G 76 -35.66 31.97 -48.78
CA ILE G 76 -35.08 32.94 -47.88
C ILE G 76 -33.60 32.75 -47.57
N THR G 77 -32.87 33.86 -47.59
CA THR G 77 -31.46 33.88 -47.25
C THR G 77 -31.22 35.06 -46.33
N GLY G 78 -30.07 35.07 -45.67
CA GLY G 78 -29.73 36.15 -44.78
C GLY G 78 -29.73 37.48 -45.50
N ARG G 79 -29.08 37.50 -46.67
CA ARG G 79 -28.98 38.70 -47.47
C ARG G 79 -30.34 39.15 -47.96
N LYS G 80 -31.20 38.22 -48.31
CA LYS G 80 -32.53 38.57 -48.77
C LYS G 80 -33.30 39.31 -47.68
N LEU G 81 -33.21 38.82 -46.46
CA LEU G 81 -33.91 39.43 -45.34
C LEU G 81 -33.27 40.76 -44.99
N ALA G 82 -31.97 40.83 -45.15
CA ALA G 82 -31.23 42.03 -44.85
C ALA G 82 -31.74 43.18 -45.71
N GLY G 83 -31.98 42.89 -46.98
CA GLY G 83 -32.47 43.88 -47.90
C GLY G 83 -33.79 44.45 -47.44
N TYR G 84 -34.71 43.56 -47.10
CA TYR G 84 -36.01 43.98 -46.63
C TYR G 84 -35.91 44.84 -45.39
N ILE G 85 -35.10 44.40 -44.43
CA ILE G 85 -34.96 45.13 -43.19
C ILE G 85 -34.37 46.52 -43.39
N ILE G 86 -33.40 46.64 -44.27
CA ILE G 86 -32.77 47.91 -44.57
C ILE G 86 -33.83 48.87 -45.06
N THR G 87 -34.68 48.40 -45.95
CA THR G 87 -35.76 49.22 -46.48
C THR G 87 -36.70 49.64 -45.35
N LEU G 88 -36.99 48.73 -44.43
CA LEU G 88 -37.86 49.03 -43.30
C LEU G 88 -37.20 50.03 -42.38
N LEU G 89 -35.90 49.84 -42.15
CA LEU G 89 -35.16 50.73 -41.30
C LEU G 89 -35.15 52.13 -41.91
N ASP G 90 -35.11 52.20 -43.24
CA ASP G 90 -35.12 53.46 -43.95
C ASP G 90 -36.44 54.16 -43.72
N THR G 91 -37.51 53.39 -43.78
CA THR G 91 -38.86 53.90 -43.58
C THR G 91 -39.07 54.40 -42.16
N LEU G 92 -38.42 53.75 -41.19
CA LEU G 92 -38.56 54.14 -39.80
C LEU G 92 -37.52 55.15 -39.35
N ASP G 93 -36.76 55.65 -40.31
CA ASP G 93 -35.72 56.63 -40.07
C ASP G 93 -34.75 56.17 -39.00
N ILE G 94 -34.22 54.96 -39.17
CA ILE G 94 -33.22 54.44 -38.25
C ILE G 94 -31.91 54.33 -39.03
N LYS G 95 -30.94 55.17 -38.67
CA LYS G 95 -29.68 55.20 -39.40
C LYS G 95 -28.68 54.12 -39.02
N ILE G 96 -28.29 54.08 -37.76
CA ILE G 96 -27.35 53.08 -37.28
C ILE G 96 -27.95 52.39 -36.05
N ALA G 97 -27.68 51.10 -35.91
CA ALA G 97 -28.25 50.36 -34.80
C ALA G 97 -27.46 49.15 -34.31
N SER G 98 -27.75 48.76 -33.07
CA SER G 98 -27.16 47.59 -32.48
C SER G 98 -28.17 46.54 -32.88
N VAL G 99 -27.73 45.49 -33.55
CA VAL G 99 -28.66 44.47 -34.02
C VAL G 99 -28.53 43.08 -33.44
N TRP G 100 -29.63 42.58 -32.92
CA TRP G 100 -29.71 41.24 -32.37
C TRP G 100 -30.46 40.34 -33.36
N GLY G 101 -30.09 39.07 -33.40
CA GLY G 101 -30.74 38.11 -34.25
C GLY G 101 -30.38 36.66 -34.00
N CYS G 102 -31.40 35.82 -33.88
CA CYS G 102 -31.22 34.39 -33.69
C CYS G 102 -31.66 33.68 -34.95
N ALA G 103 -31.04 32.53 -35.21
CA ALA G 103 -31.33 31.66 -36.35
C ALA G 103 -31.21 32.42 -37.66
N SER G 104 -32.30 32.50 -38.41
CA SER G 104 -32.33 33.26 -39.65
C SER G 104 -32.07 34.73 -39.31
N GLY G 105 -32.46 35.10 -38.09
CA GLY G 105 -32.24 36.44 -37.61
C GLY G 105 -30.76 36.71 -37.48
N ALA G 106 -30.02 35.69 -37.04
CA ALA G 106 -28.58 35.80 -36.89
C ALA G 106 -27.95 35.93 -38.28
N SER G 107 -28.41 35.12 -39.21
CA SER G 107 -27.90 35.18 -40.57
C SER G 107 -28.07 36.57 -41.15
N THR G 108 -29.23 37.15 -40.89
CA THR G 108 -29.56 38.48 -41.35
C THR G 108 -28.61 39.49 -40.72
N VAL G 109 -28.38 39.35 -39.43
CA VAL G 109 -27.47 40.23 -38.73
C VAL G 109 -26.11 40.21 -39.41
N LEU G 110 -25.61 39.02 -39.70
CA LEU G 110 -24.32 38.86 -40.34
C LEU G 110 -24.30 39.48 -41.72
N ALA G 111 -25.42 39.34 -42.44
CA ALA G 111 -25.54 39.92 -43.76
C ALA G 111 -25.47 41.42 -43.66
N LEU G 112 -26.08 41.97 -42.62
CA LEU G 112 -26.07 43.41 -42.43
C LEU G 112 -24.65 43.88 -42.12
N CYS G 113 -23.94 43.10 -41.31
CA CYS G 113 -22.57 43.44 -40.95
C CYS G 113 -21.65 43.40 -42.17
N SER G 114 -21.95 42.50 -43.08
CA SER G 114 -21.15 42.31 -44.27
C SER G 114 -21.53 43.21 -45.43
N ASP G 115 -22.82 43.36 -45.69
CA ASP G 115 -23.27 44.14 -46.83
C ASP G 115 -23.73 45.57 -46.53
N TYR G 116 -24.06 45.86 -45.28
CA TYR G 116 -24.51 47.20 -44.90
C TYR G 116 -23.85 47.63 -43.62
N PRO G 117 -22.51 47.56 -43.57
CA PRO G 117 -21.70 47.89 -42.40
C PRO G 117 -21.98 49.29 -41.83
N GLU G 118 -22.30 50.23 -42.70
CA GLU G 118 -22.56 51.59 -42.27
C GLU G 118 -23.80 51.72 -41.38
N ARG G 119 -24.73 50.78 -41.49
CA ARG G 119 -25.94 50.83 -40.68
C ARG G 119 -25.82 50.06 -39.38
N VAL G 120 -24.72 49.35 -39.20
CA VAL G 120 -24.56 48.55 -38.00
C VAL G 120 -23.52 49.06 -37.02
N ARG G 121 -23.96 49.40 -35.82
CA ARG G 121 -23.04 49.84 -34.80
C ARG G 121 -22.31 48.60 -34.34
N ASN G 122 -23.09 47.55 -34.12
CA ASN G 122 -22.56 46.26 -33.68
C ASN G 122 -23.57 45.14 -33.90
N GLY G 123 -23.06 43.95 -34.16
CA GLY G 123 -23.88 42.80 -34.42
C GLY G 123 -23.85 41.76 -33.32
N MET G 124 -25.04 41.30 -32.95
CA MET G 124 -25.18 40.30 -31.92
C MET G 124 -25.92 39.10 -32.48
N PRO G 125 -25.21 38.22 -33.18
CA PRO G 125 -25.84 37.04 -33.77
C PRO G 125 -25.90 35.90 -32.78
N HIS G 126 -26.98 35.16 -32.81
CA HIS G 126 -27.19 34.04 -31.92
C HIS G 126 -27.60 32.80 -32.69
N GLU G 127 -26.81 31.74 -32.51
CA GLU G 127 -27.02 30.46 -33.15
C GLU G 127 -27.31 30.56 -34.63
N VAL G 128 -26.26 30.90 -35.37
CA VAL G 128 -26.31 31.03 -36.80
C VAL G 128 -26.42 29.64 -37.44
N PRO G 129 -27.45 29.44 -38.23
CA PRO G 129 -27.61 28.15 -38.90
C PRO G 129 -26.59 28.00 -40.02
N THR G 130 -25.79 26.95 -39.97
CA THR G 130 -24.80 26.70 -41.00
C THR G 130 -24.98 25.31 -41.58
N GLU G 131 -25.64 24.43 -40.85
CA GLU G 131 -25.85 23.08 -41.33
C GLU G 131 -27.33 22.81 -41.45
N ASN G 132 -27.67 21.81 -42.24
CA ASN G 132 -29.05 21.40 -42.41
C ASN G 132 -29.27 20.14 -41.58
N PRO G 133 -29.83 20.30 -40.37
CA PRO G 133 -30.05 19.17 -39.48
C PRO G 133 -30.95 18.11 -40.11
N ASP G 134 -30.58 16.86 -39.89
CA ASP G 134 -31.30 15.71 -40.40
C ASP G 134 -32.76 15.82 -40.06
N ILE G 135 -33.03 16.26 -38.85
CA ILE G 135 -34.38 16.39 -38.34
C ILE G 135 -35.29 17.34 -39.11
N LEU G 136 -34.71 18.26 -39.86
CA LEU G 136 -35.52 19.20 -40.61
C LEU G 136 -35.43 18.95 -42.09
N LEU G 137 -34.75 17.88 -42.48
CA LEU G 137 -34.54 17.57 -43.89
C LEU G 137 -35.79 17.48 -44.75
N HIS G 138 -36.88 16.97 -44.20
CA HIS G 138 -38.09 16.81 -44.97
C HIS G 138 -39.29 17.57 -44.42
N ILE G 139 -39.02 18.59 -43.62
CA ILE G 139 -40.09 19.39 -43.03
C ILE G 139 -40.97 20.11 -44.04
N HIS G 140 -40.41 20.48 -45.18
CA HIS G 140 -41.18 21.17 -46.21
C HIS G 140 -42.08 20.27 -47.04
N GLU G 141 -41.89 18.96 -46.95
CA GLU G 141 -42.65 18.00 -47.73
C GLU G 141 -43.93 17.49 -47.11
N VAL G 142 -44.05 17.59 -45.81
CA VAL G 142 -45.23 17.08 -45.15
C VAL G 142 -46.36 18.10 -45.08
N ASP G 143 -47.56 17.61 -44.82
CA ASP G 143 -48.73 18.45 -44.73
C ASP G 143 -48.59 19.49 -43.63
N PRO G 144 -49.26 20.64 -43.80
CA PRO G 144 -49.22 21.78 -42.88
C PRO G 144 -49.53 21.41 -41.44
N ALA G 145 -50.51 20.55 -41.22
CA ALA G 145 -50.82 20.14 -39.85
C ALA G 145 -49.63 19.45 -39.22
N THR G 146 -48.94 18.64 -40.01
CA THR G 146 -47.77 17.93 -39.52
C THR G 146 -46.63 18.90 -39.26
N ILE G 147 -46.43 19.84 -40.16
CA ILE G 147 -45.37 20.83 -39.99
C ILE G 147 -45.57 21.61 -38.69
N SER G 148 -46.78 22.11 -38.50
CA SER G 148 -47.14 22.88 -37.32
C SER G 148 -46.89 22.11 -36.05
N GLN G 149 -47.36 20.87 -35.98
CA GLN G 149 -47.16 20.06 -34.80
C GLN G 149 -45.69 19.75 -34.56
N GLU G 150 -45.00 19.30 -35.59
CA GLU G 150 -43.58 18.99 -35.45
C GLU G 150 -42.74 20.21 -35.07
N MET G 151 -42.95 21.32 -35.78
CA MET G 151 -42.21 22.53 -35.52
C MET G 151 -42.54 23.15 -34.16
N ALA G 152 -43.79 23.07 -33.75
CA ALA G 152 -44.18 23.57 -32.44
C ALA G 152 -43.37 22.78 -31.41
N ALA G 153 -43.40 21.47 -31.54
CA ALA G 153 -42.65 20.59 -30.65
C ALA G 153 -41.16 20.88 -30.70
N ASN G 154 -40.62 20.98 -31.90
CA ASN G 154 -39.20 21.28 -32.07
C ASN G 154 -38.85 22.61 -31.42
N SER G 155 -39.65 23.64 -31.69
CA SER G 155 -39.41 24.95 -31.12
C SER G 155 -39.51 24.96 -29.60
N ARG G 156 -40.51 24.25 -29.06
CA ARG G 156 -40.69 24.17 -27.62
C ARG G 156 -39.52 23.48 -26.96
N ALA G 157 -39.00 22.45 -27.61
CA ALA G 157 -37.87 21.70 -27.08
C ALA G 157 -36.58 22.52 -27.08
N ALA G 158 -36.55 23.56 -27.89
CA ALA G 158 -35.38 24.43 -27.97
C ALA G 158 -35.66 25.76 -27.29
N SER G 159 -36.78 25.84 -26.59
CA SER G 159 -37.17 27.08 -25.93
C SER G 159 -36.29 27.54 -24.79
N GLY G 160 -35.68 26.60 -24.08
CA GLY G 160 -34.84 26.93 -22.95
C GLY G 160 -35.61 27.02 -21.64
N ASN G 161 -36.93 27.11 -21.73
CA ASN G 161 -37.81 27.19 -20.57
C ASN G 161 -39.21 26.98 -21.10
N VAL G 162 -39.69 25.74 -21.03
CA VAL G 162 -41.00 25.40 -21.55
C VAL G 162 -42.16 26.16 -20.90
N GLU G 163 -42.03 26.46 -19.61
CA GLU G 163 -43.06 27.17 -18.90
C GLU G 163 -43.19 28.58 -19.51
N ALA G 164 -42.07 29.24 -19.69
CA ALA G 164 -42.05 30.57 -20.26
C ALA G 164 -42.50 30.54 -21.71
N TRP G 165 -42.08 29.50 -22.43
CA TRP G 165 -42.44 29.35 -23.82
C TRP G 165 -43.96 29.25 -23.94
N ASP G 166 -44.54 28.35 -23.14
CA ASP G 166 -45.96 28.13 -23.10
C ASP G 166 -46.68 29.39 -22.68
N ALA G 167 -46.06 30.11 -21.76
CA ALA G 167 -46.58 31.34 -21.18
C ALA G 167 -46.61 32.53 -22.12
N LEU G 168 -46.11 32.34 -23.34
CA LEU G 168 -46.18 33.38 -24.35
C LEU G 168 -47.66 33.62 -24.65
N GLY G 169 -48.49 32.61 -24.41
CA GLY G 169 -49.91 32.75 -24.60
C GLY G 169 -50.55 32.16 -25.83
N PRO G 170 -51.85 31.86 -25.73
CA PRO G 170 -52.63 31.26 -26.81
C PRO G 170 -52.62 32.06 -28.09
N GLU G 171 -52.72 33.38 -28.01
CA GLU G 171 -52.72 34.22 -29.21
C GLU G 171 -51.40 34.08 -29.96
N VAL G 172 -50.29 34.11 -29.24
CA VAL G 172 -48.98 33.99 -29.86
C VAL G 172 -48.82 32.64 -30.51
N HIS G 173 -49.18 31.58 -29.79
CA HIS G 173 -49.03 30.24 -30.32
C HIS G 173 -49.96 29.96 -31.49
N ALA G 174 -51.09 30.67 -31.55
CA ALA G 174 -52.00 30.51 -32.66
C ALA G 174 -51.36 31.12 -33.90
N ARG G 175 -50.69 32.25 -33.71
CA ARG G 175 -49.99 32.93 -34.78
C ARG G 175 -48.83 32.06 -35.23
N LEU G 176 -48.13 31.47 -34.27
CA LEU G 176 -47.00 30.61 -34.58
C LEU G 176 -47.45 29.40 -35.38
N HIS G 177 -48.64 28.91 -35.06
CA HIS G 177 -49.22 27.75 -35.73
C HIS G 177 -49.34 27.98 -37.23
N ASP G 178 -49.74 29.17 -37.63
CA ASP G 178 -49.87 29.48 -39.04
C ASP G 178 -48.54 29.84 -39.70
N ASN G 179 -47.53 30.14 -38.90
CA ASN G 179 -46.24 30.51 -39.44
C ASN G 179 -45.36 29.31 -39.78
N TYR G 180 -45.53 28.24 -39.03
CA TYR G 180 -44.73 27.03 -39.22
C TYR G 180 -44.62 26.55 -40.67
N PRO G 181 -45.75 26.29 -41.33
CA PRO G 181 -45.68 25.83 -42.72
C PRO G 181 -44.93 26.82 -43.57
N ARG G 182 -45.28 28.10 -43.47
CA ARG G 182 -44.60 29.13 -44.25
C ARG G 182 -43.11 29.10 -43.99
N TRP G 183 -42.72 29.02 -42.74
CA TRP G 183 -41.31 28.95 -42.40
C TRP G 183 -40.67 27.72 -43.06
N ALA G 184 -41.31 26.58 -42.91
CA ALA G 184 -40.80 25.34 -43.48
C ALA G 184 -40.55 25.41 -44.99
N TYR G 185 -41.45 26.04 -45.74
CA TYR G 185 -41.29 26.13 -47.17
C TYR G 185 -40.19 27.08 -47.63
N GLY G 186 -39.92 28.13 -46.88
CA GLY G 186 -38.92 29.07 -47.32
C GLY G 186 -37.64 29.27 -46.55
N TYR G 187 -37.49 28.59 -45.41
CA TYR G 187 -36.31 28.83 -44.59
C TYR G 187 -35.27 27.72 -44.42
N PRO G 188 -35.66 26.57 -43.86
CA PRO G 188 -34.73 25.47 -43.59
C PRO G 188 -33.80 25.06 -44.74
N ARG G 189 -34.31 24.99 -45.95
CA ARG G 189 -33.49 24.59 -47.08
C ARG G 189 -32.44 25.61 -47.50
N THR G 190 -32.84 26.87 -47.62
CA THR G 190 -31.94 27.91 -48.08
C THR G 190 -31.16 28.73 -47.07
N ILE G 191 -31.67 28.86 -45.86
CA ILE G 191 -31.00 29.67 -44.84
C ILE G 191 -29.57 29.25 -44.46
N PRO G 192 -29.36 27.98 -44.12
CA PRO G 192 -28.03 27.52 -43.69
C PRO G 192 -26.92 27.66 -44.70
N PRO G 193 -27.17 27.34 -45.98
CA PRO G 193 -26.17 27.45 -47.04
C PRO G 193 -25.79 28.89 -47.33
N SER G 194 -26.68 29.80 -46.99
CA SER G 194 -26.47 31.21 -47.24
C SER G 194 -25.76 31.95 -46.12
N ALA G 195 -25.48 31.25 -45.04
CA ALA G 195 -24.84 31.84 -43.88
C ALA G 195 -23.63 32.67 -44.27
N PRO G 196 -23.69 33.98 -44.01
CA PRO G 196 -22.59 34.88 -44.33
C PRO G 196 -21.48 34.76 -43.29
N VAL G 197 -20.76 33.64 -43.31
CA VAL G 197 -19.70 33.42 -42.35
C VAL G 197 -18.31 33.33 -42.93
N LYS G 198 -18.12 33.93 -44.10
CA LYS G 198 -16.80 33.95 -44.69
C LYS G 198 -16.00 35.01 -43.95
N THR G 199 -14.68 34.94 -44.09
CA THR G 199 -13.80 35.90 -43.45
C THR G 199 -14.16 37.32 -43.88
N GLU G 200 -14.56 37.48 -45.14
CA GLU G 200 -14.91 38.78 -45.67
C GLU G 200 -16.16 39.39 -45.04
N ASP G 201 -17.02 38.55 -44.49
CA ASP G 201 -18.26 39.01 -43.90
C ASP G 201 -18.14 39.40 -42.44
N LEU G 202 -17.15 38.86 -41.76
CA LEU G 202 -17.04 39.07 -40.32
C LEU G 202 -16.16 40.17 -39.74
N HIS G 203 -15.55 41.02 -40.55
CA HIS G 203 -14.66 42.02 -39.95
C HIS G 203 -14.88 43.50 -40.27
N LYS G 204 -16.07 43.85 -40.71
CA LYS G 204 -16.36 45.24 -41.01
C LYS G 204 -16.87 46.00 -39.78
N VAL G 205 -17.60 45.31 -38.91
CA VAL G 205 -18.13 45.92 -37.71
C VAL G 205 -17.94 45.02 -36.51
N PRO G 206 -18.05 45.56 -35.30
CA PRO G 206 -17.91 44.73 -34.10
C PRO G 206 -18.99 43.68 -34.04
N ILE G 207 -18.62 42.46 -33.66
CA ILE G 207 -19.58 41.39 -33.57
C ILE G 207 -19.41 40.62 -32.28
N ASP G 208 -20.51 40.37 -31.60
CA ASP G 208 -20.53 39.61 -30.36
C ASP G 208 -21.49 38.45 -30.58
N TRP G 209 -20.90 37.28 -30.80
CA TRP G 209 -21.58 36.04 -31.12
C TRP G 209 -21.90 35.16 -29.92
N THR G 210 -23.11 34.63 -29.91
CA THR G 210 -23.54 33.76 -28.84
C THR G 210 -24.25 32.49 -29.30
N VAL G 211 -24.27 31.53 -28.39
CA VAL G 211 -24.98 30.28 -28.54
C VAL G 211 -25.59 29.99 -27.16
N GLY G 212 -26.68 29.24 -27.15
CA GLY G 212 -27.30 28.92 -25.90
C GLY G 212 -26.44 28.02 -25.04
N ALA G 213 -26.37 28.34 -23.75
CA ALA G 213 -25.59 27.57 -22.80
C ALA G 213 -26.11 26.16 -22.61
N SER G 214 -27.41 25.99 -22.75
CA SER G 214 -28.01 24.69 -22.59
C SER G 214 -28.26 23.96 -23.90
N THR G 215 -27.96 24.61 -25.01
CA THR G 215 -28.15 23.98 -26.30
C THR G 215 -27.16 22.84 -26.43
N PRO G 216 -27.61 21.69 -26.93
CA PRO G 216 -26.71 20.56 -27.13
C PRO G 216 -25.52 21.01 -27.96
N THR G 217 -24.32 20.67 -27.51
CA THR G 217 -23.08 21.06 -28.17
C THR G 217 -23.04 20.91 -29.69
N LYS G 218 -23.47 19.75 -30.19
CA LYS G 218 -23.44 19.50 -31.61
C LYS G 218 -24.24 20.48 -32.48
N LEU G 219 -25.38 20.94 -31.99
CA LEU G 219 -26.25 21.85 -32.72
C LEU G 219 -25.56 23.02 -33.40
N PHE G 220 -24.86 23.82 -32.64
CA PHE G 220 -24.21 24.98 -33.20
C PHE G 220 -22.70 24.95 -32.98
N PHE G 221 -22.18 23.75 -32.97
CA PHE G 221 -20.76 23.47 -32.78
C PHE G 221 -19.92 24.34 -33.69
N GLU G 222 -20.32 24.40 -34.95
CA GLU G 222 -19.59 25.16 -35.95
C GLU G 222 -19.62 26.67 -35.73
N ASN G 223 -20.59 27.17 -34.98
CA ASN G 223 -20.64 28.60 -34.71
C ASN G 223 -19.41 28.95 -33.89
N ILE G 224 -19.15 28.15 -32.88
CA ILE G 224 -18.03 28.37 -32.00
C ILE G 224 -16.72 28.21 -32.74
N VAL G 225 -16.60 27.17 -33.54
CA VAL G 225 -15.40 26.93 -34.30
C VAL G 225 -15.09 28.11 -35.20
N ILE G 226 -16.10 28.59 -35.92
CA ILE G 226 -15.88 29.72 -36.81
C ILE G 226 -15.47 30.99 -36.07
N ALA G 227 -16.20 31.33 -35.02
CA ALA G 227 -15.89 32.53 -34.26
C ALA G 227 -14.47 32.47 -33.70
N ALA G 228 -14.10 31.33 -33.17
CA ALA G 228 -12.79 31.14 -32.59
C ALA G 228 -11.68 31.20 -33.64
N ARG G 229 -11.96 30.70 -34.83
CA ARG G 229 -10.98 30.72 -35.90
C ARG G 229 -10.80 32.15 -36.42
N GLU G 230 -11.87 32.93 -36.37
CA GLU G 230 -11.85 34.30 -36.87
C GLU G 230 -11.50 35.35 -35.84
N GLY G 231 -11.35 34.95 -34.59
CA GLY G 231 -11.05 35.91 -33.55
C GLY G 231 -12.22 36.79 -33.17
N ILE G 232 -13.43 36.25 -33.27
CA ILE G 232 -14.63 37.01 -32.93
C ILE G 232 -15.14 36.60 -31.57
N ASN G 233 -15.48 37.59 -30.75
CA ASN G 233 -16.01 37.36 -29.43
C ASN G 233 -17.13 36.33 -29.51
N ILE G 234 -16.99 35.27 -28.74
CA ILE G 234 -17.97 34.22 -28.74
C ILE G 234 -18.24 33.77 -27.31
N GLY G 235 -19.52 33.70 -26.96
CA GLY G 235 -19.90 33.29 -25.62
C GLY G 235 -21.26 32.64 -25.58
N THR G 236 -21.73 32.36 -24.38
CA THR G 236 -23.02 31.74 -24.22
C THR G 236 -23.98 32.62 -23.44
N LEU G 237 -25.25 32.35 -23.65
CA LEU G 237 -26.33 33.02 -22.96
C LEU G 237 -27.17 31.90 -22.38
N PRO G 238 -27.75 32.14 -21.21
CA PRO G 238 -28.59 31.12 -20.59
C PRO G 238 -29.73 30.73 -21.50
N GLY G 239 -30.10 29.47 -21.45
CA GLY G 239 -31.19 28.99 -22.27
C GLY G 239 -30.67 28.32 -23.52
N ASN G 240 -31.53 28.25 -24.51
CA ASN G 240 -31.21 27.61 -25.77
C ASN G 240 -31.34 28.56 -26.94
N HIS G 241 -32.35 28.33 -27.75
CA HIS G 241 -32.63 29.08 -28.96
C HIS G 241 -33.39 30.41 -28.78
N PHE G 242 -34.07 30.56 -27.66
CA PHE G 242 -34.84 31.75 -27.42
C PHE G 242 -34.52 32.39 -26.08
N PRO G 243 -33.30 32.90 -25.94
CA PRO G 243 -32.85 33.53 -24.70
C PRO G 243 -33.72 34.71 -24.30
N TYR G 244 -34.32 35.38 -25.28
CA TYR G 244 -35.19 36.50 -25.00
C TYR G 244 -36.52 36.07 -24.39
N VAL G 245 -36.84 34.80 -24.55
CA VAL G 245 -38.06 34.24 -23.98
C VAL G 245 -37.76 33.50 -22.69
N SER G 246 -36.70 32.71 -22.69
CA SER G 246 -36.32 31.92 -21.53
C SER G 246 -35.77 32.72 -20.36
N HIS G 247 -34.87 33.65 -20.65
CA HIS G 247 -34.23 34.46 -19.61
C HIS G 247 -34.22 35.91 -20.03
N PRO G 248 -35.39 36.54 -20.04
CA PRO G 248 -35.55 37.92 -20.48
C PRO G 248 -34.62 38.92 -19.79
N GLU G 249 -34.46 38.81 -18.47
CA GLU G 249 -33.60 39.72 -17.74
C GLU G 249 -32.15 39.63 -18.18
N GLU G 250 -31.63 38.41 -18.26
CA GLU G 250 -30.28 38.17 -18.69
C GLU G 250 -30.06 38.55 -20.14
N PHE G 251 -31.06 38.32 -20.98
CA PHE G 251 -30.96 38.67 -22.38
C PHE G 251 -30.85 40.19 -22.54
N ALA G 252 -31.65 40.91 -21.79
CA ALA G 252 -31.65 42.36 -21.83
C ALA G 252 -30.34 42.93 -21.35
N LYS G 253 -29.82 42.35 -20.28
CA LYS G 253 -28.56 42.81 -19.73
C LYS G 253 -27.46 42.63 -20.74
N TYR G 254 -27.45 41.49 -21.42
CA TYR G 254 -26.43 41.22 -22.42
C TYR G 254 -26.51 42.20 -23.57
N VAL G 255 -27.72 42.48 -24.04
CA VAL G 255 -27.88 43.40 -25.15
C VAL G 255 -27.46 44.82 -24.74
N VAL G 256 -27.87 45.23 -23.55
CA VAL G 256 -27.52 46.55 -23.05
C VAL G 256 -26.02 46.70 -22.85
N GLU G 257 -25.42 45.78 -22.13
CA GLU G 257 -23.99 45.86 -21.86
C GLU G 257 -23.15 45.76 -23.12
N THR G 258 -23.53 44.85 -24.01
CA THR G 258 -22.80 44.65 -25.25
C THR G 258 -22.84 45.87 -26.17
N SER G 259 -24.01 46.46 -26.32
CA SER G 259 -24.16 47.61 -27.18
C SER G 259 -23.54 48.85 -26.56
N ARG G 260 -23.62 48.93 -25.25
CA ARG G 260 -23.10 50.05 -24.46
C ARG G 260 -21.63 50.26 -24.66
N LYS G 261 -20.90 49.18 -24.92
CA LYS G 261 -19.47 49.27 -25.12
C LYS G 261 -19.08 49.78 -26.50
N TYR G 262 -20.06 50.03 -27.35
CA TYR G 262 -19.76 50.56 -28.66
C TYR G 262 -20.27 51.98 -28.82
N LEU G 263 -20.79 52.54 -27.73
CA LEU G 263 -21.29 53.90 -27.73
C LEU G 263 -20.18 54.89 -27.44
N THR H 2 -39.87 23.45 16.68
CA THR H 2 -39.48 23.94 17.99
C THR H 2 -39.63 22.89 19.09
N ARG H 3 -38.51 22.53 19.69
CA ARG H 3 -38.48 21.54 20.74
C ARG H 3 -38.74 22.16 22.10
N THR H 4 -39.68 21.61 22.83
CA THR H 4 -39.94 22.10 24.17
C THR H 4 -39.33 21.14 25.17
N ARG H 5 -38.73 21.68 26.21
CA ARG H 5 -38.11 20.90 27.26
C ARG H 5 -38.52 21.45 28.60
N GLY H 6 -38.70 20.55 29.56
CA GLY H 6 -39.09 20.94 30.90
C GLY H 6 -39.46 19.77 31.78
N TYR H 7 -40.18 20.08 32.86
CA TYR H 7 -40.59 19.06 33.82
C TYR H 7 -42.07 19.04 34.10
N VAL H 8 -42.51 17.95 34.68
CA VAL H 8 -43.88 17.77 35.10
C VAL H 8 -43.84 16.76 36.21
N THR H 9 -44.61 16.99 37.26
CA THR H 9 -44.67 16.06 38.38
C THR H 9 -45.99 15.34 38.32
N THR H 10 -45.94 14.03 38.22
CA THR H 10 -47.17 13.29 38.14
C THR H 10 -47.70 13.05 39.51
N LYS H 11 -48.96 12.64 39.57
CA LYS H 11 -49.63 12.39 40.82
C LYS H 11 -49.06 11.19 41.52
N ASP H 12 -47.97 10.65 40.99
CA ASP H 12 -47.34 9.49 41.62
C ASP H 12 -46.02 9.84 42.26
N GLY H 13 -45.72 11.13 42.30
CA GLY H 13 -44.49 11.61 42.91
C GLY H 13 -43.31 11.74 41.98
N ILE H 14 -43.46 11.32 40.74
CA ILE H 14 -42.36 11.40 39.80
C ILE H 14 -42.21 12.77 39.16
N LYS H 15 -41.03 13.34 39.26
CA LYS H 15 -40.77 14.60 38.62
C LYS H 15 -40.10 14.29 37.29
N TRP H 16 -40.91 14.17 36.26
CA TRP H 16 -40.43 13.83 34.94
C TRP H 16 -39.78 14.96 34.17
N TYR H 17 -38.65 14.66 33.55
CA TYR H 17 -38.03 15.60 32.65
C TYR H 17 -38.49 15.04 31.32
N TYR H 18 -39.10 15.86 30.48
CA TYR H 18 -39.59 15.37 29.21
C TYR H 18 -39.45 16.39 28.10
N GLU H 19 -39.34 15.91 26.88
CA GLU H 19 -39.21 16.77 25.74
C GLU H 19 -40.25 16.44 24.70
N GLN H 20 -40.68 17.45 23.97
CA GLN H 20 -41.68 17.29 22.93
C GLN H 20 -41.34 18.15 21.73
N GLU H 21 -41.75 17.70 20.55
CA GLU H 21 -41.52 18.44 19.32
C GLU H 21 -42.48 17.99 18.24
N GLY H 22 -43.01 18.95 17.50
CA GLY H 22 -43.89 18.66 16.40
C GLY H 22 -45.36 18.65 16.74
N SER H 23 -46.17 18.38 15.73
CA SER H 23 -47.60 18.32 15.89
C SER H 23 -48.18 17.27 14.94
N GLY H 24 -49.26 16.66 15.36
CA GLY H 24 -49.92 15.62 14.60
C GLY H 24 -50.06 14.40 15.47
N PRO H 25 -50.24 13.23 14.84
CA PRO H 25 -50.40 12.01 15.61
C PRO H 25 -49.22 11.82 16.55
N ASP H 26 -49.48 11.29 17.73
CA ASP H 26 -48.44 11.11 18.73
C ASP H 26 -47.50 9.92 18.59
N VAL H 27 -46.23 10.19 18.88
CA VAL H 27 -45.20 9.20 18.86
C VAL H 27 -44.45 9.34 20.17
N VAL H 28 -44.26 8.22 20.85
CA VAL H 28 -43.56 8.22 22.12
C VAL H 28 -42.30 7.38 22.06
N LEU H 29 -41.19 8.00 22.37
CA LEU H 29 -39.90 7.34 22.36
C LEU H 29 -39.46 7.00 23.76
N ILE H 30 -39.67 5.75 24.14
CA ILE H 30 -39.28 5.30 25.45
C ILE H 30 -37.85 4.86 25.37
N PRO H 31 -37.01 5.44 26.23
CA PRO H 31 -35.60 5.07 26.22
C PRO H 31 -35.40 3.67 26.71
N ASP H 32 -34.16 3.22 26.64
CA ASP H 32 -33.78 1.91 27.11
C ASP H 32 -33.53 1.99 28.61
N GLY H 33 -33.00 0.90 29.16
CA GLY H 33 -32.71 0.77 30.56
C GLY H 33 -32.02 1.94 31.20
N LEU H 34 -31.07 2.53 30.48
CA LEU H 34 -30.29 3.67 30.96
C LEU H 34 -31.13 4.93 31.18
N GLY H 35 -32.34 4.94 30.64
CA GLY H 35 -33.28 6.04 30.80
C GLY H 35 -32.88 7.44 30.41
N GLU H 36 -31.96 7.57 29.47
CA GLU H 36 -31.48 8.86 29.02
C GLU H 36 -32.13 9.24 27.69
N CYS H 37 -32.94 10.30 27.71
CA CYS H 37 -33.65 10.70 26.51
C CYS H 37 -32.90 11.60 25.53
N GLN H 38 -31.71 12.06 25.91
CA GLN H 38 -30.91 12.89 25.02
C GLN H 38 -30.38 12.07 23.86
N MET H 39 -30.49 10.76 23.99
CA MET H 39 -30.09 9.83 22.96
C MET H 39 -31.05 9.90 21.78
N PHE H 40 -32.23 10.45 22.03
CA PHE H 40 -33.27 10.57 21.02
C PHE H 40 -33.31 11.94 20.33
N ASP H 41 -32.49 12.86 20.78
CA ASP H 41 -32.44 14.22 20.24
C ASP H 41 -32.48 14.33 18.72
N LYS H 42 -31.49 13.74 18.05
CA LYS H 42 -31.37 13.79 16.61
C LYS H 42 -32.55 13.20 15.84
N PRO H 43 -32.89 11.93 16.12
CA PRO H 43 -34.01 11.31 15.39
C PRO H 43 -35.34 11.94 15.74
N MET H 44 -35.42 12.54 16.91
CA MET H 44 -36.62 13.19 17.38
C MET H 44 -36.99 14.31 16.43
N SER H 45 -36.00 15.08 16.02
CA SER H 45 -36.25 16.18 15.10
C SER H 45 -36.70 15.65 13.76
N LEU H 46 -36.09 14.57 13.31
CA LEU H 46 -36.44 13.96 12.03
C LEU H 46 -37.88 13.47 12.00
N ILE H 47 -38.28 12.77 13.05
CA ILE H 47 -39.61 12.23 13.14
C ILE H 47 -40.67 13.33 13.16
N ALA H 48 -40.43 14.30 14.03
CA ALA H 48 -41.30 15.45 14.23
C ALA H 48 -41.56 16.17 12.94
N SER H 49 -40.52 16.30 12.12
CA SER H 49 -40.62 16.98 10.86
C SER H 49 -41.36 16.20 9.78
N ASN H 50 -41.81 15.01 10.13
CA ASN H 50 -42.54 14.17 9.20
C ASN H 50 -44.02 14.10 9.54
N GLY H 51 -44.50 15.10 10.25
CA GLY H 51 -45.91 15.15 10.61
C GLY H 51 -46.35 14.50 11.90
N PHE H 52 -45.44 14.32 12.84
CA PHE H 52 -45.80 13.72 14.10
C PHE H 52 -45.40 14.60 15.27
N ARG H 53 -46.14 14.48 16.36
CA ARG H 53 -45.77 15.16 17.58
C ARG H 53 -45.04 14.10 18.38
N VAL H 54 -43.78 14.36 18.67
CA VAL H 54 -42.96 13.40 19.40
C VAL H 54 -42.76 13.78 20.85
N THR H 55 -42.81 12.78 21.70
CA THR H 55 -42.63 12.94 23.12
C THR H 55 -41.62 11.93 23.63
N THR H 56 -40.71 12.40 24.46
CA THR H 56 -39.70 11.56 25.08
C THR H 56 -39.39 12.10 26.46
N PHE H 57 -38.73 11.30 27.28
CA PHE H 57 -38.45 11.68 28.64
C PHE H 57 -37.40 10.78 29.28
N ASP H 58 -36.83 11.26 30.38
CA ASP H 58 -35.87 10.47 31.11
C ASP H 58 -36.71 9.55 31.97
N MET H 59 -36.25 8.33 32.17
CA MET H 59 -36.99 7.37 32.98
C MET H 59 -36.84 7.67 34.47
N PRO H 60 -37.85 7.31 35.26
CA PRO H 60 -37.94 7.54 36.70
C PRO H 60 -36.68 7.18 37.43
N GLY H 61 -36.08 8.17 38.07
CA GLY H 61 -34.86 7.98 38.82
C GLY H 61 -33.58 8.09 38.00
N MET H 62 -33.74 8.17 36.69
CA MET H 62 -32.59 8.27 35.80
C MET H 62 -32.44 9.67 35.27
N SER H 63 -31.19 10.06 35.12
CA SER H 63 -30.82 11.35 34.58
C SER H 63 -31.61 12.49 35.19
N ARG H 64 -32.23 13.30 34.34
CA ARG H 64 -32.97 14.45 34.80
C ARG H 64 -34.30 14.11 35.45
N SER H 65 -34.68 12.85 35.42
CA SER H 65 -35.93 12.42 36.04
C SER H 65 -35.65 11.76 37.38
N SER H 66 -34.47 12.05 37.93
CA SER H 66 -34.02 11.48 39.19
C SER H 66 -34.89 11.72 40.41
N ASP H 67 -35.54 12.88 40.50
CA ASP H 67 -36.37 13.13 41.67
C ASP H 67 -37.65 12.33 41.60
N ALA H 68 -37.62 11.12 42.12
CA ALA H 68 -38.80 10.27 42.11
C ALA H 68 -38.77 9.22 43.20
N PRO H 69 -39.92 8.70 43.58
CA PRO H 69 -39.94 7.69 44.63
C PRO H 69 -39.09 6.50 44.23
N PRO H 70 -38.46 5.84 45.22
CA PRO H 70 -37.61 4.66 45.13
C PRO H 70 -38.33 3.50 44.47
N GLU H 71 -39.63 3.41 44.67
CA GLU H 71 -40.44 2.36 44.10
C GLU H 71 -40.44 2.44 42.58
N THR H 72 -40.25 3.64 42.06
CA THR H 72 -40.27 3.86 40.61
C THR H 72 -39.02 3.43 39.89
N TYR H 73 -38.00 3.01 40.62
CA TYR H 73 -36.78 2.53 39.98
C TYR H 73 -36.24 1.29 40.65
N GLN H 74 -37.11 0.60 41.37
CA GLN H 74 -36.75 -0.61 42.07
C GLN H 74 -37.76 -1.69 41.74
N ASP H 75 -37.28 -2.92 41.62
CA ASP H 75 -38.13 -4.06 41.27
C ASP H 75 -38.86 -3.75 39.96
N ILE H 76 -38.13 -3.21 39.01
CA ILE H 76 -38.68 -2.78 37.74
C ILE H 76 -39.15 -3.87 36.77
N THR H 77 -40.37 -3.70 36.28
CA THR H 77 -40.96 -4.59 35.31
C THR H 77 -41.61 -3.74 34.22
N GLY H 78 -41.85 -4.34 33.07
CA GLY H 78 -42.47 -3.62 31.99
C GLY H 78 -43.80 -3.05 32.39
N ARG H 79 -44.61 -3.86 33.06
CA ARG H 79 -45.93 -3.43 33.50
C ARG H 79 -45.85 -2.27 34.47
N LYS H 80 -44.86 -2.29 35.34
CA LYS H 80 -44.66 -1.24 36.32
C LYS H 80 -44.39 0.08 35.61
N LEU H 81 -43.38 0.08 34.74
CA LEU H 81 -43.01 1.26 33.96
C LEU H 81 -44.17 1.73 33.08
N ALA H 82 -44.96 0.81 32.56
CA ALA H 82 -46.09 1.17 31.72
C ALA H 82 -47.09 2.00 32.49
N GLY H 83 -47.32 1.62 33.74
CA GLY H 83 -48.24 2.34 34.59
C GLY H 83 -47.84 3.78 34.76
N TYR H 84 -46.55 3.99 34.98
CA TYR H 84 -46.03 5.34 35.16
C TYR H 84 -46.19 6.14 33.89
N ILE H 85 -45.89 5.52 32.75
CA ILE H 85 -45.97 6.21 31.49
C ILE H 85 -47.40 6.59 31.18
N ILE H 86 -48.33 5.71 31.51
CA ILE H 86 -49.74 5.98 31.28
C ILE H 86 -50.15 7.20 32.09
N THR H 87 -49.65 7.28 33.32
CA THR H 87 -49.92 8.41 34.19
C THR H 87 -49.41 9.66 33.48
N LEU H 88 -48.17 9.59 33.03
CA LEU H 88 -47.54 10.70 32.33
C LEU H 88 -48.31 11.13 31.11
N LEU H 89 -48.67 10.18 30.26
CA LEU H 89 -49.41 10.47 29.04
C LEU H 89 -50.74 11.18 29.31
N ASP H 90 -51.40 10.78 30.39
CA ASP H 90 -52.67 11.36 30.79
C ASP H 90 -52.45 12.84 31.07
N THR H 91 -51.42 13.12 31.86
CA THR H 91 -51.08 14.49 32.24
C THR H 91 -50.68 15.31 31.03
N LEU H 92 -50.15 14.66 30.02
CA LEU H 92 -49.71 15.35 28.81
C LEU H 92 -50.78 15.35 27.74
N ASP H 93 -51.95 14.89 28.13
CA ASP H 93 -53.10 14.81 27.24
C ASP H 93 -52.84 14.04 25.97
N ILE H 94 -52.17 12.91 26.08
CA ILE H 94 -51.90 12.09 24.93
C ILE H 94 -52.79 10.86 25.02
N LYS H 95 -53.79 10.81 24.16
CA LYS H 95 -54.77 9.73 24.16
C LYS H 95 -54.27 8.42 23.59
N ILE H 96 -53.71 8.46 22.39
CA ILE H 96 -53.18 7.27 21.74
C ILE H 96 -51.86 7.59 21.04
N ALA H 97 -50.96 6.62 20.97
CA ALA H 97 -49.67 6.85 20.36
C ALA H 97 -48.97 5.63 19.81
N SER H 98 -48.05 5.89 18.90
CA SER H 98 -47.19 4.88 18.34
C SER H 98 -46.03 4.90 19.32
N VAL H 99 -45.69 3.76 19.88
CA VAL H 99 -44.65 3.71 20.90
C VAL H 99 -43.43 2.85 20.58
N TRP H 100 -42.28 3.47 20.74
CA TRP H 100 -40.99 2.84 20.51
C TRP H 100 -40.32 2.58 21.86
N GLY H 101 -39.64 1.45 21.98
CA GLY H 101 -38.91 1.11 23.18
C GLY H 101 -37.92 -0.03 22.99
N CYS H 102 -36.73 0.14 23.55
CA CYS H 102 -35.68 -0.87 23.48
C CYS H 102 -35.40 -1.37 24.89
N ALA H 103 -35.01 -2.62 24.99
CA ALA H 103 -34.65 -3.27 26.25
C ALA H 103 -35.82 -3.20 27.20
N SER H 104 -35.60 -2.61 28.37
CA SER H 104 -36.65 -2.43 29.35
C SER H 104 -37.74 -1.55 28.76
N GLY H 105 -37.35 -0.72 27.80
CA GLY H 105 -38.28 0.15 27.11
C GLY H 105 -39.13 -0.68 26.19
N ALA H 106 -38.55 -1.77 25.69
CA ALA H 106 -39.27 -2.68 24.82
C ALA H 106 -40.26 -3.46 25.69
N SER H 107 -39.85 -3.82 26.89
CA SER H 107 -40.72 -4.54 27.80
C SER H 107 -41.95 -3.70 28.08
N THR H 108 -41.72 -2.41 28.31
CA THR H 108 -42.77 -1.46 28.60
C THR H 108 -43.72 -1.35 27.43
N VAL H 109 -43.16 -1.30 26.23
CA VAL H 109 -43.95 -1.21 25.03
C VAL H 109 -44.91 -2.38 25.00
N LEU H 110 -44.38 -3.56 25.25
CA LEU H 110 -45.17 -4.79 25.25
C LEU H 110 -46.25 -4.75 26.32
N ALA H 111 -45.91 -4.22 27.48
CA ALA H 111 -46.87 -4.12 28.57
C ALA H 111 -48.01 -3.21 28.16
N LEU H 112 -47.66 -2.12 27.49
CA LEU H 112 -48.65 -1.16 27.04
C LEU H 112 -49.58 -1.76 26.00
N CYS H 113 -49.03 -2.59 25.12
CA CYS H 113 -49.83 -3.23 24.09
C CYS H 113 -50.80 -4.21 24.71
N SER H 114 -50.37 -4.86 25.79
CA SER H 114 -51.17 -5.85 26.46
C SER H 114 -52.21 -5.29 27.43
N ASP H 115 -51.77 -4.38 28.28
CA ASP H 115 -52.63 -3.82 29.31
C ASP H 115 -53.37 -2.55 28.94
N TYR H 116 -52.83 -1.77 28.01
CA TYR H 116 -53.45 -0.52 27.63
C TYR H 116 -53.60 -0.35 26.13
N PRO H 117 -54.08 -1.39 25.45
CA PRO H 117 -54.31 -1.50 24.01
C PRO H 117 -55.03 -0.31 23.43
N GLU H 118 -55.97 0.24 24.18
CA GLU H 118 -56.72 1.40 23.72
C GLU H 118 -55.85 2.64 23.63
N ARG H 119 -54.70 2.63 24.28
CA ARG H 119 -53.79 3.77 24.25
C ARG H 119 -52.70 3.63 23.20
N VAL H 120 -52.55 2.43 22.63
CA VAL H 120 -51.50 2.19 21.67
C VAL H 120 -51.94 1.98 20.23
N ARG H 121 -51.48 2.84 19.35
CA ARG H 121 -51.78 2.74 17.93
C ARG H 121 -50.98 1.57 17.34
N ASN H 122 -49.72 1.49 17.74
CA ASN H 122 -48.82 0.43 17.31
C ASN H 122 -47.59 0.40 18.20
N GLY H 123 -47.10 -0.79 18.49
CA GLY H 123 -45.94 -0.96 19.33
C GLY H 123 -44.69 -1.32 18.55
N MET H 124 -43.59 -0.67 18.89
CA MET H 124 -42.33 -0.92 18.23
C MET H 124 -41.28 -1.31 19.24
N PRO H 125 -41.28 -2.58 19.67
CA PRO H 125 -40.30 -3.06 20.65
C PRO H 125 -39.01 -3.50 19.97
N HIS H 126 -37.90 -3.21 20.61
CA HIS H 126 -36.58 -3.53 20.11
C HIS H 126 -35.77 -4.20 21.18
N GLU H 127 -35.31 -5.41 20.87
CA GLU H 127 -34.49 -6.22 21.76
C GLU H 127 -35.10 -6.35 23.15
N VAL H 128 -36.20 -7.08 23.21
CA VAL H 128 -36.88 -7.33 24.46
C VAL H 128 -36.08 -8.31 25.29
N PRO H 129 -35.67 -7.92 26.47
CA PRO H 129 -34.90 -8.80 27.33
C PRO H 129 -35.76 -9.94 27.80
N THR H 130 -35.34 -11.17 27.64
CA THR H 130 -36.19 -12.27 28.07
C THR H 130 -35.43 -13.24 28.95
N GLU H 131 -34.12 -13.19 28.88
CA GLU H 131 -33.31 -14.08 29.65
C GLU H 131 -32.08 -13.37 30.15
N ASN H 132 -31.82 -13.45 31.44
CA ASN H 132 -30.65 -12.81 32.01
C ASN H 132 -29.35 -13.22 31.33
N PRO H 133 -28.66 -12.26 30.72
CA PRO H 133 -27.42 -12.57 30.01
C PRO H 133 -26.28 -13.05 30.87
N ASP H 134 -25.28 -13.55 30.17
CA ASP H 134 -24.10 -14.14 30.79
C ASP H 134 -23.16 -13.17 31.49
N ILE H 135 -22.87 -12.04 30.88
CA ILE H 135 -21.91 -11.13 31.52
C ILE H 135 -22.42 -10.08 32.46
N LEU H 136 -23.54 -10.32 33.11
CA LEU H 136 -24.03 -9.39 34.13
C LEU H 136 -24.92 -10.06 35.15
N LEU H 137 -24.52 -11.25 35.57
CA LEU H 137 -25.28 -12.00 36.55
C LEU H 137 -25.00 -11.50 37.94
N HIS H 138 -23.85 -10.87 38.12
CA HIS H 138 -23.50 -10.38 39.41
C HIS H 138 -23.36 -8.85 39.44
N ILE H 139 -23.90 -8.19 38.42
CA ILE H 139 -23.82 -6.74 38.30
C ILE H 139 -24.40 -5.97 39.48
N HIS H 140 -25.46 -6.46 40.07
CA HIS H 140 -26.06 -5.75 41.18
C HIS H 140 -25.33 -5.91 42.51
N GLU H 141 -24.34 -6.78 42.57
CA GLU H 141 -23.61 -7.05 43.81
C GLU H 141 -22.29 -6.30 43.98
N VAL H 142 -21.72 -5.77 42.90
CA VAL H 142 -20.45 -5.06 42.98
C VAL H 142 -20.60 -3.60 43.38
N ASP H 143 -19.49 -2.95 43.69
CA ASP H 143 -19.56 -1.55 44.10
C ASP H 143 -20.08 -0.73 42.95
N PRO H 144 -20.68 0.42 43.26
CA PRO H 144 -21.26 1.32 42.27
C PRO H 144 -20.21 1.78 41.28
N ALA H 145 -19.01 2.02 41.75
CA ALA H 145 -17.95 2.49 40.88
C ALA H 145 -17.55 1.46 39.85
N THR H 146 -17.63 0.19 40.20
CA THR H 146 -17.25 -0.84 39.26
C THR H 146 -18.39 -1.11 38.29
N ILE H 147 -19.62 -0.97 38.77
CA ILE H 147 -20.77 -1.18 37.92
C ILE H 147 -20.72 -0.17 36.80
N SER H 148 -20.53 1.09 37.16
CA SER H 148 -20.47 2.17 36.18
C SER H 148 -19.43 1.92 35.13
N GLN H 149 -18.23 1.55 35.56
CA GLN H 149 -17.16 1.31 34.61
C GLN H 149 -17.45 0.13 33.70
N GLU H 150 -17.94 -0.95 34.29
CA GLU H 150 -18.27 -2.15 33.54
C GLU H 150 -19.44 -1.89 32.59
N MET H 151 -20.49 -1.28 33.11
CA MET H 151 -21.66 -1.00 32.31
C MET H 151 -21.38 0.02 31.20
N ALA H 152 -20.45 0.92 31.44
CA ALA H 152 -20.12 1.91 30.43
C ALA H 152 -19.49 1.20 29.24
N ALA H 153 -18.57 0.29 29.52
CA ALA H 153 -17.89 -0.46 28.48
C ALA H 153 -18.86 -1.33 27.72
N ASN H 154 -19.78 -1.95 28.44
CA ASN H 154 -20.77 -2.82 27.83
C ASN H 154 -21.72 -2.04 26.94
N SER H 155 -22.16 -0.89 27.43
CA SER H 155 -23.08 -0.06 26.66
C SER H 155 -22.40 0.41 25.38
N ARG H 156 -21.14 0.81 25.49
CA ARG H 156 -20.37 1.30 24.37
C ARG H 156 -20.16 0.22 23.32
N ALA H 157 -19.90 -1.00 23.76
CA ALA H 157 -19.69 -2.10 22.84
C ALA H 157 -20.95 -2.45 22.06
N ALA H 158 -22.09 -2.19 22.67
CA ALA H 158 -23.38 -2.46 22.06
C ALA H 158 -23.93 -1.24 21.35
N SER H 159 -23.18 -0.14 21.39
CA SER H 159 -23.62 1.10 20.78
C SER H 159 -23.96 1.04 19.30
N GLY H 160 -23.24 0.21 18.55
CA GLY H 160 -23.48 0.10 17.12
C GLY H 160 -22.70 1.11 16.32
N ASN H 161 -22.04 2.03 17.02
CA ASN H 161 -21.24 3.09 16.42
C ASN H 161 -20.55 3.83 17.56
N VAL H 162 -19.34 3.41 17.87
CA VAL H 162 -18.61 4.00 18.98
C VAL H 162 -18.38 5.50 18.87
N GLU H 163 -18.14 5.98 17.66
CA GLU H 163 -17.92 7.40 17.45
C GLU H 163 -19.17 8.16 17.85
N ALA H 164 -20.30 7.73 17.32
CA ALA H 164 -21.58 8.36 17.63
C ALA H 164 -21.89 8.23 19.11
N TRP H 165 -21.53 7.09 19.69
CA TRP H 165 -21.76 6.86 21.09
C TRP H 165 -20.99 7.88 21.91
N ASP H 166 -19.71 8.01 21.59
CA ASP H 166 -18.80 8.92 22.26
C ASP H 166 -19.25 10.34 22.06
N ALA H 167 -19.72 10.59 20.83
CA ALA H 167 -20.20 11.90 20.40
C ALA H 167 -21.45 12.34 21.11
N LEU H 168 -21.96 11.51 22.02
CA LEU H 168 -23.14 11.90 22.77
C LEU H 168 -22.77 13.03 23.72
N GLY H 169 -21.48 13.10 24.04
CA GLY H 169 -20.96 14.15 24.90
C GLY H 169 -20.74 13.77 26.35
N PRO H 170 -19.78 14.43 26.99
CA PRO H 170 -19.41 14.17 28.38
C PRO H 170 -20.54 14.43 29.35
N GLU H 171 -21.39 15.39 29.04
CA GLU H 171 -22.51 15.71 29.89
C GLU H 171 -23.48 14.54 29.97
N VAL H 172 -23.75 13.92 28.82
CA VAL H 172 -24.65 12.80 28.74
C VAL H 172 -24.03 11.59 29.43
N HIS H 173 -22.75 11.39 29.18
CA HIS H 173 -22.05 10.27 29.78
C HIS H 173 -21.88 10.43 31.27
N ALA H 174 -21.98 11.67 31.74
CA ALA H 174 -21.87 11.93 33.16
C ALA H 174 -23.16 11.49 33.83
N ARG H 175 -24.28 11.76 33.18
CA ARG H 175 -25.57 11.36 33.69
C ARG H 175 -25.65 9.84 33.67
N LEU H 176 -25.14 9.25 32.59
CA LEU H 176 -25.16 7.81 32.44
C LEU H 176 -24.33 7.18 33.54
N HIS H 177 -23.26 7.85 33.93
CA HIS H 177 -22.38 7.35 34.96
C HIS H 177 -23.12 7.09 36.25
N ASP H 178 -24.00 8.00 36.63
CA ASP H 178 -24.77 7.84 37.84
C ASP H 178 -25.96 6.93 37.62
N ASN H 179 -26.35 6.74 36.37
CA ASN H 179 -27.49 5.90 36.05
C ASN H 179 -27.21 4.41 36.19
N TYR H 180 -26.04 3.99 35.72
CA TYR H 180 -25.65 2.60 35.74
C TYR H 180 -25.99 1.81 36.99
N PRO H 181 -25.45 2.22 38.15
CA PRO H 181 -25.68 1.55 39.43
C PRO H 181 -27.16 1.41 39.75
N ARG H 182 -27.91 2.50 39.64
CA ARG H 182 -29.33 2.48 39.92
C ARG H 182 -30.06 1.52 38.99
N TRP H 183 -29.60 1.44 37.75
CA TRP H 183 -30.20 0.54 36.78
C TRP H 183 -29.94 -0.89 37.17
N ALA H 184 -28.69 -1.16 37.51
CA ALA H 184 -28.28 -2.50 37.90
C ALA H 184 -29.04 -3.04 39.11
N TYR H 185 -29.42 -2.16 40.02
CA TYR H 185 -30.14 -2.57 41.22
C TYR H 185 -31.60 -2.89 41.02
N GLY H 186 -32.25 -2.24 40.07
CA GLY H 186 -33.66 -2.47 39.90
C GLY H 186 -34.18 -2.98 38.57
N TYR H 187 -33.31 -3.21 37.62
CA TYR H 187 -33.75 -3.65 36.31
C TYR H 187 -33.47 -5.10 35.90
N PRO H 188 -32.19 -5.45 35.74
CA PRO H 188 -31.72 -6.75 35.27
C PRO H 188 -32.34 -8.00 35.92
N ARG H 189 -32.67 -7.96 37.19
CA ARG H 189 -33.23 -9.13 37.82
C ARG H 189 -34.72 -9.28 37.56
N THR H 190 -35.43 -8.17 37.54
CA THR H 190 -36.87 -8.22 37.35
C THR H 190 -37.40 -7.95 35.94
N ILE H 191 -36.62 -7.31 35.10
CA ILE H 191 -37.09 -6.99 33.76
C ILE H 191 -37.37 -8.20 32.87
N PRO H 192 -36.37 -9.05 32.64
CA PRO H 192 -36.43 -10.23 31.77
C PRO H 192 -37.56 -11.19 32.06
N PRO H 193 -37.65 -11.68 33.30
CA PRO H 193 -38.73 -12.63 33.58
C PRO H 193 -40.11 -12.02 33.53
N SER H 194 -40.19 -10.69 33.56
CA SER H 194 -41.46 -10.01 33.53
C SER H 194 -41.93 -9.67 32.12
N ALA H 195 -41.10 -9.98 31.13
CA ALA H 195 -41.42 -9.71 29.75
C ALA H 195 -42.81 -10.19 29.38
N PRO H 196 -43.64 -9.28 28.88
CA PRO H 196 -44.99 -9.66 28.47
C PRO H 196 -44.96 -10.30 27.09
N VAL H 197 -44.48 -11.52 27.01
CA VAL H 197 -44.38 -12.21 25.74
C VAL H 197 -45.32 -13.41 25.61
N LYS H 198 -46.36 -13.44 26.42
CA LYS H 198 -47.34 -14.51 26.33
C LYS H 198 -48.21 -14.20 25.13
N THR H 199 -48.81 -15.24 24.57
CA THR H 199 -49.66 -15.11 23.40
C THR H 199 -50.71 -14.03 23.55
N GLU H 200 -51.32 -13.96 24.73
CA GLU H 200 -52.36 -12.99 25.01
C GLU H 200 -51.85 -11.55 25.03
N ASP H 201 -50.55 -11.38 25.22
CA ASP H 201 -49.96 -10.06 25.28
C ASP H 201 -49.71 -9.43 23.93
N LEU H 202 -49.51 -10.27 22.92
CA LEU H 202 -49.12 -9.78 21.61
C LEU H 202 -50.12 -9.64 20.49
N HIS H 203 -51.41 -9.77 20.76
CA HIS H 203 -52.34 -9.68 19.66
C HIS H 203 -53.47 -8.68 19.84
N LYS H 204 -53.28 -7.70 20.70
CA LYS H 204 -54.30 -6.69 20.90
C LYS H 204 -54.11 -5.51 19.97
N VAL H 205 -52.86 -5.18 19.68
CA VAL H 205 -52.54 -4.08 18.79
C VAL H 205 -51.40 -4.43 17.84
N PRO H 206 -51.27 -3.70 16.74
CA PRO H 206 -50.20 -3.97 15.79
C PRO H 206 -48.84 -3.83 16.45
N ILE H 207 -47.97 -4.81 16.22
CA ILE H 207 -46.64 -4.79 16.78
C ILE H 207 -45.61 -5.03 15.69
N ASP H 208 -44.58 -4.20 15.65
CA ASP H 208 -43.48 -4.36 14.71
C ASP H 208 -42.22 -4.43 15.55
N TRP H 209 -41.71 -5.65 15.67
CA TRP H 209 -40.56 -6.01 16.48
C TRP H 209 -39.24 -5.98 15.70
N THR H 210 -38.19 -5.53 16.38
CA THR H 210 -36.86 -5.45 15.81
C THR H 210 -35.74 -5.90 16.76
N VAL H 211 -34.61 -6.20 16.16
CA VAL H 211 -33.40 -6.61 16.84
C VAL H 211 -32.29 -6.00 15.99
N GLY H 212 -31.22 -5.53 16.63
CA GLY H 212 -30.13 -4.95 15.90
C GLY H 212 -29.56 -5.93 14.89
N ALA H 213 -29.35 -5.45 13.67
CA ALA H 213 -28.79 -6.28 12.61
C ALA H 213 -27.39 -6.77 12.95
N SER H 214 -26.63 -5.93 13.63
CA SER H 214 -25.27 -6.27 14.00
C SER H 214 -25.16 -6.82 15.42
N THR H 215 -26.28 -6.84 16.12
CA THR H 215 -26.29 -7.38 17.47
C THR H 215 -26.00 -8.88 17.40
N PRO H 216 -25.10 -9.36 18.25
CA PRO H 216 -24.78 -10.79 18.28
C PRO H 216 -26.04 -11.62 18.42
N THR H 217 -26.20 -12.61 17.57
CA THR H 217 -27.37 -13.47 17.53
C THR H 217 -27.84 -14.00 18.89
N LYS H 218 -26.91 -14.46 19.71
CA LYS H 218 -27.27 -15.01 21.01
C LYS H 218 -28.05 -14.07 21.92
N LEU H 219 -27.72 -12.79 21.91
CA LEU H 219 -28.36 -11.83 22.79
C LEU H 219 -29.88 -11.77 22.73
N PHE H 220 -30.46 -11.71 21.53
CA PHE H 220 -31.90 -11.62 21.41
C PHE H 220 -32.51 -12.66 20.49
N PHE H 221 -31.84 -13.79 20.44
CA PHE H 221 -32.22 -14.95 19.67
C PHE H 221 -33.66 -15.32 19.97
N GLU H 222 -34.00 -15.39 21.25
CA GLU H 222 -35.36 -15.72 21.67
C GLU H 222 -36.43 -14.75 21.17
N ASN H 223 -36.07 -13.49 20.95
CA ASN H 223 -37.03 -12.52 20.46
C ASN H 223 -37.58 -13.00 19.14
N ILE H 224 -36.69 -13.44 18.27
CA ILE H 224 -37.06 -13.93 16.95
C ILE H 224 -37.89 -15.20 17.06
N VAL H 225 -37.49 -16.07 17.96
CA VAL H 225 -38.21 -17.33 18.17
C VAL H 225 -39.65 -17.06 18.54
N ILE H 226 -39.84 -16.16 19.49
CA ILE H 226 -41.17 -15.81 19.97
C ILE H 226 -42.04 -15.18 18.88
N ALA H 227 -41.54 -14.13 18.25
CA ALA H 227 -42.28 -13.44 17.20
C ALA H 227 -42.61 -14.34 16.02
N ALA H 228 -41.69 -15.23 15.68
CA ALA H 228 -41.91 -16.13 14.56
C ALA H 228 -43.03 -17.08 14.88
N ARG H 229 -43.03 -17.62 16.09
CA ARG H 229 -44.04 -18.55 16.53
C ARG H 229 -45.42 -17.90 16.60
N GLU H 230 -45.45 -16.65 17.02
CA GLU H 230 -46.70 -15.92 17.17
C GLU H 230 -47.16 -15.17 15.93
N GLY H 231 -46.37 -15.20 14.87
CA GLY H 231 -46.76 -14.52 13.66
C GLY H 231 -46.65 -13.01 13.77
N ILE H 232 -45.72 -12.53 14.57
CA ILE H 232 -45.51 -11.10 14.74
C ILE H 232 -44.43 -10.60 13.80
N ASN H 233 -44.66 -9.45 13.19
CA ASN H 233 -43.70 -8.84 12.30
C ASN H 233 -42.38 -8.69 13.04
N ILE H 234 -41.31 -9.18 12.46
CA ILE H 234 -40.00 -9.10 13.08
C ILE H 234 -38.90 -8.99 12.04
N GLY H 235 -38.04 -7.99 12.24
CA GLY H 235 -36.93 -7.74 11.35
C GLY H 235 -35.77 -7.10 12.08
N THR H 236 -34.82 -6.59 11.33
CA THR H 236 -33.68 -5.96 11.94
C THR H 236 -33.61 -4.48 11.61
N LEU H 237 -32.82 -3.80 12.40
CA LEU H 237 -32.55 -2.39 12.24
C LEU H 237 -31.04 -2.30 12.21
N PRO H 238 -30.50 -1.40 11.40
CA PRO H 238 -29.05 -1.26 11.38
C PRO H 238 -28.56 -0.92 12.78
N GLY H 239 -27.37 -1.38 13.12
CA GLY H 239 -26.83 -1.10 14.44
C GLY H 239 -27.04 -2.22 15.43
N ASN H 240 -26.88 -1.87 16.70
CA ASN H 240 -27.03 -2.83 17.77
C ASN H 240 -28.16 -2.51 18.73
N HIS H 241 -27.81 -2.17 19.95
CA HIS H 241 -28.75 -1.86 21.01
C HIS H 241 -29.34 -0.46 20.95
N PHE H 242 -28.59 0.47 20.37
CA PHE H 242 -29.03 1.85 20.32
C PHE H 242 -29.10 2.38 18.91
N PRO H 243 -30.03 1.86 18.10
CA PRO H 243 -30.19 2.28 16.71
C PRO H 243 -30.49 3.78 16.57
N TYR H 244 -31.12 4.37 17.58
CA TYR H 244 -31.42 5.79 17.55
C TYR H 244 -30.18 6.65 17.72
N VAL H 245 -29.13 6.06 18.24
CA VAL H 245 -27.87 6.76 18.40
C VAL H 245 -26.94 6.45 17.25
N SER H 246 -26.85 5.17 16.90
CA SER H 246 -25.96 4.73 15.86
C SER H 246 -26.37 5.10 14.44
N HIS H 247 -27.68 5.10 14.19
CA HIS H 247 -28.22 5.40 12.88
C HIS H 247 -29.49 6.23 13.00
N PRO H 248 -29.36 7.50 13.37
CA PRO H 248 -30.54 8.33 13.57
C PRO H 248 -31.47 8.46 12.36
N GLU H 249 -30.93 8.64 11.17
CA GLU H 249 -31.73 8.76 9.97
C GLU H 249 -32.50 7.49 9.68
N GLU H 250 -31.82 6.35 9.75
CA GLU H 250 -32.45 5.07 9.51
C GLU H 250 -33.51 4.79 10.57
N PHE H 251 -33.21 5.13 11.81
CA PHE H 251 -34.14 4.90 12.90
C PHE H 251 -35.40 5.73 12.70
N ALA H 252 -35.22 7.01 12.47
CA ALA H 252 -36.33 7.93 12.26
C ALA H 252 -37.19 7.45 11.11
N LYS H 253 -36.55 7.07 10.02
CA LYS H 253 -37.27 6.58 8.87
C LYS H 253 -38.14 5.39 9.25
N TYR H 254 -37.60 4.49 10.06
CA TYR H 254 -38.34 3.31 10.48
C TYR H 254 -39.56 3.67 11.31
N VAL H 255 -39.35 4.50 12.33
CA VAL H 255 -40.43 4.92 13.19
C VAL H 255 -41.52 5.63 12.40
N VAL H 256 -41.13 6.49 11.48
CA VAL H 256 -42.07 7.24 10.68
C VAL H 256 -42.90 6.33 9.78
N GLU H 257 -42.22 5.47 9.02
CA GLU H 257 -42.93 4.59 8.11
C GLU H 257 -43.80 3.56 8.82
N THR H 258 -43.29 2.99 9.89
CA THR H 258 -44.04 2.00 10.62
C THR H 258 -45.31 2.59 11.20
N SER H 259 -45.19 3.74 11.85
CA SER H 259 -46.33 4.42 12.45
C SER H 259 -47.30 4.93 11.41
N ARG H 260 -46.75 5.44 10.32
CA ARG H 260 -47.50 6.00 9.21
C ARG H 260 -48.53 5.03 8.66
N LYS H 261 -48.11 3.78 8.49
CA LYS H 261 -48.98 2.75 7.94
C LYS H 261 -50.17 2.38 8.81
N TYR H 262 -50.19 2.84 10.04
CA TYR H 262 -51.30 2.53 10.93
C TYR H 262 -52.19 3.75 11.14
N LEU H 263 -51.94 4.79 10.36
CA LEU H 263 -52.73 6.00 10.46
C LEU H 263 -53.98 5.83 9.60
C1 PEG I . 29.06 -4.08 -26.37
O1 PEG I . 27.66 -4.24 -26.20
C2 PEG I . 29.37 -2.60 -26.56
O2 PEG I . 30.70 -2.38 -27.01
C3 PEG I . 30.79 -1.05 -27.51
C4 PEG I . 31.92 -0.93 -28.52
O4 PEG I . 31.90 0.38 -29.09
#